data_1H2U
#
_entry.id   1H2U
#
_cell.length_a   111.838
_cell.length_b   125.720
_cell.length_c   188.756
_cell.angle_alpha   90.00
_cell.angle_beta   90.00
_cell.angle_gamma   90.00
#
_symmetry.space_group_name_H-M   'P 21 21 21'
#
loop_
_entity.id
_entity.type
_entity.pdbx_description
1 polymer '80 KDA NUCLEAR CAP BINDING PROTEIN'
2 polymer '20 KDA NUCLEAR CAP BINDING PROTEIN'
3 non-polymer "GUANOSINE-5'-DIPHOSPHATE"
4 non-polymer "7N-METHYL-8-HYDROGUANOSINE-5'-MONOPHOSPHATE"
5 water water
#
loop_
_entity_poly.entity_id
_entity_poly.type
_entity_poly.pdbx_seq_one_letter_code
_entity_poly.pdbx_strand_id
1 'polypeptide(L)'
;KTSDANETEDHLESLICKVGEKSACSLESNLEGLAGVLEADLPNYKSKILRLLCTVARLLPEKLTIYTTLVGLLNARNYN
FGGEFVEAMIRQLKESLKANNYNEAVYLVRFLSDLVNCHVIAAPSMVAMFENFVSVTQEEDVPQVRRDWYVYAFLSSLPW
VGKELYEKKDAEMDRIFANTESYLKRRQKTHVPMLQVWTADKPHPQEEYLDCLWAQIQKLKKDRWQERHILRPYLAFDSI
LCEALQHNLPPFTPPPHTEDSVYPMPRVIFRMFDYTDDPEGPVMPGSHSVERFVIEENLHCIIKSHWKERKTCAAQLVSY
PGKNKIPLNYHIVEVIFAELFQLPAPPHIDVMYTTLLIELCKLQPGSLPQVLAQATEMLYMRLDTMNTTCVDRFINWFSH
HLSNFQFRWSWEDWSDCLSQDPESPKPKFVREVLEKCMRLSYHQRILDIVPPTFSALCPSNPTCIYKYGDESSNSLPGHS
VALCLAVAFKSKATNDEIFSILKDVPNPNQDDDDDEGFSFNPLKIEVFVQTLLHLAAKSFSHSFSALAKFHEVFKTLAES
DEGKLHVLRVMFEVWRNHPQMIAVLVDKMIRTQIVDCAAVANWIFSSELSRDFTRLFVWEILHSTIRKMNKHVGAQSEQK
NLFLVIFQRFIMILTEHLVRCETDGTSVLTPWYKNCIERLQQIFLQHHQIIQQYMVTLENLLFTAELDPHILAVFQQFCA
LQA
;
A,B
2 'polypeptide(L)'
;MSGGLLKALRSDSYVELSQYRDQHFRGDNEEQEKLLKKSCTLYVGNLSFYTTEEQIYELFSKSGDIKKIIMGLDKMKKTA
CGFCFVEYYSRADAENAMRYINGTRLDDRIIRTDWDAGFKEGRQYGRGRSGGQVRDEYRQDYDAGRGGYGKLAQNQ
;
X,Y
#
loop_
_chem_comp.id
_chem_comp.type
_chem_comp.name
_chem_comp.formula
7MG RNA linking 7N-METHYL-8-HYDROGUANOSINE-5'-MONOPHOSPHATE 'C11 H18 N5 O8 P'
GDP RNA linking GUANOSINE-5'-DIPHOSPHATE 'C10 H15 N5 O11 P2'
#
# COMPACT_ATOMS: atom_id res chain seq x y z
N GLU A 7 -46.35 -0.02 -21.85
CA GLU A 7 -44.92 0.34 -21.65
C GLU A 7 -44.00 -0.81 -22.07
N THR A 8 -42.77 -0.48 -22.42
CA THR A 8 -41.80 -1.48 -22.85
C THR A 8 -41.51 -2.50 -21.75
N GLU A 9 -41.49 -3.77 -22.12
CA GLU A 9 -41.22 -4.85 -21.18
C GLU A 9 -39.82 -4.70 -20.60
N ASP A 10 -38.96 -3.97 -21.33
CA ASP A 10 -37.60 -3.74 -20.89
C ASP A 10 -37.60 -2.94 -19.60
N HIS A 11 -38.51 -1.99 -19.49
CA HIS A 11 -38.60 -1.16 -18.29
C HIS A 11 -39.06 -2.01 -17.12
N LEU A 12 -40.03 -2.89 -17.39
CA LEU A 12 -40.57 -3.76 -16.36
C LEU A 12 -39.44 -4.64 -15.79
N GLU A 13 -38.65 -5.23 -16.68
CA GLU A 13 -37.54 -6.09 -16.26
C GLU A 13 -36.53 -5.31 -15.42
N SER A 14 -36.19 -4.11 -15.87
CA SER A 14 -35.24 -3.26 -15.15
C SER A 14 -35.71 -2.99 -13.72
N LEU A 15 -37.00 -2.71 -13.55
CA LEU A 15 -37.58 -2.42 -12.23
C LEU A 15 -37.43 -3.60 -11.29
N ILE A 16 -37.77 -4.79 -11.78
CA ILE A 16 -37.68 -6.01 -10.99
C ILE A 16 -36.23 -6.41 -10.71
N CYS A 17 -35.35 -6.22 -11.69
CA CYS A 17 -33.94 -6.57 -11.49
C CYS A 17 -33.23 -5.63 -10.53
N LYS A 18 -33.57 -4.34 -10.60
CA LYS A 18 -32.91 -3.35 -9.76
C LYS A 18 -33.43 -3.18 -8.34
N VAL A 19 -34.68 -3.57 -8.09
CA VAL A 19 -35.22 -3.40 -6.75
C VAL A 19 -34.31 -4.08 -5.72
N GLY A 20 -34.08 -3.40 -4.60
CA GLY A 20 -33.23 -3.95 -3.56
C GLY A 20 -31.80 -3.44 -3.62
N GLU A 21 -31.43 -2.83 -4.74
CA GLU A 21 -30.08 -2.29 -4.90
C GLU A 21 -29.95 -0.96 -4.19
N LYS A 22 -28.77 -0.36 -4.32
CA LYS A 22 -28.47 0.94 -3.72
C LYS A 22 -29.55 1.97 -4.04
N SER A 23 -30.22 2.47 -3.00
CA SER A 23 -31.27 3.46 -3.20
C SER A 23 -31.38 4.40 -2.00
N ALA A 24 -31.79 5.63 -2.28
CA ALA A 24 -31.95 6.65 -1.23
C ALA A 24 -33.13 6.29 -0.32
N CYS A 25 -34.15 5.67 -0.90
CA CYS A 25 -35.33 5.27 -0.14
C CYS A 25 -35.09 3.92 0.50
N SER A 26 -35.94 3.56 1.46
CA SER A 26 -35.80 2.28 2.16
C SER A 26 -36.21 1.12 1.25
N LEU A 27 -35.72 -0.06 1.57
CA LEU A 27 -36.05 -1.25 0.78
C LEU A 27 -37.57 -1.48 0.83
N GLU A 28 -38.12 -1.35 2.03
CA GLU A 28 -39.56 -1.53 2.24
C GLU A 28 -40.36 -0.61 1.33
N SER A 29 -39.96 0.66 1.30
CA SER A 29 -40.62 1.67 0.49
C SER A 29 -40.57 1.28 -0.99
N ASN A 30 -39.39 0.90 -1.45
CA ASN A 30 -39.18 0.50 -2.84
C ASN A 30 -40.01 -0.75 -3.19
N LEU A 31 -40.11 -1.68 -2.25
CA LEU A 31 -40.89 -2.90 -2.47
C LEU A 31 -42.36 -2.56 -2.64
N GLU A 32 -42.87 -1.74 -1.73
CA GLU A 32 -44.27 -1.33 -1.79
C GLU A 32 -44.50 -0.58 -3.09
N GLY A 33 -43.55 0.28 -3.44
CA GLY A 33 -43.66 1.05 -4.67
C GLY A 33 -43.78 0.14 -5.87
N LEU A 34 -42.84 -0.80 -6.00
CA LEU A 34 -42.86 -1.73 -7.11
C LEU A 34 -44.12 -2.58 -7.11
N ALA A 35 -44.62 -2.88 -5.91
CA ALA A 35 -45.85 -3.67 -5.80
C ALA A 35 -46.96 -2.94 -6.54
N GLY A 36 -47.03 -1.62 -6.34
CA GLY A 36 -48.04 -0.82 -7.00
C GLY A 36 -47.90 -0.88 -8.51
N VAL A 37 -46.74 -0.46 -9.00
CA VAL A 37 -46.48 -0.47 -10.45
C VAL A 37 -46.84 -1.81 -11.07
N LEU A 38 -46.34 -2.89 -10.48
CA LEU A 38 -46.62 -4.22 -11.01
C LEU A 38 -48.11 -4.50 -11.08
N GLU A 39 -48.85 -4.02 -10.09
CA GLU A 39 -50.30 -4.26 -10.06
C GLU A 39 -51.00 -3.55 -11.22
N ALA A 40 -50.74 -2.25 -11.37
CA ALA A 40 -51.35 -1.45 -12.43
C ALA A 40 -51.08 -1.99 -13.84
N ASP A 41 -49.92 -2.60 -14.05
CA ASP A 41 -49.57 -3.14 -15.36
C ASP A 41 -50.00 -4.58 -15.54
N LEU A 42 -50.82 -5.08 -14.62
CA LEU A 42 -51.30 -6.47 -14.69
C LEU A 42 -52.25 -6.77 -15.84
N PRO A 43 -53.21 -5.87 -16.10
CA PRO A 43 -54.17 -6.10 -17.19
C PRO A 43 -53.55 -6.26 -18.57
N ASN A 44 -52.37 -5.68 -18.77
CA ASN A 44 -51.73 -5.76 -20.07
C ASN A 44 -50.40 -6.54 -20.11
N TYR A 45 -49.76 -6.72 -18.96
CA TYR A 45 -48.49 -7.42 -18.93
C TYR A 45 -48.35 -8.53 -17.89
N LYS A 46 -49.47 -9.09 -17.45
CA LYS A 46 -49.46 -10.16 -16.45
C LYS A 46 -48.59 -11.34 -16.87
N SER A 47 -48.66 -11.69 -18.16
CA SER A 47 -47.88 -12.79 -18.69
C SER A 47 -46.39 -12.52 -18.54
N LYS A 48 -45.94 -11.37 -19.01
CA LYS A 48 -44.53 -11.01 -18.91
C LYS A 48 -44.09 -10.96 -17.46
N ILE A 49 -44.90 -10.34 -16.61
CA ILE A 49 -44.57 -10.23 -15.20
C ILE A 49 -44.42 -11.60 -14.53
N LEU A 50 -45.26 -12.55 -14.90
CA LEU A 50 -45.17 -13.89 -14.33
C LEU A 50 -43.83 -14.51 -14.69
N ARG A 51 -43.45 -14.39 -15.96
CA ARG A 51 -42.19 -14.95 -16.42
C ARG A 51 -40.99 -14.32 -15.71
N LEU A 52 -41.00 -12.98 -15.59
CA LEU A 52 -39.90 -12.27 -14.93
C LEU A 52 -39.70 -12.66 -13.47
N LEU A 53 -40.79 -12.75 -12.72
CA LEU A 53 -40.70 -13.11 -11.31
C LEU A 53 -40.21 -14.54 -11.16
N CYS A 54 -40.64 -15.41 -12.07
CA CYS A 54 -40.19 -16.80 -12.03
C CYS A 54 -38.71 -16.86 -12.40
N THR A 55 -38.28 -15.95 -13.28
CA THR A 55 -36.89 -15.91 -13.71
C THR A 55 -35.94 -15.50 -12.59
N VAL A 56 -36.22 -14.40 -11.91
CA VAL A 56 -35.34 -13.96 -10.83
C VAL A 56 -35.37 -14.96 -9.68
N ALA A 57 -36.48 -15.68 -9.53
CA ALA A 57 -36.60 -16.66 -8.46
C ALA A 57 -35.58 -17.78 -8.65
N ARG A 58 -35.26 -18.09 -9.91
CA ARG A 58 -34.32 -19.17 -10.15
C ARG A 58 -32.90 -18.73 -10.53
N LEU A 59 -32.74 -17.44 -10.86
CA LEU A 59 -31.43 -16.92 -11.24
C LEU A 59 -30.81 -15.94 -10.25
N LEU A 60 -31.61 -15.45 -9.31
CA LEU A 60 -31.08 -14.51 -8.33
C LEU A 60 -31.33 -14.97 -6.90
N PRO A 61 -30.89 -16.19 -6.54
CA PRO A 61 -31.07 -16.75 -5.19
C PRO A 61 -30.54 -15.87 -4.05
N GLU A 62 -29.42 -15.20 -4.30
CA GLU A 62 -28.81 -14.33 -3.29
C GLU A 62 -29.77 -13.21 -2.87
N LYS A 63 -30.80 -12.97 -3.68
CA LYS A 63 -31.79 -11.94 -3.37
C LYS A 63 -33.16 -12.57 -3.07
N LEU A 64 -33.15 -13.84 -2.68
CA LEU A 64 -34.36 -14.61 -2.37
C LEU A 64 -35.47 -13.88 -1.59
N THR A 65 -35.18 -13.51 -0.34
CA THR A 65 -36.16 -12.85 0.50
C THR A 65 -36.64 -11.50 -0.03
N ILE A 66 -35.87 -10.88 -0.91
CA ILE A 66 -36.30 -9.60 -1.47
C ILE A 66 -37.51 -9.86 -2.37
N TYR A 67 -37.40 -10.88 -3.22
CA TYR A 67 -38.47 -11.21 -4.16
C TYR A 67 -39.66 -11.98 -3.61
N THR A 68 -39.48 -12.75 -2.54
CA THR A 68 -40.62 -13.46 -1.97
C THR A 68 -41.53 -12.41 -1.34
N THR A 69 -40.90 -11.42 -0.69
CA THR A 69 -41.64 -10.34 -0.06
C THR A 69 -42.48 -9.63 -1.13
N LEU A 70 -41.85 -9.29 -2.25
CA LEU A 70 -42.56 -8.64 -3.34
C LEU A 70 -43.76 -9.47 -3.77
N VAL A 71 -43.52 -10.75 -4.03
CA VAL A 71 -44.58 -11.65 -4.43
C VAL A 71 -45.63 -11.73 -3.34
N GLY A 72 -45.21 -11.63 -2.09
CA GLY A 72 -46.16 -11.67 -0.99
C GLY A 72 -47.11 -10.50 -1.06
N LEU A 73 -46.57 -9.29 -1.18
CA LEU A 73 -47.36 -8.08 -1.24
C LEU A 73 -48.35 -8.13 -2.41
N LEU A 74 -47.93 -8.72 -3.51
CA LEU A 74 -48.79 -8.83 -4.69
C LEU A 74 -49.95 -9.80 -4.46
N ASN A 75 -49.68 -10.90 -3.76
CA ASN A 75 -50.70 -11.89 -3.49
C ASN A 75 -51.79 -11.24 -2.64
N ALA A 76 -51.37 -10.43 -1.69
CA ALA A 76 -52.28 -9.74 -0.79
C ALA A 76 -53.20 -8.80 -1.58
N ARG A 77 -52.68 -8.23 -2.66
CA ARG A 77 -53.45 -7.31 -3.50
C ARG A 77 -54.28 -8.04 -4.53
N ASN A 78 -53.74 -9.16 -5.03
CA ASN A 78 -54.43 -9.92 -6.06
C ASN A 78 -54.20 -11.41 -5.85
N TYR A 79 -55.09 -12.03 -5.07
CA TYR A 79 -55.02 -13.44 -4.77
C TYR A 79 -54.87 -14.31 -6.01
N ASN A 80 -55.64 -14.03 -7.05
CA ASN A 80 -55.57 -14.83 -8.28
C ASN A 80 -54.22 -14.73 -8.96
N PHE A 81 -53.56 -13.59 -8.83
CA PHE A 81 -52.23 -13.44 -9.43
C PHE A 81 -51.27 -14.34 -8.66
N GLY A 82 -51.35 -14.29 -7.34
CA GLY A 82 -50.49 -15.11 -6.53
C GLY A 82 -50.64 -16.57 -6.91
N GLY A 83 -51.87 -16.98 -7.16
CA GLY A 83 -52.14 -18.36 -7.53
C GLY A 83 -51.47 -18.78 -8.82
N GLU A 84 -51.52 -17.91 -9.82
CA GLU A 84 -50.92 -18.22 -11.10
C GLU A 84 -49.38 -18.19 -11.02
N PHE A 85 -48.85 -17.45 -10.05
CA PHE A 85 -47.40 -17.39 -9.90
C PHE A 85 -46.91 -18.72 -9.35
N VAL A 86 -47.56 -19.19 -8.30
CA VAL A 86 -47.18 -20.47 -7.69
C VAL A 86 -47.31 -21.57 -8.74
N GLU A 87 -48.41 -21.59 -9.47
CA GLU A 87 -48.62 -22.60 -10.50
C GLU A 87 -47.49 -22.57 -11.51
N ALA A 88 -47.07 -21.36 -11.89
CA ALA A 88 -45.97 -21.18 -12.84
C ALA A 88 -44.68 -21.72 -12.24
N MET A 89 -44.46 -21.44 -10.95
CA MET A 89 -43.28 -21.89 -10.23
C MET A 89 -43.18 -23.41 -10.23
N ILE A 90 -44.30 -24.08 -9.96
CA ILE A 90 -44.31 -25.54 -9.93
C ILE A 90 -44.00 -26.09 -11.32
N ARG A 91 -44.51 -25.44 -12.35
CA ARG A 91 -44.23 -25.90 -13.72
C ARG A 91 -42.74 -25.76 -14.00
N GLN A 92 -42.17 -24.64 -13.57
CA GLN A 92 -40.75 -24.39 -13.77
C GLN A 92 -39.90 -25.42 -13.02
N LEU A 93 -40.32 -25.76 -11.81
CA LEU A 93 -39.60 -26.73 -10.99
C LEU A 93 -39.53 -28.07 -11.70
N LYS A 94 -40.69 -28.54 -12.17
CA LYS A 94 -40.73 -29.81 -12.89
C LYS A 94 -39.89 -29.69 -14.15
N GLU A 95 -40.08 -28.60 -14.87
CA GLU A 95 -39.34 -28.36 -16.11
C GLU A 95 -37.83 -28.38 -15.85
N SER A 96 -37.40 -27.84 -14.71
CA SER A 96 -35.98 -27.81 -14.36
C SER A 96 -35.47 -29.19 -13.98
N LEU A 97 -36.26 -29.92 -13.20
CA LEU A 97 -35.87 -31.26 -12.78
C LEU A 97 -35.76 -32.14 -14.04
N LYS A 98 -36.73 -31.96 -14.93
CA LYS A 98 -36.78 -32.69 -16.18
C LYS A 98 -35.49 -32.52 -16.99
N ALA A 99 -34.91 -31.33 -16.95
CA ALA A 99 -33.70 -31.03 -17.71
C ALA A 99 -32.38 -31.23 -16.95
N ASN A 100 -32.44 -31.91 -15.82
CA ASN A 100 -31.25 -32.16 -15.00
C ASN A 100 -30.61 -30.89 -14.44
N ASN A 101 -31.40 -29.84 -14.23
CA ASN A 101 -30.88 -28.61 -13.67
C ASN A 101 -31.27 -28.57 -12.20
N TYR A 102 -30.68 -29.49 -11.44
CA TYR A 102 -30.96 -29.62 -10.02
C TYR A 102 -30.49 -28.48 -9.16
N ASN A 103 -29.39 -27.83 -9.54
CA ASN A 103 -28.89 -26.72 -8.75
C ASN A 103 -29.87 -25.56 -8.84
N GLU A 104 -30.41 -25.35 -10.02
CA GLU A 104 -31.38 -24.29 -10.27
C GLU A 104 -32.68 -24.60 -9.52
N ALA A 105 -33.06 -25.87 -9.54
CA ALA A 105 -34.27 -26.34 -8.89
C ALA A 105 -34.28 -26.05 -7.40
N VAL A 106 -33.14 -26.24 -6.75
CA VAL A 106 -33.04 -25.98 -5.31
C VAL A 106 -33.46 -24.56 -4.96
N TYR A 107 -33.09 -23.58 -5.80
CA TYR A 107 -33.44 -22.20 -5.54
C TYR A 107 -34.95 -22.03 -5.63
N LEU A 108 -35.56 -22.71 -6.60
CA LEU A 108 -37.00 -22.64 -6.78
C LEU A 108 -37.66 -23.22 -5.53
N VAL A 109 -37.07 -24.28 -4.99
CA VAL A 109 -37.60 -24.95 -3.79
C VAL A 109 -37.48 -24.04 -2.57
N ARG A 110 -36.39 -23.30 -2.46
CA ARG A 110 -36.23 -22.41 -1.33
C ARG A 110 -37.17 -21.24 -1.48
N PHE A 111 -37.46 -20.88 -2.73
CA PHE A 111 -38.34 -19.77 -3.01
C PHE A 111 -39.76 -20.13 -2.57
N LEU A 112 -40.21 -21.33 -2.92
CA LEU A 112 -41.54 -21.75 -2.52
C LEU A 112 -41.58 -21.79 -0.99
N SER A 113 -40.53 -22.35 -0.39
CA SER A 113 -40.45 -22.44 1.06
C SER A 113 -40.63 -21.07 1.74
N ASP A 114 -39.79 -20.12 1.37
CA ASP A 114 -39.84 -18.79 1.98
C ASP A 114 -41.17 -18.10 1.71
N LEU A 115 -41.84 -18.49 0.62
CA LEU A 115 -43.13 -17.90 0.29
C LEU A 115 -44.15 -18.20 1.40
N VAL A 116 -43.84 -19.18 2.24
CA VAL A 116 -44.73 -19.53 3.34
C VAL A 116 -44.68 -18.42 4.40
N ASN A 117 -43.49 -17.87 4.63
CA ASN A 117 -43.33 -16.80 5.61
C ASN A 117 -44.02 -15.54 5.09
N CYS A 118 -44.30 -15.52 3.78
CA CYS A 118 -44.95 -14.38 3.15
C CYS A 118 -46.45 -14.61 3.02
N HIS A 119 -46.94 -15.64 3.69
CA HIS A 119 -48.37 -15.96 3.67
C HIS A 119 -48.91 -16.11 2.25
N VAL A 120 -48.11 -16.71 1.38
CA VAL A 120 -48.50 -16.93 -0.01
C VAL A 120 -48.80 -18.42 -0.22
N ILE A 121 -48.18 -19.25 0.60
CA ILE A 121 -48.36 -20.69 0.52
C ILE A 121 -48.61 -21.23 1.92
N ALA A 122 -49.67 -22.02 2.06
CA ALA A 122 -50.02 -22.61 3.35
C ALA A 122 -48.95 -23.61 3.77
N ALA A 123 -48.47 -23.46 5.01
CA ALA A 123 -47.45 -24.35 5.55
C ALA A 123 -47.71 -25.83 5.27
N PRO A 124 -48.92 -26.33 5.59
CA PRO A 124 -49.25 -27.73 5.37
C PRO A 124 -48.88 -28.25 3.98
N SER A 125 -49.03 -27.40 2.98
CA SER A 125 -48.70 -27.77 1.61
C SER A 125 -47.20 -28.04 1.46
N MET A 126 -46.39 -27.22 2.12
CA MET A 126 -44.94 -27.39 2.05
C MET A 126 -44.51 -28.63 2.81
N VAL A 127 -45.09 -28.84 3.98
CA VAL A 127 -44.72 -29.99 4.79
C VAL A 127 -45.00 -31.27 4.00
N ALA A 128 -46.10 -31.28 3.26
CA ALA A 128 -46.46 -32.45 2.46
C ALA A 128 -45.47 -32.65 1.31
N MET A 129 -45.14 -31.58 0.61
CA MET A 129 -44.22 -31.67 -0.50
C MET A 129 -42.88 -32.20 -0.01
N PHE A 130 -42.47 -31.79 1.19
CA PHE A 130 -41.20 -32.26 1.73
C PHE A 130 -41.28 -33.72 2.12
N GLU A 131 -42.48 -34.19 2.48
CA GLU A 131 -42.64 -35.60 2.83
C GLU A 131 -42.40 -36.43 1.58
N ASN A 132 -42.91 -35.94 0.44
CA ASN A 132 -42.71 -36.65 -0.82
C ASN A 132 -41.23 -36.56 -1.23
N PHE A 133 -40.54 -35.52 -0.76
CA PHE A 133 -39.14 -35.34 -1.07
C PHE A 133 -38.32 -36.39 -0.32
N VAL A 134 -38.48 -36.44 0.99
CA VAL A 134 -37.76 -37.40 1.83
C VAL A 134 -38.16 -38.83 1.46
N SER A 135 -39.36 -38.96 0.91
CA SER A 135 -39.87 -40.25 0.51
C SER A 135 -39.03 -40.86 -0.61
N VAL A 136 -38.30 -40.02 -1.32
CA VAL A 136 -37.47 -40.48 -2.42
C VAL A 136 -36.34 -41.39 -1.89
N THR A 137 -35.95 -41.20 -0.64
CA THR A 137 -34.89 -42.01 -0.05
C THR A 137 -35.33 -43.46 0.11
N GLN A 138 -36.62 -43.70 -0.11
CA GLN A 138 -37.18 -45.05 0.02
C GLN A 138 -37.39 -45.75 -1.33
N GLU A 139 -37.13 -45.03 -2.42
CA GLU A 139 -37.27 -45.61 -3.75
C GLU A 139 -36.23 -46.72 -3.89
N GLU A 140 -36.53 -47.71 -4.71
CA GLU A 140 -35.60 -48.81 -4.90
C GLU A 140 -34.87 -48.67 -6.22
N ASP A 141 -33.65 -49.19 -6.26
CA ASP A 141 -32.83 -49.16 -7.45
C ASP A 141 -32.65 -47.77 -8.08
N VAL A 142 -32.14 -46.82 -7.29
CA VAL A 142 -31.89 -45.48 -7.79
C VAL A 142 -30.58 -45.02 -7.18
N PRO A 143 -29.85 -44.12 -7.85
CA PRO A 143 -28.57 -43.61 -7.38
C PRO A 143 -28.66 -42.91 -6.02
N GLN A 144 -27.62 -43.05 -5.21
CA GLN A 144 -27.61 -42.40 -3.90
C GLN A 144 -27.61 -40.89 -4.12
N VAL A 145 -27.06 -40.45 -5.25
CA VAL A 145 -27.01 -39.03 -5.53
C VAL A 145 -28.39 -38.46 -5.84
N ARG A 146 -29.34 -39.33 -6.14
CA ARG A 146 -30.71 -38.90 -6.39
C ARG A 146 -31.37 -38.64 -5.04
N ARG A 147 -31.18 -39.59 -4.11
CA ARG A 147 -31.76 -39.45 -2.79
C ARG A 147 -31.14 -38.23 -2.11
N ASP A 148 -29.83 -38.10 -2.26
CA ASP A 148 -29.12 -36.98 -1.67
C ASP A 148 -29.70 -35.63 -2.05
N TRP A 149 -29.93 -35.42 -3.35
CA TRP A 149 -30.43 -34.14 -3.79
C TRP A 149 -31.76 -33.74 -3.18
N TYR A 150 -32.71 -34.67 -3.14
CA TYR A 150 -34.01 -34.36 -2.57
C TYR A 150 -33.91 -34.03 -1.09
N VAL A 151 -33.00 -34.72 -0.39
CA VAL A 151 -32.79 -34.47 1.04
C VAL A 151 -32.15 -33.09 1.21
N TYR A 152 -31.16 -32.81 0.38
CA TYR A 152 -30.46 -31.54 0.43
C TYR A 152 -31.42 -30.39 0.16
N ALA A 153 -32.28 -30.55 -0.85
CA ALA A 153 -33.24 -29.51 -1.23
C ALA A 153 -34.20 -29.26 -0.06
N PHE A 154 -34.41 -30.30 0.74
CA PHE A 154 -35.29 -30.18 1.90
C PHE A 154 -34.57 -29.49 3.06
N LEU A 155 -33.46 -30.07 3.50
CA LEU A 155 -32.70 -29.52 4.62
C LEU A 155 -32.19 -28.10 4.40
N SER A 156 -31.80 -27.78 3.17
CA SER A 156 -31.28 -26.43 2.89
C SER A 156 -32.37 -25.39 2.74
N SER A 157 -33.63 -25.79 2.99
CA SER A 157 -34.75 -24.86 2.91
C SER A 157 -35.16 -24.45 4.34
N LEU A 158 -34.78 -25.29 5.29
CA LEU A 158 -35.09 -25.08 6.71
C LEU A 158 -34.64 -23.76 7.33
N PRO A 159 -33.47 -23.25 6.94
CA PRO A 159 -33.04 -21.98 7.56
C PRO A 159 -34.07 -20.86 7.32
N TRP A 160 -34.87 -21.01 6.27
CA TRP A 160 -35.87 -20.02 5.91
C TRP A 160 -37.28 -20.32 6.45
N VAL A 161 -37.76 -21.53 6.23
CA VAL A 161 -39.10 -21.90 6.63
C VAL A 161 -39.19 -22.94 7.76
N GLY A 162 -38.03 -23.34 8.29
CA GLY A 162 -38.00 -24.33 9.35
C GLY A 162 -38.85 -23.98 10.58
N LYS A 163 -38.72 -22.75 11.06
CA LYS A 163 -39.48 -22.31 12.22
C LYS A 163 -40.98 -22.43 12.03
N GLU A 164 -41.49 -21.86 10.95
CA GLU A 164 -42.92 -21.88 10.65
C GLU A 164 -43.48 -23.30 10.48
N LEU A 165 -42.76 -24.15 9.76
CA LEU A 165 -43.23 -25.50 9.54
C LEU A 165 -43.31 -26.28 10.84
N TYR A 166 -42.28 -26.15 11.68
CA TYR A 166 -42.27 -26.86 12.94
C TYR A 166 -43.40 -26.36 13.85
N GLU A 167 -43.76 -25.10 13.70
CA GLU A 167 -44.83 -24.51 14.51
C GLU A 167 -46.22 -24.98 14.13
N LYS A 168 -46.43 -25.28 12.85
CA LYS A 168 -47.74 -25.71 12.37
C LYS A 168 -47.94 -27.22 12.28
N LYS A 169 -46.84 -27.96 12.20
CA LYS A 169 -46.90 -29.41 12.09
C LYS A 169 -45.71 -30.11 12.72
N ASP A 170 -45.46 -29.84 14.00
CA ASP A 170 -44.32 -30.45 14.69
C ASP A 170 -44.30 -31.98 14.67
N ALA A 171 -45.47 -32.62 14.69
CA ALA A 171 -45.52 -34.07 14.67
C ALA A 171 -45.10 -34.59 13.30
N GLU A 172 -45.65 -33.96 12.26
CA GLU A 172 -45.33 -34.32 10.89
C GLU A 172 -43.82 -34.19 10.68
N MET A 173 -43.28 -33.03 11.03
CA MET A 173 -41.86 -32.73 10.88
C MET A 173 -40.96 -33.68 11.66
N ASP A 174 -41.37 -34.05 12.86
CA ASP A 174 -40.59 -34.98 13.66
C ASP A 174 -40.52 -36.31 12.93
N ARG A 175 -41.58 -36.61 12.19
CA ARG A 175 -41.67 -37.84 11.43
C ARG A 175 -40.68 -37.76 10.26
N ILE A 176 -40.73 -36.66 9.52
CA ILE A 176 -39.82 -36.48 8.38
C ILE A 176 -38.36 -36.50 8.82
N PHE A 177 -38.08 -35.86 9.95
CA PHE A 177 -36.73 -35.83 10.47
C PHE A 177 -36.22 -37.23 10.78
N ALA A 178 -37.04 -38.02 11.46
CA ALA A 178 -36.66 -39.38 11.82
C ALA A 178 -36.24 -40.18 10.59
N ASN A 179 -37.02 -40.05 9.53
CA ASN A 179 -36.74 -40.75 8.27
C ASN A 179 -35.48 -40.22 7.63
N THR A 180 -35.29 -38.92 7.70
CA THR A 180 -34.11 -38.29 7.14
C THR A 180 -32.86 -38.78 7.87
N GLU A 181 -32.92 -38.84 9.19
CA GLU A 181 -31.78 -39.28 9.97
C GLU A 181 -31.43 -40.73 9.72
N SER A 182 -32.43 -41.60 9.66
CA SER A 182 -32.13 -43.00 9.41
C SER A 182 -31.49 -43.14 8.04
N TYR A 183 -31.91 -42.31 7.08
CA TYR A 183 -31.32 -42.38 5.75
C TYR A 183 -29.86 -41.92 5.76
N LEU A 184 -29.59 -40.81 6.45
CA LEU A 184 -28.22 -40.30 6.51
C LEU A 184 -27.30 -41.25 7.26
N LYS A 185 -27.88 -42.12 8.08
CA LYS A 185 -27.07 -43.08 8.83
C LYS A 185 -26.63 -44.26 7.96
N ARG A 186 -27.41 -44.62 6.95
CA ARG A 186 -27.03 -45.74 6.09
C ARG A 186 -26.29 -45.33 4.81
N ARG A 187 -26.22 -44.03 4.53
CA ARG A 187 -25.54 -43.55 3.34
C ARG A 187 -24.11 -44.08 3.18
N GLN A 188 -23.72 -44.25 1.93
CA GLN A 188 -22.39 -44.72 1.55
C GLN A 188 -21.48 -43.49 1.62
N LYS A 189 -20.27 -43.62 2.18
CA LYS A 189 -19.35 -42.49 2.29
C LYS A 189 -18.04 -42.74 1.55
N THR A 190 -18.09 -43.64 0.56
CA THR A 190 -16.93 -44.00 -0.23
C THR A 190 -16.25 -42.83 -0.96
N HIS A 191 -17.05 -41.87 -1.40
CA HIS A 191 -16.55 -40.71 -2.13
C HIS A 191 -15.73 -39.71 -1.32
N VAL A 192 -15.94 -39.65 -0.01
CA VAL A 192 -15.25 -38.67 0.82
C VAL A 192 -13.72 -38.54 0.71
N PRO A 193 -12.98 -39.66 0.77
CA PRO A 193 -11.51 -39.54 0.67
C PRO A 193 -11.04 -38.86 -0.63
N MET A 194 -11.85 -38.98 -1.67
CA MET A 194 -11.50 -38.40 -2.95
C MET A 194 -11.85 -36.92 -3.09
N LEU A 195 -12.66 -36.40 -2.19
CA LEU A 195 -13.06 -35.00 -2.29
C LEU A 195 -12.49 -34.10 -1.21
N GLN A 196 -11.82 -34.68 -0.22
CA GLN A 196 -11.25 -33.86 0.84
C GLN A 196 -9.99 -33.11 0.40
N VAL A 197 -9.91 -31.86 0.81
CA VAL A 197 -8.75 -31.03 0.49
C VAL A 197 -7.62 -31.42 1.43
N TRP A 198 -7.99 -31.85 2.64
CA TRP A 198 -7.04 -32.30 3.67
C TRP A 198 -7.59 -33.59 4.26
N THR A 199 -6.72 -34.55 4.57
CA THR A 199 -7.19 -35.80 5.16
C THR A 199 -7.14 -35.66 6.68
N ALA A 200 -6.35 -34.71 7.15
CA ALA A 200 -6.23 -34.47 8.59
C ALA A 200 -7.56 -33.91 9.12
N ASP A 201 -7.93 -34.29 10.33
CA ASP A 201 -9.17 -33.78 10.91
C ASP A 201 -8.86 -32.74 11.96
N LYS A 202 -7.64 -32.23 11.90
CA LYS A 202 -7.16 -31.21 12.83
C LYS A 202 -6.37 -30.19 12.03
N PRO A 203 -6.62 -28.88 12.24
CA PRO A 203 -7.58 -28.28 13.17
C PRO A 203 -9.05 -28.30 12.75
N HIS A 204 -9.32 -28.44 11.45
CA HIS A 204 -10.70 -28.46 10.97
C HIS A 204 -11.01 -29.69 10.15
N PRO A 205 -12.00 -30.48 10.59
CA PRO A 205 -12.33 -31.67 9.81
C PRO A 205 -13.06 -31.20 8.54
N GLN A 206 -12.73 -31.81 7.41
CA GLN A 206 -13.38 -31.46 6.16
C GLN A 206 -14.55 -32.45 6.09
N GLU A 207 -15.75 -31.97 6.38
CA GLU A 207 -16.95 -32.81 6.44
C GLU A 207 -17.74 -33.03 5.14
N GLU A 208 -18.43 -34.16 5.10
CA GLU A 208 -19.28 -34.52 3.96
C GLU A 208 -20.44 -33.53 4.04
N TYR A 209 -20.84 -32.95 2.92
CA TYR A 209 -21.88 -31.92 2.94
C TYR A 209 -23.21 -32.24 3.62
N LEU A 210 -23.71 -33.46 3.48
CA LEU A 210 -24.97 -33.79 4.13
C LEU A 210 -24.84 -33.99 5.63
N ASP A 211 -23.72 -34.53 6.09
CA ASP A 211 -23.53 -34.72 7.53
C ASP A 211 -23.40 -33.35 8.21
N CYS A 212 -22.74 -32.43 7.50
CA CYS A 212 -22.53 -31.08 8.02
C CYS A 212 -23.85 -30.30 8.07
N LEU A 213 -24.59 -30.30 6.96
CA LEU A 213 -25.85 -29.56 6.92
C LEU A 213 -26.82 -30.09 7.98
N TRP A 214 -26.76 -31.39 8.23
CA TRP A 214 -27.63 -31.99 9.22
C TRP A 214 -27.26 -31.52 10.63
N ALA A 215 -25.97 -31.44 10.90
CA ALA A 215 -25.52 -30.98 12.21
C ALA A 215 -25.94 -29.52 12.39
N GLN A 216 -25.93 -28.75 11.30
CA GLN A 216 -26.31 -27.34 11.38
C GLN A 216 -27.80 -27.23 11.64
N ILE A 217 -28.60 -28.07 10.98
CA ILE A 217 -30.04 -28.03 11.17
C ILE A 217 -30.36 -28.42 12.60
N GLN A 218 -29.70 -29.47 13.10
CA GLN A 218 -29.91 -29.93 14.47
C GLN A 218 -29.74 -28.79 15.45
N LYS A 219 -28.66 -28.02 15.29
CA LYS A 219 -28.40 -26.90 16.17
C LYS A 219 -29.49 -25.85 16.03
N LEU A 220 -29.91 -25.59 14.80
CA LEU A 220 -30.96 -24.60 14.58
C LEU A 220 -32.22 -25.03 15.35
N LYS A 221 -32.57 -26.30 15.24
CA LYS A 221 -33.74 -26.84 15.91
C LYS A 221 -33.60 -26.69 17.42
N LYS A 222 -32.44 -27.04 17.94
CA LYS A 222 -32.19 -26.95 19.38
C LYS A 222 -32.33 -25.50 19.84
N ASP A 223 -32.03 -24.55 18.95
CA ASP A 223 -32.15 -23.14 19.29
C ASP A 223 -33.53 -22.64 18.93
N ARG A 224 -34.53 -23.51 19.07
CA ARG A 224 -35.91 -23.15 18.78
C ARG A 224 -36.08 -22.45 17.44
N TRP A 225 -35.32 -22.90 16.44
CA TRP A 225 -35.41 -22.34 15.09
C TRP A 225 -35.18 -20.84 14.98
N GLN A 226 -34.25 -20.34 15.80
CA GLN A 226 -33.91 -18.92 15.77
C GLN A 226 -32.53 -18.76 15.16
N GLU A 227 -32.45 -18.03 14.05
CA GLU A 227 -31.16 -17.78 13.42
C GLU A 227 -31.04 -16.28 13.23
N ARG A 228 -29.84 -15.74 13.45
CA ARG A 228 -29.65 -14.30 13.33
C ARG A 228 -28.83 -13.75 12.19
N HIS A 229 -29.15 -14.16 10.96
CA HIS A 229 -28.41 -13.64 9.80
C HIS A 229 -29.33 -13.24 8.65
N ILE A 230 -30.17 -14.17 8.22
CA ILE A 230 -31.06 -13.91 7.09
C ILE A 230 -31.88 -12.63 7.22
N LEU A 231 -31.87 -11.85 6.15
CA LEU A 231 -32.63 -10.62 6.12
C LEU A 231 -34.02 -10.99 5.63
N ARG A 232 -35.03 -10.59 6.39
CA ARG A 232 -36.41 -10.90 6.04
C ARG A 232 -37.26 -9.65 5.93
N PRO A 233 -37.28 -9.04 4.74
CA PRO A 233 -38.04 -7.81 4.44
C PRO A 233 -39.51 -7.92 4.83
N TYR A 234 -40.09 -9.10 4.61
CA TYR A 234 -41.50 -9.35 4.90
C TYR A 234 -41.96 -9.14 6.35
N LEU A 235 -41.04 -9.15 7.30
CA LEU A 235 -41.42 -8.95 8.69
C LEU A 235 -41.89 -7.53 8.95
N ALA A 236 -41.66 -6.66 7.98
CA ALA A 236 -42.06 -5.27 8.11
C ALA A 236 -43.44 -5.02 7.51
N PHE A 237 -44.03 -6.05 6.90
CA PHE A 237 -45.34 -5.93 6.30
C PHE A 237 -46.30 -6.91 6.96
N ASP A 238 -46.06 -7.16 8.24
CA ASP A 238 -46.89 -8.08 8.99
C ASP A 238 -48.37 -7.74 8.86
N SER A 239 -48.71 -6.48 9.08
CA SER A 239 -50.10 -6.04 8.99
C SER A 239 -50.74 -6.35 7.64
N ILE A 240 -49.98 -6.18 6.56
CA ILE A 240 -50.49 -6.43 5.22
C ILE A 240 -50.53 -7.92 4.85
N LEU A 241 -49.45 -8.62 5.14
CA LEU A 241 -49.35 -10.03 4.80
C LEU A 241 -50.11 -10.98 5.73
N CYS A 242 -50.17 -10.65 7.02
CA CYS A 242 -50.87 -11.50 7.97
C CYS A 242 -52.38 -11.53 7.75
N GLU A 243 -52.81 -11.00 6.62
CA GLU A 243 -54.24 -10.99 6.30
C GLU A 243 -54.51 -11.36 4.85
N ALA A 244 -53.54 -12.02 4.22
CA ALA A 244 -53.70 -12.43 2.83
C ALA A 244 -54.13 -13.89 2.78
N LEU A 245 -54.86 -14.25 1.73
CA LEU A 245 -55.31 -15.62 1.58
C LEU A 245 -54.16 -16.48 1.07
N GLN A 246 -53.86 -17.54 1.81
CA GLN A 246 -52.79 -18.44 1.47
C GLN A 246 -53.25 -19.54 0.51
N HIS A 247 -52.40 -19.88 -0.46
CA HIS A 247 -52.73 -20.91 -1.42
C HIS A 247 -52.31 -22.30 -0.95
N ASN A 248 -52.91 -23.32 -1.55
CA ASN A 248 -52.59 -24.70 -1.22
C ASN A 248 -51.91 -25.32 -2.43
N LEU A 249 -50.74 -25.92 -2.22
CA LEU A 249 -50.01 -26.54 -3.32
C LEU A 249 -50.60 -27.92 -3.61
N PRO A 250 -50.62 -28.30 -4.90
CA PRO A 250 -51.17 -29.62 -5.26
C PRO A 250 -50.19 -30.67 -4.76
N PRO A 251 -50.61 -31.95 -4.71
CA PRO A 251 -49.68 -32.98 -4.24
C PRO A 251 -48.51 -33.04 -5.22
N PHE A 252 -47.29 -32.93 -4.71
CA PHE A 252 -46.13 -32.98 -5.60
C PHE A 252 -45.51 -34.36 -5.71
N THR A 253 -45.42 -34.83 -6.95
CA THR A 253 -44.84 -36.12 -7.25
C THR A 253 -43.52 -35.89 -7.97
N PRO A 254 -42.41 -36.24 -7.31
CA PRO A 254 -41.09 -36.06 -7.92
C PRO A 254 -40.91 -36.87 -9.20
N PRO A 255 -40.39 -36.24 -10.26
CA PRO A 255 -40.18 -36.94 -11.53
C PRO A 255 -39.35 -38.21 -11.33
N PRO A 256 -39.87 -39.36 -11.78
CA PRO A 256 -39.15 -40.62 -11.61
C PRO A 256 -37.74 -40.59 -12.18
N HIS A 257 -36.88 -41.44 -11.65
CA HIS A 257 -35.50 -41.54 -12.11
C HIS A 257 -35.53 -42.18 -13.48
N THR A 258 -34.62 -41.76 -14.36
CA THR A 258 -34.56 -42.34 -15.71
C THR A 258 -33.10 -42.50 -16.12
N GLU A 259 -32.87 -43.10 -17.27
CA GLU A 259 -31.52 -43.31 -17.79
C GLU A 259 -30.87 -41.96 -18.07
N ASP A 260 -31.69 -40.99 -18.45
CA ASP A 260 -31.22 -39.65 -18.80
C ASP A 260 -30.95 -38.74 -17.60
N SER A 261 -31.38 -39.17 -16.42
CA SER A 261 -31.18 -38.37 -15.21
C SER A 261 -29.71 -38.25 -14.81
N VAL A 262 -29.28 -37.02 -14.55
CA VAL A 262 -27.92 -36.75 -14.13
C VAL A 262 -28.02 -35.88 -12.89
N TYR A 263 -27.58 -36.41 -11.75
CA TYR A 263 -27.65 -35.67 -10.49
C TYR A 263 -26.32 -35.05 -10.11
N PRO A 264 -26.34 -34.03 -9.24
CA PRO A 264 -25.10 -33.38 -8.82
C PRO A 264 -24.20 -34.36 -8.05
N MET A 265 -22.89 -34.15 -8.12
CA MET A 265 -21.96 -34.99 -7.40
C MET A 265 -21.99 -34.60 -5.91
N PRO A 266 -21.59 -35.52 -5.02
CA PRO A 266 -21.59 -35.16 -3.60
C PRO A 266 -20.47 -34.15 -3.34
N ARG A 267 -20.48 -33.52 -2.17
CA ARG A 267 -19.45 -32.52 -1.87
C ARG A 267 -18.89 -32.63 -0.45
N VAL A 268 -17.76 -31.96 -0.25
CA VAL A 268 -17.11 -31.92 1.05
C VAL A 268 -16.90 -30.43 1.37
N ILE A 269 -17.31 -30.02 2.57
CA ILE A 269 -17.21 -28.62 3.01
C ILE A 269 -15.79 -28.15 3.30
N PHE A 270 -15.37 -27.12 2.58
CA PHE A 270 -14.06 -26.54 2.77
C PHE A 270 -14.11 -25.76 4.10
N ARG A 271 -13.08 -25.90 4.93
CA ARG A 271 -13.07 -25.21 6.19
C ARG A 271 -11.66 -24.91 6.67
N MET A 272 -11.35 -23.65 6.89
CA MET A 272 -10.02 -23.28 7.36
C MET A 272 -10.05 -22.26 8.50
N PHE A 273 -11.17 -21.56 8.67
CA PHE A 273 -11.30 -20.54 9.71
C PHE A 273 -12.31 -20.88 10.82
N ASP A 274 -12.16 -20.16 11.93
CA ASP A 274 -13.06 -20.25 13.08
C ASP A 274 -12.86 -18.89 13.75
N TYR A 275 -13.65 -18.58 14.77
CA TYR A 275 -13.52 -17.27 15.42
C TYR A 275 -12.15 -16.94 16.01
N THR A 276 -11.40 -17.95 16.46
CA THR A 276 -10.10 -17.69 17.05
C THR A 276 -9.08 -17.11 16.07
N ASP A 277 -9.38 -17.17 14.78
CA ASP A 277 -8.46 -16.63 13.78
C ASP A 277 -8.67 -15.13 13.57
N ASP A 278 -9.64 -14.58 14.29
CA ASP A 278 -9.96 -13.15 14.22
C ASP A 278 -10.56 -12.75 15.55
N PRO A 279 -9.74 -12.73 16.61
CA PRO A 279 -10.12 -12.38 17.99
C PRO A 279 -10.73 -11.00 18.19
N GLU A 280 -10.16 -9.99 17.54
CA GLU A 280 -10.66 -8.63 17.69
C GLU A 280 -11.72 -8.18 16.68
N GLY A 281 -12.30 -9.13 15.95
CA GLY A 281 -13.33 -8.77 15.00
C GLY A 281 -14.67 -9.34 15.42
N PRO A 282 -15.72 -9.20 14.59
CA PRO A 282 -17.05 -9.73 14.94
C PRO A 282 -16.95 -11.25 15.11
N VAL A 283 -17.70 -11.81 16.05
CA VAL A 283 -17.64 -13.25 16.27
C VAL A 283 -18.10 -14.02 15.05
N MET A 284 -17.19 -14.84 14.51
CA MET A 284 -17.48 -15.66 13.33
C MET A 284 -18.39 -16.84 13.66
N PRO A 285 -19.51 -16.97 12.94
CA PRO A 285 -20.45 -18.07 13.19
C PRO A 285 -19.69 -19.40 13.05
N GLY A 286 -19.99 -20.36 13.90
CA GLY A 286 -19.30 -21.64 13.87
C GLY A 286 -19.55 -22.50 12.64
N SER A 287 -18.81 -23.61 12.57
CA SER A 287 -18.91 -24.55 11.46
C SER A 287 -20.27 -25.24 11.40
N HIS A 288 -20.90 -25.43 12.55
CA HIS A 288 -22.20 -26.09 12.61
C HIS A 288 -23.39 -25.18 12.86
N SER A 289 -23.33 -23.95 12.38
CA SER A 289 -24.44 -23.02 12.54
C SER A 289 -24.98 -22.74 11.14
N VAL A 290 -26.30 -22.59 11.01
CA VAL A 290 -26.88 -22.31 9.70
C VAL A 290 -26.40 -20.97 9.15
N GLU A 291 -25.87 -20.13 10.02
CA GLU A 291 -25.38 -18.81 9.63
C GLU A 291 -24.19 -18.96 8.69
N ARG A 292 -23.26 -19.84 9.06
CA ARG A 292 -22.07 -20.09 8.25
C ARG A 292 -22.52 -20.62 6.89
N PHE A 293 -23.51 -21.52 6.90
CA PHE A 293 -24.05 -22.10 5.68
C PHE A 293 -24.65 -21.04 4.75
N VAL A 294 -25.58 -20.24 5.27
CA VAL A 294 -26.24 -19.21 4.48
C VAL A 294 -25.28 -18.15 3.94
N ILE A 295 -24.30 -17.76 4.74
CA ILE A 295 -23.33 -16.76 4.31
C ILE A 295 -22.54 -17.26 3.09
N GLU A 296 -21.95 -18.44 3.23
CA GLU A 296 -21.15 -19.02 2.16
C GLU A 296 -22.00 -19.32 0.93
N GLU A 297 -23.23 -19.77 1.13
CA GLU A 297 -24.11 -20.06 0.01
C GLU A 297 -24.37 -18.78 -0.78
N ASN A 298 -24.67 -17.70 -0.08
CA ASN A 298 -24.93 -16.42 -0.73
C ASN A 298 -23.69 -15.91 -1.47
N LEU A 299 -22.54 -15.93 -0.80
CA LEU A 299 -21.31 -15.47 -1.42
C LEU A 299 -20.99 -16.29 -2.68
N HIS A 300 -21.14 -17.60 -2.61
CA HIS A 300 -20.87 -18.45 -3.77
C HIS A 300 -21.79 -18.02 -4.91
N CYS A 301 -23.04 -17.70 -4.58
CA CYS A 301 -24.00 -17.29 -5.58
C CYS A 301 -23.65 -15.92 -6.17
N ILE A 302 -23.14 -15.02 -5.33
CA ILE A 302 -22.76 -13.69 -5.78
C ILE A 302 -21.72 -13.88 -6.89
N ILE A 303 -20.75 -14.75 -6.65
CA ILE A 303 -19.72 -15.02 -7.64
C ILE A 303 -20.30 -15.62 -8.91
N LYS A 304 -21.21 -16.57 -8.75
CA LYS A 304 -21.83 -17.22 -9.89
C LYS A 304 -22.51 -16.20 -10.80
N SER A 305 -23.05 -15.14 -10.20
CA SER A 305 -23.73 -14.11 -10.95
C SER A 305 -22.82 -13.07 -11.59
N HIS A 306 -21.64 -12.86 -11.01
CA HIS A 306 -20.75 -11.84 -11.56
C HIS A 306 -19.33 -12.26 -11.89
N TRP A 307 -19.05 -13.56 -11.97
CA TRP A 307 -17.69 -14.02 -12.26
C TRP A 307 -17.03 -13.43 -13.49
N LYS A 308 -17.82 -12.98 -14.45
CA LYS A 308 -17.27 -12.41 -15.68
C LYS A 308 -16.70 -10.98 -15.55
N GLU A 309 -17.24 -10.22 -14.60
CA GLU A 309 -16.82 -8.84 -14.35
C GLU A 309 -16.14 -8.77 -13.00
N ARG A 310 -14.84 -8.98 -12.99
CA ARG A 310 -14.08 -9.01 -11.75
C ARG A 310 -14.24 -7.80 -10.81
N LYS A 311 -14.24 -6.60 -11.36
CA LYS A 311 -14.38 -5.41 -10.52
C LYS A 311 -15.75 -5.39 -9.85
N THR A 312 -16.78 -5.70 -10.63
CA THR A 312 -18.13 -5.74 -10.11
C THR A 312 -18.29 -6.87 -9.09
N CYS A 313 -17.68 -8.01 -9.37
CA CYS A 313 -17.76 -9.16 -8.48
C CYS A 313 -17.21 -8.82 -7.10
N ALA A 314 -16.05 -8.16 -7.08
CA ALA A 314 -15.44 -7.77 -5.82
C ALA A 314 -16.33 -6.77 -5.08
N ALA A 315 -17.00 -5.90 -5.82
CA ALA A 315 -17.87 -4.89 -5.21
C ALA A 315 -19.08 -5.54 -4.55
N GLN A 316 -19.65 -6.53 -5.23
CA GLN A 316 -20.80 -7.22 -4.70
C GLN A 316 -20.44 -8.03 -3.46
N LEU A 317 -19.30 -8.70 -3.47
CA LEU A 317 -18.91 -9.49 -2.30
C LEU A 317 -18.74 -8.61 -1.08
N VAL A 318 -18.01 -7.52 -1.25
CA VAL A 318 -17.72 -6.57 -0.18
C VAL A 318 -18.95 -5.82 0.33
N SER A 319 -19.99 -5.70 -0.50
CA SER A 319 -21.20 -4.99 -0.08
C SER A 319 -22.29 -5.95 0.41
N TYR A 320 -21.91 -7.20 0.65
CA TYR A 320 -22.84 -8.21 1.13
C TYR A 320 -23.50 -7.78 2.46
N PRO A 321 -24.84 -7.73 2.48
CA PRO A 321 -25.61 -7.33 3.67
C PRO A 321 -26.00 -8.49 4.60
N GLY A 322 -26.15 -8.20 5.88
CA GLY A 322 -26.54 -9.22 6.84
C GLY A 322 -27.27 -8.65 8.06
N LYS A 323 -28.02 -9.49 8.79
CA LYS A 323 -28.73 -9.01 9.97
C LYS A 323 -27.75 -8.52 11.03
N ASN A 324 -26.75 -9.35 11.32
CA ASN A 324 -25.72 -9.00 12.30
C ASN A 324 -24.37 -8.97 11.59
N LYS A 325 -23.43 -8.18 12.10
CA LYS A 325 -22.12 -8.10 11.47
C LYS A 325 -21.29 -9.35 11.70
N ILE A 326 -20.56 -9.74 10.65
CA ILE A 326 -19.71 -10.90 10.69
C ILE A 326 -18.36 -10.52 10.09
N PRO A 327 -17.33 -11.33 10.31
CA PRO A 327 -16.00 -11.00 9.75
C PRO A 327 -15.98 -11.25 8.24
N LEU A 328 -16.76 -10.45 7.51
CA LEU A 328 -16.89 -10.59 6.06
C LEU A 328 -15.62 -10.92 5.27
N ASN A 329 -14.52 -10.20 5.53
CA ASN A 329 -13.28 -10.46 4.81
C ASN A 329 -12.80 -11.89 4.94
N TYR A 330 -12.98 -12.49 6.11
CA TYR A 330 -12.57 -13.86 6.32
C TYR A 330 -13.51 -14.79 5.55
N HIS A 331 -14.79 -14.48 5.57
CA HIS A 331 -15.77 -15.26 4.85
C HIS A 331 -15.54 -15.21 3.34
N ILE A 332 -15.20 -14.03 2.82
CA ILE A 332 -14.98 -13.87 1.40
C ILE A 332 -13.75 -14.65 0.97
N VAL A 333 -12.66 -14.48 1.70
CA VAL A 333 -11.44 -15.19 1.39
C VAL A 333 -11.60 -16.71 1.49
N GLU A 334 -12.34 -17.17 2.50
CA GLU A 334 -12.54 -18.62 2.66
C GLU A 334 -13.36 -19.21 1.52
N VAL A 335 -14.39 -18.50 1.10
CA VAL A 335 -15.24 -18.95 0.01
C VAL A 335 -14.48 -19.02 -1.31
N ILE A 336 -13.62 -18.05 -1.55
CA ILE A 336 -12.84 -18.06 -2.77
C ILE A 336 -11.90 -19.28 -2.81
N PHE A 337 -11.23 -19.59 -1.70
CA PHE A 337 -10.36 -20.76 -1.66
C PHE A 337 -11.19 -22.04 -1.70
N ALA A 338 -12.41 -21.98 -1.16
CA ALA A 338 -13.28 -23.15 -1.17
C ALA A 338 -13.60 -23.48 -2.63
N GLU A 339 -13.64 -22.45 -3.48
CA GLU A 339 -13.93 -22.66 -4.88
C GLU A 339 -12.69 -23.12 -5.63
N LEU A 340 -11.57 -22.41 -5.44
CA LEU A 340 -10.33 -22.78 -6.09
C LEU A 340 -9.91 -24.22 -5.79
N PHE A 341 -10.08 -24.65 -4.55
CA PHE A 341 -9.69 -26.00 -4.14
C PHE A 341 -10.76 -27.08 -4.20
N GLN A 342 -11.91 -26.77 -4.79
CA GLN A 342 -12.99 -27.75 -4.90
C GLN A 342 -12.64 -28.91 -5.84
N LEU A 343 -12.95 -30.11 -5.39
CA LEU A 343 -12.72 -31.32 -6.16
C LEU A 343 -14.09 -31.85 -6.56
N PRO A 344 -14.24 -32.35 -7.79
CA PRO A 344 -13.26 -32.47 -8.88
C PRO A 344 -12.67 -31.15 -9.37
N ALA A 345 -13.52 -30.21 -9.76
CA ALA A 345 -13.03 -28.95 -10.28
C ALA A 345 -13.74 -27.70 -9.75
N PRO A 346 -13.10 -26.53 -9.91
CA PRO A 346 -13.69 -25.27 -9.44
C PRO A 346 -14.87 -24.90 -10.34
N PRO A 347 -15.77 -24.05 -9.85
CA PRO A 347 -16.93 -23.61 -10.63
C PRO A 347 -16.51 -22.80 -11.86
N HIS A 348 -15.42 -22.05 -11.72
CA HIS A 348 -14.94 -21.20 -12.80
C HIS A 348 -13.44 -21.38 -13.07
N ILE A 349 -12.97 -20.82 -14.18
CA ILE A 349 -11.55 -20.90 -14.57
C ILE A 349 -10.65 -20.37 -13.44
N ASP A 350 -9.64 -21.17 -13.09
CA ASP A 350 -8.69 -20.87 -12.02
C ASP A 350 -8.13 -19.44 -11.93
N VAL A 351 -7.59 -18.94 -13.03
CA VAL A 351 -7.01 -17.60 -13.02
C VAL A 351 -7.98 -16.53 -12.55
N MET A 352 -9.28 -16.76 -12.69
CA MET A 352 -10.28 -15.77 -12.26
C MET A 352 -10.12 -15.45 -10.76
N TYR A 353 -9.91 -16.48 -9.94
CA TYR A 353 -9.76 -16.29 -8.50
C TYR A 353 -8.52 -15.47 -8.13
N THR A 354 -7.48 -15.57 -8.95
CA THR A 354 -6.26 -14.82 -8.70
C THR A 354 -6.52 -13.33 -8.84
N THR A 355 -7.13 -12.94 -9.96
CA THR A 355 -7.41 -11.55 -10.21
C THR A 355 -8.57 -11.01 -9.35
N LEU A 356 -9.48 -11.88 -8.96
CA LEU A 356 -10.60 -11.47 -8.10
C LEU A 356 -10.01 -11.03 -6.76
N LEU A 357 -9.05 -11.80 -6.26
CA LEU A 357 -8.41 -11.48 -5.00
C LEU A 357 -7.68 -10.17 -5.10
N ILE A 358 -7.14 -9.86 -6.28
CA ILE A 358 -6.44 -8.60 -6.42
C ILE A 358 -7.44 -7.43 -6.44
N GLU A 359 -8.61 -7.62 -7.06
CA GLU A 359 -9.63 -6.56 -7.08
C GLU A 359 -10.11 -6.30 -5.66
N LEU A 360 -10.21 -7.36 -4.86
CA LEU A 360 -10.64 -7.24 -3.47
C LEU A 360 -9.60 -6.49 -2.64
N CYS A 361 -8.32 -6.68 -2.98
CA CYS A 361 -7.24 -6.00 -2.27
C CYS A 361 -7.27 -4.51 -2.56
N LYS A 362 -7.59 -4.15 -3.81
CA LYS A 362 -7.64 -2.75 -4.20
C LYS A 362 -8.85 -2.08 -3.56
N LEU A 363 -9.89 -2.86 -3.32
CA LEU A 363 -11.11 -2.36 -2.73
C LEU A 363 -10.99 -2.14 -1.22
N GLN A 364 -10.31 -3.06 -0.54
CA GLN A 364 -10.14 -2.98 0.92
C GLN A 364 -8.66 -3.07 1.27
N PRO A 365 -7.86 -2.07 0.87
CA PRO A 365 -6.41 -1.99 1.10
C PRO A 365 -6.00 -2.07 2.57
N GLY A 366 -6.87 -1.59 3.45
CA GLY A 366 -6.55 -1.59 4.86
C GLY A 366 -6.93 -2.84 5.63
N SER A 367 -7.66 -3.76 5.00
CA SER A 367 -8.05 -4.98 5.70
C SER A 367 -7.91 -6.30 4.95
N LEU A 368 -8.39 -6.37 3.71
CA LEU A 368 -8.32 -7.62 2.95
C LEU A 368 -6.91 -8.21 2.84
N PRO A 369 -5.90 -7.39 2.52
CA PRO A 369 -4.53 -7.92 2.40
C PRO A 369 -3.99 -8.70 3.61
N GLN A 370 -4.27 -8.23 4.82
CA GLN A 370 -3.77 -8.93 6.02
C GLN A 370 -4.39 -10.32 6.12
N VAL A 371 -5.70 -10.37 5.92
CA VAL A 371 -6.44 -11.63 5.98
C VAL A 371 -5.88 -12.63 4.96
N LEU A 372 -5.61 -12.14 3.76
CA LEU A 372 -5.08 -12.98 2.70
C LEU A 372 -3.71 -13.55 3.10
N ALA A 373 -2.86 -12.70 3.66
CA ALA A 373 -1.53 -13.14 4.07
C ALA A 373 -1.69 -14.19 5.18
N GLN A 374 -2.60 -13.92 6.10
CA GLN A 374 -2.87 -14.84 7.19
C GLN A 374 -3.26 -16.19 6.61
N ALA A 375 -4.27 -16.17 5.73
CA ALA A 375 -4.75 -17.39 5.09
C ALA A 375 -3.62 -18.13 4.37
N THR A 376 -2.80 -17.39 3.64
CA THR A 376 -1.68 -17.99 2.93
C THR A 376 -0.77 -18.75 3.91
N GLU A 377 -0.50 -18.15 5.06
CA GLU A 377 0.33 -18.77 6.08
C GLU A 377 -0.32 -20.08 6.56
N MET A 378 -1.60 -20.02 6.90
CA MET A 378 -2.32 -21.21 7.35
C MET A 378 -2.31 -22.32 6.30
N LEU A 379 -2.52 -21.96 5.04
CA LEU A 379 -2.52 -22.95 3.97
C LEU A 379 -1.15 -23.63 3.90
N TYR A 380 -0.09 -22.84 4.04
CA TYR A 380 1.26 -23.38 4.01
C TYR A 380 1.51 -24.34 5.16
N MET A 381 1.11 -23.93 6.37
CA MET A 381 1.32 -24.75 7.55
C MET A 381 0.51 -26.04 7.58
N ARG A 382 -0.47 -26.17 6.70
CA ARG A 382 -1.30 -27.38 6.68
C ARG A 382 -1.06 -28.23 5.45
N LEU A 383 0.05 -28.00 4.78
CA LEU A 383 0.39 -28.74 3.55
C LEU A 383 0.58 -30.25 3.65
N ASP A 384 1.04 -30.72 4.79
CA ASP A 384 1.32 -32.14 4.97
C ASP A 384 0.23 -33.13 4.60
N THR A 385 -1.04 -32.73 4.69
CA THR A 385 -2.11 -33.65 4.30
C THR A 385 -2.99 -33.10 3.19
N MET A 386 -2.57 -32.01 2.56
CA MET A 386 -3.34 -31.41 1.47
C MET A 386 -3.24 -32.26 0.20
N ASN A 387 -4.37 -32.49 -0.45
CA ASN A 387 -4.37 -33.29 -1.68
C ASN A 387 -3.56 -32.63 -2.78
N THR A 388 -2.86 -33.46 -3.55
CA THR A 388 -2.00 -33.03 -4.64
C THR A 388 -2.64 -32.09 -5.67
N THR A 389 -3.89 -32.34 -6.05
CA THR A 389 -4.55 -31.49 -7.03
C THR A 389 -4.75 -30.07 -6.49
N CYS A 390 -4.98 -29.96 -5.19
CA CYS A 390 -5.17 -28.64 -4.58
C CYS A 390 -3.82 -27.96 -4.40
N VAL A 391 -2.78 -28.73 -4.06
CA VAL A 391 -1.45 -28.17 -3.88
C VAL A 391 -1.00 -27.48 -5.16
N ASP A 392 -1.26 -28.12 -6.30
CA ASP A 392 -0.89 -27.54 -7.59
C ASP A 392 -1.54 -26.16 -7.77
N ARG A 393 -2.84 -26.09 -7.54
CA ARG A 393 -3.56 -24.84 -7.67
C ARG A 393 -3.03 -23.81 -6.67
N PHE A 394 -2.62 -24.27 -5.50
CA PHE A 394 -2.08 -23.39 -4.47
C PHE A 394 -0.79 -22.81 -5.06
N ILE A 395 0.05 -23.70 -5.58
CA ILE A 395 1.31 -23.29 -6.19
C ILE A 395 1.07 -22.27 -7.29
N ASN A 396 0.21 -22.61 -8.25
CA ASN A 396 -0.07 -21.71 -9.36
C ASN A 396 -0.68 -20.38 -8.96
N TRP A 397 -1.49 -20.38 -7.91
CA TRP A 397 -2.10 -19.14 -7.46
C TRP A 397 -1.07 -18.24 -6.77
N PHE A 398 -0.45 -18.78 -5.73
CA PHE A 398 0.54 -18.04 -4.94
C PHE A 398 1.66 -17.42 -5.78
N SER A 399 2.21 -18.18 -6.72
CA SER A 399 3.28 -17.67 -7.55
C SER A 399 2.76 -16.55 -8.45
N HIS A 400 1.59 -16.78 -9.06
CA HIS A 400 1.03 -15.77 -9.94
C HIS A 400 0.70 -14.54 -9.13
N HIS A 401 0.21 -14.77 -7.91
CA HIS A 401 -0.13 -13.66 -7.03
C HIS A 401 1.14 -12.85 -6.75
N LEU A 402 2.23 -13.53 -6.37
CA LEU A 402 3.48 -12.83 -6.07
C LEU A 402 4.01 -12.00 -7.22
N SER A 403 3.86 -12.49 -8.45
CA SER A 403 4.35 -11.76 -9.62
C SER A 403 3.61 -10.45 -9.84
N ASN A 404 2.53 -10.26 -9.10
CA ASN A 404 1.75 -9.02 -9.22
C ASN A 404 2.09 -8.04 -8.09
N PHE A 405 2.99 -8.47 -7.22
CA PHE A 405 3.43 -7.67 -6.08
C PHE A 405 4.94 -7.77 -5.96
N GLN A 406 5.62 -7.53 -7.08
CA GLN A 406 7.08 -7.57 -7.15
C GLN A 406 7.73 -8.75 -6.44
N PHE A 407 7.05 -9.89 -6.43
CA PHE A 407 7.57 -11.10 -5.80
C PHE A 407 8.04 -10.90 -4.35
N ARG A 408 7.35 -10.04 -3.61
CA ARG A 408 7.73 -9.80 -2.22
C ARG A 408 7.03 -10.74 -1.24
N TRP A 409 7.82 -11.41 -0.40
CA TRP A 409 7.30 -12.34 0.58
C TRP A 409 8.32 -12.67 1.67
N SER A 410 7.85 -12.74 2.91
CA SER A 410 8.71 -13.06 4.04
C SER A 410 9.00 -14.55 4.09
N TRP A 411 9.95 -15.01 3.27
CA TRP A 411 10.29 -16.42 3.21
C TRP A 411 10.80 -17.00 4.51
N GLU A 412 11.53 -16.20 5.29
CA GLU A 412 12.06 -16.69 6.55
C GLU A 412 10.96 -17.26 7.45
N ASP A 413 9.72 -16.89 7.17
CA ASP A 413 8.58 -17.36 7.93
C ASP A 413 8.37 -18.87 7.73
N TRP A 414 8.97 -19.40 6.65
CA TRP A 414 8.86 -20.81 6.33
C TRP A 414 10.20 -21.54 6.40
N SER A 415 11.11 -21.04 7.22
CA SER A 415 12.44 -21.64 7.36
C SER A 415 12.36 -23.07 7.89
N ASP A 416 11.22 -23.42 8.45
CA ASP A 416 11.03 -24.77 8.97
C ASP A 416 11.23 -25.84 7.89
N CYS A 417 11.00 -25.47 6.64
CA CYS A 417 11.14 -26.42 5.52
C CYS A 417 12.58 -26.73 5.13
N LEU A 418 13.51 -25.86 5.51
CA LEU A 418 14.91 -26.03 5.16
C LEU A 418 15.55 -27.30 5.72
N SER A 419 15.14 -27.68 6.92
CA SER A 419 15.70 -28.86 7.58
C SER A 419 14.92 -30.15 7.32
N GLN A 420 13.78 -30.05 6.66
CA GLN A 420 12.96 -31.23 6.38
C GLN A 420 13.46 -32.01 5.17
N ASP A 421 12.86 -33.19 4.98
CA ASP A 421 13.19 -34.07 3.85
C ASP A 421 12.79 -33.34 2.57
N PRO A 422 13.71 -33.20 1.60
CA PRO A 422 13.41 -32.52 0.33
C PRO A 422 12.08 -32.95 -0.31
N GLU A 423 11.75 -34.23 -0.18
CA GLU A 423 10.53 -34.77 -0.76
C GLU A 423 9.26 -34.40 0.01
N SER A 424 9.43 -33.75 1.16
CA SER A 424 8.29 -33.35 1.98
C SER A 424 7.43 -32.25 1.33
N PRO A 425 6.12 -32.25 1.62
CA PRO A 425 5.19 -31.26 1.07
C PRO A 425 5.66 -29.81 1.16
N LYS A 426 6.08 -29.36 2.34
CA LYS A 426 6.52 -27.98 2.49
C LYS A 426 7.72 -27.56 1.64
N PRO A 427 8.87 -28.25 1.76
CA PRO A 427 10.03 -27.86 0.94
C PRO A 427 9.77 -28.02 -0.55
N LYS A 428 8.92 -28.98 -0.90
CA LYS A 428 8.59 -29.23 -2.30
C LYS A 428 7.74 -28.09 -2.83
N PHE A 429 6.82 -27.63 -1.99
CA PHE A 429 5.93 -26.53 -2.34
C PHE A 429 6.76 -25.28 -2.67
N VAL A 430 7.73 -24.98 -1.83
CA VAL A 430 8.58 -23.81 -2.03
C VAL A 430 9.34 -23.89 -3.35
N ARG A 431 9.94 -25.05 -3.62
CA ARG A 431 10.68 -25.22 -4.86
C ARG A 431 9.76 -25.02 -6.06
N GLU A 432 8.62 -25.70 -6.05
CA GLU A 432 7.67 -25.60 -7.15
C GLU A 432 7.21 -24.15 -7.33
N VAL A 433 7.01 -23.43 -6.23
CA VAL A 433 6.58 -22.05 -6.31
C VAL A 433 7.69 -21.18 -6.92
N LEU A 434 8.92 -21.35 -6.43
CA LEU A 434 10.05 -20.56 -6.95
C LEU A 434 10.28 -20.84 -8.44
N GLU A 435 10.10 -22.09 -8.85
CA GLU A 435 10.27 -22.44 -10.24
C GLU A 435 9.21 -21.69 -11.05
N LYS A 436 7.98 -21.69 -10.53
CA LYS A 436 6.87 -21.01 -11.19
C LYS A 436 7.16 -19.52 -11.28
N CYS A 437 7.75 -18.97 -10.22
CA CYS A 437 8.09 -17.56 -10.21
C CYS A 437 9.12 -17.24 -11.30
N MET A 438 10.04 -18.16 -11.54
CA MET A 438 11.08 -17.92 -12.54
C MET A 438 10.47 -17.86 -13.94
N ARG A 439 9.46 -18.69 -14.19
CA ARG A 439 8.80 -18.71 -15.50
C ARG A 439 8.13 -17.37 -15.83
N LEU A 440 7.69 -16.66 -14.80
CA LEU A 440 7.05 -15.37 -14.98
C LEU A 440 8.06 -14.23 -14.92
N SER A 441 9.30 -14.58 -14.56
CA SER A 441 10.39 -13.61 -14.45
C SER A 441 11.65 -14.17 -15.11
N TYR A 442 12.73 -14.32 -14.34
CA TYR A 442 13.99 -14.87 -14.83
C TYR A 442 14.84 -15.38 -13.67
N HIS A 443 15.73 -16.33 -13.96
CA HIS A 443 16.59 -16.95 -12.96
C HIS A 443 17.26 -16.05 -11.91
N GLN A 444 17.90 -14.96 -12.34
CA GLN A 444 18.55 -14.08 -11.39
C GLN A 444 17.54 -13.41 -10.46
N ARG A 445 16.44 -12.92 -11.04
CA ARG A 445 15.39 -12.26 -10.29
C ARG A 445 14.96 -13.07 -9.06
N ILE A 446 14.77 -14.37 -9.25
CA ILE A 446 14.34 -15.24 -8.16
C ILE A 446 15.43 -15.47 -7.14
N LEU A 447 16.67 -15.53 -7.63
CA LEU A 447 17.83 -15.75 -6.77
C LEU A 447 18.00 -14.57 -5.81
N ASP A 448 17.64 -13.37 -6.28
CA ASP A 448 17.79 -12.15 -5.49
C ASP A 448 16.64 -11.81 -4.54
N ILE A 449 15.49 -12.45 -4.71
CA ILE A 449 14.35 -12.15 -3.84
C ILE A 449 14.24 -13.02 -2.60
N VAL A 450 14.93 -14.16 -2.59
CA VAL A 450 14.88 -15.05 -1.44
C VAL A 450 16.15 -14.94 -0.60
N PRO A 451 16.06 -15.25 0.71
CA PRO A 451 17.20 -15.19 1.61
C PRO A 451 18.26 -16.20 1.15
N PRO A 452 19.53 -16.00 1.55
CA PRO A 452 20.61 -16.90 1.18
C PRO A 452 20.29 -18.33 1.62
N THR A 453 19.57 -18.42 2.74
CA THR A 453 19.19 -19.70 3.31
C THR A 453 18.28 -20.53 2.40
N PHE A 454 17.66 -19.87 1.43
CA PHE A 454 16.76 -20.56 0.49
C PHE A 454 17.40 -20.84 -0.87
N SER A 455 18.64 -20.40 -1.04
CA SER A 455 19.38 -20.59 -2.28
C SER A 455 19.20 -21.96 -2.91
N ALA A 456 19.48 -23.01 -2.13
CA ALA A 456 19.36 -24.38 -2.61
C ALA A 456 17.97 -24.68 -3.19
N LEU A 457 16.92 -24.14 -2.57
CA LEU A 457 15.56 -24.38 -3.04
C LEU A 457 15.25 -23.69 -4.36
N CYS A 458 16.15 -22.83 -4.80
CA CYS A 458 15.94 -22.10 -6.05
C CYS A 458 16.11 -23.02 -7.25
N PRO A 459 15.45 -22.69 -8.37
CA PRO A 459 15.54 -23.50 -9.59
C PRO A 459 16.86 -23.30 -10.32
N SER A 460 17.41 -24.37 -10.87
CA SER A 460 18.66 -24.30 -11.61
C SER A 460 18.48 -23.46 -12.86
N ASN A 461 19.58 -22.90 -13.37
CA ASN A 461 19.52 -22.05 -14.56
C ASN A 461 19.10 -22.89 -15.76
N PRO A 462 18.00 -22.49 -16.43
CA PRO A 462 17.45 -23.18 -17.60
C PRO A 462 18.36 -23.16 -18.82
N THR A 463 19.57 -23.67 -18.65
CA THR A 463 20.53 -23.70 -19.75
C THR A 463 20.45 -24.99 -20.55
N CYS A 464 20.54 -24.86 -21.86
CA CYS A 464 20.51 -25.98 -22.78
C CYS A 464 21.74 -26.87 -22.62
N ILE A 465 21.61 -28.15 -22.93
CA ILE A 465 22.74 -29.08 -22.82
C ILE A 465 23.01 -29.77 -24.14
N TYR A 466 24.15 -29.46 -24.75
CA TYR A 466 24.55 -30.05 -26.03
C TYR A 466 25.60 -31.14 -25.81
N LYS A 467 25.28 -32.36 -26.21
CA LYS A 467 26.19 -33.49 -26.04
C LYS A 467 27.50 -33.37 -26.82
N TYR A 468 27.45 -32.73 -27.97
CA TYR A 468 28.64 -32.59 -28.80
C TYR A 468 29.20 -31.16 -28.84
N GLY A 469 29.22 -30.50 -27.68
CA GLY A 469 29.74 -29.15 -27.60
C GLY A 469 31.25 -29.12 -27.44
N ASP A 470 31.78 -28.04 -26.88
CA ASP A 470 33.23 -27.90 -26.67
C ASP A 470 33.79 -29.00 -25.78
N GLU A 471 33.25 -29.11 -24.58
CA GLU A 471 33.65 -30.10 -23.59
C GLU A 471 33.83 -31.50 -24.19
N SER A 472 32.79 -31.97 -24.87
CA SER A 472 32.75 -33.30 -25.48
C SER A 472 34.04 -33.76 -26.16
N SER A 473 34.21 -35.07 -26.21
CA SER A 473 35.36 -35.67 -26.86
C SER A 473 34.94 -36.07 -28.27
N ASN A 474 35.92 -36.34 -29.12
CA ASN A 474 35.65 -36.72 -30.49
C ASN A 474 35.44 -38.23 -30.61
N SER A 475 35.50 -38.92 -29.48
CA SER A 475 35.32 -40.36 -29.47
C SER A 475 33.84 -40.74 -29.45
N LEU A 476 32.99 -39.79 -29.07
CA LEU A 476 31.55 -40.03 -29.01
C LEU A 476 30.97 -40.41 -30.37
N PRO A 477 30.13 -41.45 -30.39
CA PRO A 477 29.50 -41.92 -31.63
C PRO A 477 28.73 -40.80 -32.34
N GLY A 478 29.02 -40.63 -33.62
CA GLY A 478 28.35 -39.61 -34.41
C GLY A 478 28.95 -38.23 -34.25
N HIS A 479 29.94 -38.10 -33.37
CA HIS A 479 30.58 -36.81 -33.13
C HIS A 479 30.84 -36.01 -34.40
N SER A 480 31.35 -36.67 -35.43
CA SER A 480 31.63 -35.95 -36.67
C SER A 480 30.36 -35.54 -37.40
N VAL A 481 29.40 -36.47 -37.51
CA VAL A 481 28.14 -36.14 -38.19
C VAL A 481 27.42 -34.98 -37.50
N ALA A 482 27.52 -34.94 -36.17
CA ALA A 482 26.87 -33.87 -35.43
C ALA A 482 27.43 -32.50 -35.85
N LEU A 483 28.74 -32.33 -35.65
CA LEU A 483 29.42 -31.09 -36.01
C LEU A 483 29.18 -30.78 -37.48
N CYS A 484 28.95 -31.81 -38.27
CA CYS A 484 28.68 -31.62 -39.69
C CYS A 484 27.31 -31.00 -39.85
N LEU A 485 26.32 -31.57 -39.17
CA LEU A 485 24.96 -31.06 -39.22
C LEU A 485 24.92 -29.60 -38.78
N ALA A 486 25.72 -29.26 -37.78
CA ALA A 486 25.77 -27.88 -37.28
C ALA A 486 26.11 -26.92 -38.41
N VAL A 487 27.09 -27.30 -39.24
CA VAL A 487 27.49 -26.47 -40.36
C VAL A 487 26.33 -26.38 -41.36
N ALA A 488 25.79 -27.55 -41.70
CA ALA A 488 24.69 -27.60 -42.65
C ALA A 488 23.51 -26.73 -42.22
N PHE A 489 23.18 -26.73 -40.94
CA PHE A 489 22.06 -25.91 -40.46
C PHE A 489 22.31 -24.42 -40.59
N LYS A 490 23.51 -23.98 -40.21
CA LYS A 490 23.87 -22.56 -40.29
C LYS A 490 23.86 -22.11 -41.74
N SER A 491 23.97 -23.07 -42.65
CA SER A 491 24.03 -22.78 -44.07
C SER A 491 22.71 -22.97 -44.81
N LYS A 492 21.63 -23.10 -44.05
CA LYS A 492 20.31 -23.26 -44.62
C LYS A 492 20.19 -24.48 -45.53
N ALA A 493 20.62 -25.65 -45.03
CA ALA A 493 20.52 -26.87 -45.82
C ALA A 493 19.07 -27.30 -45.93
N THR A 494 18.76 -28.10 -46.95
CA THR A 494 17.40 -28.59 -47.16
C THR A 494 17.19 -29.92 -46.44
N ASN A 495 15.99 -30.47 -46.56
CA ASN A 495 15.69 -31.75 -45.94
C ASN A 495 16.53 -32.85 -46.59
N ASP A 496 16.59 -32.86 -47.92
CA ASP A 496 17.38 -33.86 -48.62
C ASP A 496 18.85 -33.82 -48.21
N GLU A 497 19.39 -32.62 -48.06
CA GLU A 497 20.79 -32.49 -47.66
C GLU A 497 21.04 -33.02 -46.26
N ILE A 498 20.05 -32.84 -45.38
CA ILE A 498 20.19 -33.32 -44.01
C ILE A 498 20.14 -34.85 -43.97
N PHE A 499 19.26 -35.44 -44.78
CA PHE A 499 19.16 -36.89 -44.86
C PHE A 499 20.50 -37.47 -45.31
N SER A 500 21.08 -36.87 -46.35
CA SER A 500 22.37 -37.32 -46.89
C SER A 500 23.47 -37.29 -45.83
N ILE A 501 23.50 -36.22 -45.04
CA ILE A 501 24.52 -36.10 -44.01
C ILE A 501 24.34 -37.19 -42.95
N LEU A 502 23.09 -37.56 -42.69
CA LEU A 502 22.76 -38.58 -41.70
C LEU A 502 23.10 -40.01 -42.11
N LYS A 503 23.26 -40.24 -43.40
CA LYS A 503 23.60 -41.58 -43.89
C LYS A 503 24.96 -42.02 -43.38
N ASP A 504 25.81 -41.06 -43.03
CA ASP A 504 27.14 -41.38 -42.50
C ASP A 504 27.07 -41.83 -41.05
N VAL A 505 25.91 -42.33 -40.63
CA VAL A 505 25.73 -42.80 -39.26
C VAL A 505 25.45 -44.30 -39.20
N PRO A 506 26.24 -45.02 -38.38
CA PRO A 506 26.08 -46.47 -38.23
C PRO A 506 24.74 -46.81 -37.56
N ASN A 507 24.23 -48.00 -37.81
CA ASN A 507 22.95 -48.42 -37.23
C ASN A 507 23.09 -49.48 -36.16
N PRO A 508 22.98 -49.09 -34.87
CA PRO A 508 23.09 -50.03 -33.75
C PRO A 508 22.15 -51.23 -33.88
N PHE A 520 14.66 -48.27 -37.90
CA PHE A 520 14.87 -47.41 -36.70
C PHE A 520 16.33 -47.31 -36.27
N ASN A 521 16.89 -46.11 -36.39
CA ASN A 521 18.28 -45.87 -36.01
C ASN A 521 18.33 -44.85 -34.87
N PRO A 522 18.67 -45.29 -33.66
CA PRO A 522 18.75 -44.36 -32.53
C PRO A 522 19.79 -43.24 -32.64
N LEU A 523 21.00 -43.59 -33.06
CA LEU A 523 22.06 -42.59 -33.19
C LEU A 523 21.69 -41.48 -34.18
N LYS A 524 21.08 -41.84 -35.30
CA LYS A 524 20.68 -40.84 -36.28
C LYS A 524 19.83 -39.78 -35.57
N ILE A 525 18.83 -40.25 -34.83
CA ILE A 525 17.92 -39.40 -34.08
C ILE A 525 18.66 -38.54 -33.06
N GLU A 526 19.47 -39.18 -32.23
CA GLU A 526 20.21 -38.46 -31.20
C GLU A 526 21.01 -37.27 -31.77
N VAL A 527 21.90 -37.53 -32.74
CA VAL A 527 22.70 -36.44 -33.31
C VAL A 527 21.84 -35.37 -33.96
N PHE A 528 20.78 -35.78 -34.65
CA PHE A 528 19.89 -34.83 -35.30
C PHE A 528 19.15 -33.93 -34.32
N VAL A 529 18.55 -34.52 -33.29
CA VAL A 529 17.82 -33.75 -32.30
C VAL A 529 18.74 -32.92 -31.41
N GLN A 530 19.88 -33.45 -31.04
CA GLN A 530 20.82 -32.71 -30.19
C GLN A 530 21.22 -31.42 -30.89
N THR A 531 21.69 -31.56 -32.12
CA THR A 531 22.15 -30.43 -32.92
C THR A 531 21.06 -29.45 -33.30
N LEU A 532 19.93 -29.95 -33.79
CA LEU A 532 18.84 -29.06 -34.20
C LEU A 532 18.34 -28.21 -33.02
N LEU A 533 18.11 -28.85 -31.87
CA LEU A 533 17.63 -28.13 -30.70
C LEU A 533 18.65 -27.11 -30.21
N HIS A 534 19.92 -27.52 -30.19
CA HIS A 534 20.99 -26.64 -29.72
C HIS A 534 21.08 -25.34 -30.52
N LEU A 535 20.88 -25.42 -31.83
CA LEU A 535 20.96 -24.23 -32.67
C LEU A 535 19.70 -23.37 -32.64
N ALA A 536 18.65 -23.85 -31.99
CA ALA A 536 17.41 -23.08 -31.90
C ALA A 536 17.10 -22.73 -30.45
N ALA A 537 18.07 -22.95 -29.56
CA ALA A 537 17.89 -22.71 -28.14
C ALA A 537 17.61 -21.26 -27.73
N LYS A 538 17.70 -20.35 -28.70
CA LYS A 538 17.50 -18.93 -28.41
C LYS A 538 16.09 -18.62 -27.89
N SER A 539 15.06 -19.15 -28.55
CA SER A 539 13.69 -18.89 -28.15
C SER A 539 12.74 -19.99 -28.58
N PHE A 540 11.50 -19.92 -28.09
CA PHE A 540 10.50 -20.90 -28.44
C PHE A 540 10.21 -20.87 -29.94
N SER A 541 10.14 -19.65 -30.50
CA SER A 541 9.86 -19.48 -31.92
C SER A 541 10.92 -20.09 -32.84
N HIS A 542 12.18 -20.05 -32.41
CA HIS A 542 13.26 -20.63 -33.20
C HIS A 542 13.07 -22.15 -33.23
N SER A 543 12.84 -22.72 -32.06
CA SER A 543 12.66 -24.15 -31.93
C SER A 543 11.43 -24.57 -32.72
N PHE A 544 10.35 -23.82 -32.58
CA PHE A 544 9.13 -24.15 -33.31
C PHE A 544 9.39 -24.16 -34.81
N SER A 545 9.99 -23.08 -35.33
CA SER A 545 10.27 -23.00 -36.76
C SER A 545 11.26 -24.06 -37.21
N ALA A 546 12.14 -24.47 -36.30
CA ALA A 546 13.13 -25.50 -36.60
C ALA A 546 12.41 -26.84 -36.75
N LEU A 547 11.43 -27.10 -35.89
CA LEU A 547 10.66 -28.35 -35.98
C LEU A 547 9.86 -28.38 -37.28
N ALA A 548 9.32 -27.22 -37.66
CA ALA A 548 8.51 -27.12 -38.86
C ALA A 548 9.35 -27.29 -40.13
N LYS A 549 10.45 -26.55 -40.20
CA LYS A 549 11.32 -26.60 -41.38
C LYS A 549 11.73 -28.03 -41.69
N PHE A 550 12.28 -28.71 -40.70
CA PHE A 550 12.73 -30.08 -40.88
C PHE A 550 11.72 -31.10 -40.39
N HIS A 551 10.45 -30.81 -40.66
CA HIS A 551 9.36 -31.68 -40.26
C HIS A 551 9.49 -33.04 -40.96
N GLU A 552 9.97 -33.03 -42.20
CA GLU A 552 10.13 -34.25 -42.97
C GLU A 552 11.13 -35.21 -42.34
N VAL A 553 12.27 -34.68 -41.90
CA VAL A 553 13.28 -35.53 -41.28
C VAL A 553 12.73 -36.17 -40.01
N PHE A 554 11.88 -35.44 -39.28
CA PHE A 554 11.29 -35.96 -38.05
C PHE A 554 10.34 -37.13 -38.34
N LYS A 555 9.37 -36.90 -39.21
CA LYS A 555 8.40 -37.93 -39.55
C LYS A 555 9.07 -39.21 -40.01
N THR A 556 10.17 -39.08 -40.74
CA THR A 556 10.88 -40.25 -41.24
C THR A 556 11.69 -40.92 -40.13
N LEU A 557 12.45 -40.12 -39.39
CA LEU A 557 13.28 -40.65 -38.31
C LEU A 557 12.48 -41.20 -37.11
N ALA A 558 11.22 -40.80 -36.98
CA ALA A 558 10.39 -41.26 -35.88
C ALA A 558 9.06 -41.78 -36.40
N GLU A 559 9.12 -42.59 -37.43
CA GLU A 559 7.93 -43.16 -38.02
C GLU A 559 7.40 -44.26 -37.11
N SER A 560 8.31 -44.89 -36.36
CA SER A 560 7.93 -45.97 -35.45
C SER A 560 7.75 -45.45 -34.04
N ASP A 561 7.10 -46.28 -33.22
CA ASP A 561 6.87 -45.89 -31.83
C ASP A 561 8.20 -45.69 -31.12
N GLU A 562 9.14 -46.60 -31.36
CA GLU A 562 10.46 -46.47 -30.72
C GLU A 562 11.09 -45.16 -31.14
N GLY A 563 10.86 -44.77 -32.39
CA GLY A 563 11.41 -43.53 -32.89
C GLY A 563 10.86 -42.36 -32.11
N LYS A 564 9.54 -42.29 -32.00
CA LYS A 564 8.90 -41.21 -31.28
C LYS A 564 9.45 -41.20 -29.87
N LEU A 565 9.52 -42.37 -29.25
CA LEU A 565 10.03 -42.50 -27.90
C LEU A 565 11.47 -42.01 -27.76
N HIS A 566 12.28 -42.25 -28.78
CA HIS A 566 13.68 -41.83 -28.72
C HIS A 566 13.81 -40.32 -28.89
N VAL A 567 12.95 -39.74 -29.72
CA VAL A 567 12.99 -38.29 -29.92
C VAL A 567 12.76 -37.61 -28.57
N LEU A 568 11.73 -38.04 -27.85
CA LEU A 568 11.41 -37.47 -26.56
C LEU A 568 12.55 -37.66 -25.55
N ARG A 569 13.16 -38.84 -25.59
CA ARG A 569 14.27 -39.15 -24.69
C ARG A 569 15.43 -38.17 -24.91
N VAL A 570 15.81 -37.96 -26.17
CA VAL A 570 16.90 -37.06 -26.50
C VAL A 570 16.54 -35.62 -26.19
N MET A 571 15.34 -35.23 -26.58
CA MET A 571 14.88 -33.87 -26.31
C MET A 571 14.96 -33.61 -24.81
N PHE A 572 14.65 -34.61 -24.01
CA PHE A 572 14.70 -34.46 -22.55
C PHE A 572 16.15 -34.32 -22.05
N GLU A 573 17.08 -35.02 -22.71
CA GLU A 573 18.47 -34.92 -22.30
C GLU A 573 19.03 -33.55 -22.68
N VAL A 574 18.43 -32.94 -23.69
CA VAL A 574 18.85 -31.62 -24.13
C VAL A 574 18.30 -30.49 -23.26
N TRP A 575 17.05 -30.61 -22.84
CA TRP A 575 16.42 -29.55 -22.05
C TRP A 575 15.97 -29.87 -20.63
N ARG A 576 16.56 -30.90 -20.02
CA ARG A 576 16.18 -31.27 -18.67
C ARG A 576 16.22 -30.12 -17.66
N ASN A 577 16.97 -29.07 -17.97
CA ASN A 577 17.05 -27.93 -17.05
C ASN A 577 15.99 -26.86 -17.35
N HIS A 578 15.28 -27.02 -18.45
CA HIS A 578 14.27 -26.06 -18.88
C HIS A 578 12.89 -26.72 -19.04
N PRO A 579 12.24 -27.07 -17.92
CA PRO A 579 10.92 -27.71 -17.94
C PRO A 579 9.90 -27.04 -18.86
N GLN A 580 9.84 -25.71 -18.83
CA GLN A 580 8.89 -24.99 -19.66
C GLN A 580 9.14 -25.28 -21.16
N MET A 581 10.41 -25.35 -21.55
CA MET A 581 10.75 -25.64 -22.95
C MET A 581 10.33 -27.07 -23.28
N ILE A 582 10.56 -27.99 -22.34
CA ILE A 582 10.19 -29.39 -22.52
C ILE A 582 8.70 -29.47 -22.86
N ALA A 583 7.89 -28.78 -22.08
CA ALA A 583 6.43 -28.79 -22.27
C ALA A 583 5.95 -28.24 -23.60
N VAL A 584 6.47 -27.07 -23.99
CA VAL A 584 6.02 -26.47 -25.24
C VAL A 584 6.53 -27.25 -26.45
N LEU A 585 7.62 -28.00 -26.30
CA LEU A 585 8.14 -28.78 -27.42
C LEU A 585 7.25 -30.01 -27.61
N VAL A 586 6.86 -30.64 -26.51
CA VAL A 586 6.00 -31.82 -26.59
C VAL A 586 4.67 -31.43 -27.23
N ASP A 587 4.12 -30.32 -26.77
CA ASP A 587 2.86 -29.84 -27.30
C ASP A 587 2.95 -29.62 -28.81
N LYS A 588 4.03 -29.01 -29.27
CA LYS A 588 4.18 -28.77 -30.69
C LYS A 588 4.42 -30.05 -31.49
N MET A 589 5.15 -30.99 -30.91
CA MET A 589 5.42 -32.25 -31.61
C MET A 589 4.15 -33.08 -31.76
N ILE A 590 3.23 -32.92 -30.83
CA ILE A 590 1.97 -33.66 -30.89
C ILE A 590 1.03 -33.00 -31.89
N ARG A 591 0.94 -31.67 -31.84
CA ARG A 591 0.06 -30.96 -32.74
C ARG A 591 0.49 -31.10 -34.20
N THR A 592 1.79 -31.28 -34.44
CA THR A 592 2.28 -31.43 -35.81
C THR A 592 2.63 -32.88 -36.14
N GLN A 593 2.10 -33.80 -35.35
CA GLN A 593 2.31 -35.24 -35.55
C GLN A 593 3.74 -35.79 -35.50
N ILE A 594 4.70 -35.07 -34.91
CA ILE A 594 6.06 -35.60 -34.82
C ILE A 594 5.97 -36.85 -33.94
N VAL A 595 5.13 -36.76 -32.90
CA VAL A 595 4.88 -37.88 -31.99
C VAL A 595 3.39 -37.81 -31.67
N ASP A 596 2.87 -38.85 -31.03
CA ASP A 596 1.45 -38.87 -30.66
C ASP A 596 1.30 -38.94 -29.15
N CYS A 597 0.09 -38.73 -28.69
CA CYS A 597 -0.20 -38.75 -27.26
C CYS A 597 0.26 -40.02 -26.55
N ALA A 598 0.06 -41.17 -27.18
CA ALA A 598 0.46 -42.47 -26.63
C ALA A 598 1.94 -42.49 -26.25
N ALA A 599 2.78 -42.03 -27.17
CA ALA A 599 4.22 -41.98 -26.95
C ALA A 599 4.55 -41.09 -25.74
N VAL A 600 3.93 -39.91 -25.71
CA VAL A 600 4.16 -38.99 -24.61
C VAL A 600 3.80 -39.63 -23.27
N ALA A 601 2.69 -40.36 -23.26
CA ALA A 601 2.25 -41.04 -22.05
C ALA A 601 3.31 -42.05 -21.59
N ASN A 602 3.76 -42.91 -22.50
CA ASN A 602 4.77 -43.89 -22.14
C ASN A 602 6.07 -43.20 -21.72
N TRP A 603 6.36 -42.08 -22.36
CA TRP A 603 7.56 -41.32 -22.03
C TRP A 603 7.46 -40.81 -20.57
N ILE A 604 6.29 -40.34 -20.17
CA ILE A 604 6.10 -39.84 -18.81
C ILE A 604 6.52 -40.89 -17.75
N PHE A 605 6.14 -42.15 -17.97
CA PHE A 605 6.48 -43.22 -17.03
C PHE A 605 7.78 -43.96 -17.35
N SER A 606 8.68 -43.34 -18.11
CA SER A 606 9.94 -43.98 -18.47
C SER A 606 10.99 -43.82 -17.36
N SER A 607 12.04 -44.63 -17.44
CA SER A 607 13.13 -44.60 -16.46
C SER A 607 13.86 -43.26 -16.46
N GLU A 608 14.05 -42.70 -17.65
CA GLU A 608 14.76 -41.43 -17.76
C GLU A 608 14.06 -40.28 -17.06
N LEU A 609 12.76 -40.41 -16.80
CA LEU A 609 12.00 -39.36 -16.13
C LEU A 609 11.59 -39.72 -14.71
N SER A 610 11.94 -40.92 -14.26
CA SER A 610 11.56 -41.36 -12.92
C SER A 610 12.01 -40.46 -11.78
N ARG A 611 13.14 -39.77 -11.96
CA ARG A 611 13.66 -38.88 -10.93
C ARG A 611 12.91 -37.56 -10.89
N ASP A 612 12.13 -37.29 -11.94
CA ASP A 612 11.34 -36.06 -12.05
C ASP A 612 9.86 -36.39 -11.98
N PHE A 613 9.56 -37.67 -11.78
CA PHE A 613 8.20 -38.18 -11.74
C PHE A 613 7.27 -37.43 -10.78
N THR A 614 7.81 -36.92 -9.67
CA THR A 614 6.97 -36.19 -8.71
C THR A 614 6.90 -34.69 -8.93
N ARG A 615 7.59 -34.19 -9.96
CA ARG A 615 7.57 -32.76 -10.22
C ARG A 615 6.31 -32.35 -10.97
N LEU A 616 5.93 -31.08 -10.82
CA LEU A 616 4.72 -30.54 -11.44
C LEU A 616 4.68 -30.55 -12.97
N PHE A 617 5.76 -30.11 -13.61
CA PHE A 617 5.76 -30.04 -15.06
C PHE A 617 5.41 -31.35 -15.74
N VAL A 618 5.79 -32.46 -15.12
CA VAL A 618 5.51 -33.76 -15.71
C VAL A 618 4.00 -33.99 -15.87
N TRP A 619 3.23 -33.64 -14.86
CA TRP A 619 1.79 -33.86 -14.92
C TRP A 619 1.07 -32.77 -15.70
N GLU A 620 1.72 -31.62 -15.83
CA GLU A 620 1.14 -30.52 -16.59
C GLU A 620 1.19 -30.93 -18.05
N ILE A 621 2.30 -31.56 -18.44
CA ILE A 621 2.45 -32.03 -19.80
C ILE A 621 1.46 -33.15 -20.09
N LEU A 622 1.35 -34.12 -19.18
CA LEU A 622 0.43 -35.23 -19.39
C LEU A 622 -1.01 -34.75 -19.57
N HIS A 623 -1.44 -33.79 -18.74
CA HIS A 623 -2.80 -33.28 -18.84
C HIS A 623 -3.04 -32.45 -20.11
N SER A 624 -2.02 -31.73 -20.55
CA SER A 624 -2.16 -30.94 -21.76
C SER A 624 -2.33 -31.94 -22.91
N THR A 625 -1.65 -33.07 -22.79
CA THR A 625 -1.71 -34.12 -23.81
C THR A 625 -3.10 -34.76 -23.86
N ILE A 626 -3.68 -35.02 -22.69
CA ILE A 626 -4.99 -35.62 -22.62
C ILE A 626 -6.04 -34.66 -23.16
N ARG A 627 -5.89 -33.37 -22.86
CA ARG A 627 -6.84 -32.38 -23.34
C ARG A 627 -6.80 -32.26 -24.86
N LYS A 628 -5.61 -32.38 -25.45
CA LYS A 628 -5.50 -32.30 -26.89
C LYS A 628 -6.27 -33.47 -27.52
N MET A 629 -6.13 -34.65 -26.91
CA MET A 629 -6.80 -35.84 -27.39
C MET A 629 -8.32 -35.70 -27.26
N ASN A 630 -8.75 -34.96 -26.23
CA ASN A 630 -10.16 -34.73 -25.96
C ASN A 630 -10.81 -33.84 -27.00
N LYS A 631 -10.06 -32.85 -27.46
CA LYS A 631 -10.56 -31.90 -28.45
C LYS A 631 -10.48 -32.48 -29.86
N HIS A 632 -9.98 -33.70 -29.98
CA HIS A 632 -9.86 -34.34 -31.28
C HIS A 632 -11.12 -35.17 -31.57
N VAL A 633 -11.94 -34.69 -32.50
CA VAL A 633 -13.17 -35.38 -32.86
C VAL A 633 -12.94 -36.53 -33.84
N GLY A 634 -13.77 -37.57 -33.72
CA GLY A 634 -13.63 -38.73 -34.59
C GLY A 634 -12.70 -39.75 -33.98
N ALA A 635 -11.54 -39.30 -33.51
CA ALA A 635 -10.54 -40.16 -32.89
C ALA A 635 -10.94 -40.55 -31.46
N GLN A 636 -12.03 -41.31 -31.35
CA GLN A 636 -12.52 -41.76 -30.06
C GLN A 636 -11.78 -43.01 -29.62
N SER A 637 -11.31 -43.79 -30.59
CA SER A 637 -10.57 -45.02 -30.33
C SER A 637 -9.22 -44.68 -29.74
N GLU A 638 -8.60 -43.64 -30.30
CA GLU A 638 -7.30 -43.21 -29.83
C GLU A 638 -7.45 -42.60 -28.44
N GLN A 639 -8.62 -42.00 -28.18
CA GLN A 639 -8.86 -41.37 -26.89
C GLN A 639 -8.90 -42.42 -25.78
N LYS A 640 -9.69 -43.47 -26.01
CA LYS A 640 -9.80 -44.53 -25.03
C LYS A 640 -8.46 -45.22 -24.80
N ASN A 641 -7.70 -45.42 -25.88
CA ASN A 641 -6.41 -46.07 -25.76
C ASN A 641 -5.42 -45.23 -24.96
N LEU A 642 -5.54 -43.91 -25.05
CA LEU A 642 -4.65 -43.05 -24.29
C LEU A 642 -4.90 -43.30 -22.81
N PHE A 643 -6.16 -43.32 -22.42
CA PHE A 643 -6.53 -43.57 -21.04
C PHE A 643 -6.10 -44.96 -20.60
N LEU A 644 -6.33 -45.95 -21.45
CA LEU A 644 -5.96 -47.32 -21.12
C LEU A 644 -4.47 -47.40 -20.85
N VAL A 645 -3.68 -46.74 -21.68
CA VAL A 645 -2.24 -46.75 -21.51
C VAL A 645 -1.86 -46.13 -20.16
N ILE A 646 -2.33 -44.92 -19.90
CA ILE A 646 -2.05 -44.23 -18.65
C ILE A 646 -2.39 -45.05 -17.40
N PHE A 647 -3.62 -45.57 -17.34
CA PHE A 647 -4.01 -46.35 -16.18
C PHE A 647 -3.17 -47.62 -16.06
N GLN A 648 -2.84 -48.20 -17.20
CA GLN A 648 -2.05 -49.42 -17.24
C GLN A 648 -0.68 -49.17 -16.60
N ARG A 649 -0.04 -48.06 -16.96
CA ARG A 649 1.26 -47.74 -16.39
C ARG A 649 1.15 -47.38 -14.91
N PHE A 650 0.06 -46.73 -14.54
CA PHE A 650 -0.14 -46.38 -13.14
C PHE A 650 -0.24 -47.65 -12.30
N ILE A 651 -0.99 -48.62 -12.79
CA ILE A 651 -1.18 -49.88 -12.07
C ILE A 651 0.11 -50.68 -11.97
N MET A 652 0.94 -50.59 -13.00
CA MET A 652 2.19 -51.33 -13.00
C MET A 652 3.15 -50.80 -11.93
N ILE A 653 3.43 -49.51 -11.97
CA ILE A 653 4.34 -48.90 -11.02
C ILE A 653 3.80 -48.92 -9.59
N LEU A 654 2.50 -48.70 -9.42
CA LEU A 654 1.91 -48.72 -8.09
C LEU A 654 1.97 -50.13 -7.52
N THR A 655 1.68 -51.12 -8.36
CA THR A 655 1.74 -52.52 -7.93
C THR A 655 3.17 -52.82 -7.53
N GLU A 656 4.10 -52.53 -8.43
CA GLU A 656 5.53 -52.77 -8.19
C GLU A 656 5.95 -52.23 -6.82
N HIS A 657 5.54 -51.01 -6.51
CA HIS A 657 5.89 -50.39 -5.23
C HIS A 657 5.33 -51.20 -4.06
N LEU A 658 4.05 -51.56 -4.16
CA LEU A 658 3.37 -52.32 -3.12
C LEU A 658 3.97 -53.70 -2.88
N VAL A 659 4.26 -54.41 -3.96
CA VAL A 659 4.83 -55.75 -3.84
C VAL A 659 6.18 -55.70 -3.11
N ARG A 660 6.98 -54.69 -3.46
CA ARG A 660 8.30 -54.52 -2.86
C ARG A 660 8.20 -54.13 -1.38
N CYS A 661 7.16 -53.39 -1.03
CA CYS A 661 6.97 -52.99 0.37
C CYS A 661 6.51 -54.17 1.19
N GLU A 662 5.88 -55.15 0.53
CA GLU A 662 5.41 -56.35 1.19
C GLU A 662 6.65 -57.19 1.51
N THR A 663 7.53 -57.31 0.54
CA THR A 663 8.77 -58.07 0.67
C THR A 663 9.74 -57.41 1.64
N ASP A 664 10.36 -56.31 1.20
CA ASP A 664 11.31 -55.57 2.02
C ASP A 664 10.80 -55.23 3.41
N GLY A 665 9.48 -55.29 3.59
CA GLY A 665 8.87 -55.00 4.87
C GLY A 665 8.90 -53.54 5.29
N THR A 666 8.81 -52.62 4.32
CA THR A 666 8.82 -51.19 4.62
C THR A 666 7.41 -50.60 4.51
N SER A 667 7.23 -49.38 5.01
CA SER A 667 5.91 -48.76 4.96
C SER A 667 5.55 -48.33 3.54
N VAL A 668 4.26 -48.41 3.23
CA VAL A 668 3.74 -48.06 1.92
C VAL A 668 3.62 -46.54 1.76
N LEU A 669 3.23 -45.87 2.83
CA LEU A 669 3.03 -44.43 2.83
C LEU A 669 4.32 -43.61 2.80
N THR A 670 4.93 -43.51 1.63
CA THR A 670 6.15 -42.72 1.46
C THR A 670 5.77 -41.49 0.64
N PRO A 671 6.57 -40.42 0.72
CA PRO A 671 6.24 -39.22 -0.06
C PRO A 671 6.06 -39.52 -1.54
N TRP A 672 6.83 -40.47 -2.05
CA TRP A 672 6.73 -40.85 -3.46
C TRP A 672 5.36 -41.49 -3.70
N TYR A 673 4.94 -42.34 -2.78
CA TYR A 673 3.67 -43.02 -2.89
C TYR A 673 2.52 -42.03 -2.89
N LYS A 674 2.55 -41.09 -1.96
CA LYS A 674 1.51 -40.07 -1.86
C LYS A 674 1.31 -39.38 -3.21
N ASN A 675 2.41 -38.99 -3.84
CA ASN A 675 2.32 -38.33 -5.13
C ASN A 675 1.65 -39.22 -6.17
N CYS A 676 2.25 -40.38 -6.41
CA CYS A 676 1.75 -41.30 -7.43
C CYS A 676 0.30 -41.72 -7.25
N ILE A 677 -0.09 -42.05 -6.03
CA ILE A 677 -1.47 -42.49 -5.79
C ILE A 677 -2.44 -41.34 -6.04
N GLU A 678 -2.02 -40.14 -5.68
CA GLU A 678 -2.86 -38.97 -5.86
C GLU A 678 -2.89 -38.48 -7.29
N ARG A 679 -1.85 -38.79 -8.06
CA ARG A 679 -1.81 -38.38 -9.45
C ARG A 679 -2.79 -39.26 -10.23
N LEU A 680 -2.88 -40.53 -9.83
CA LEU A 680 -3.82 -41.44 -10.47
C LEU A 680 -5.21 -40.88 -10.17
N GLN A 681 -5.41 -40.49 -8.92
CA GLN A 681 -6.69 -39.91 -8.50
C GLN A 681 -7.01 -38.69 -9.36
N GLN A 682 -5.99 -37.86 -9.61
CA GLN A 682 -6.16 -36.66 -10.40
C GLN A 682 -6.63 -36.93 -11.84
N ILE A 683 -6.16 -38.01 -12.45
CA ILE A 683 -6.58 -38.33 -13.81
C ILE A 683 -8.11 -38.40 -13.84
N PHE A 684 -8.68 -39.10 -12.86
CA PHE A 684 -10.13 -39.24 -12.76
C PHE A 684 -10.81 -37.89 -12.52
N LEU A 685 -10.33 -37.17 -11.52
CA LEU A 685 -10.90 -35.88 -11.16
C LEU A 685 -10.94 -34.89 -12.31
N GLN A 686 -9.81 -34.72 -12.96
CA GLN A 686 -9.72 -33.74 -14.04
C GLN A 686 -10.46 -34.10 -15.33
N HIS A 687 -10.83 -35.35 -15.48
CA HIS A 687 -11.51 -35.79 -16.69
C HIS A 687 -12.67 -36.71 -16.37
N HIS A 688 -13.27 -36.52 -15.20
CA HIS A 688 -14.37 -37.37 -14.75
C HIS A 688 -15.49 -37.43 -15.78
N GLN A 689 -15.77 -36.29 -16.40
CA GLN A 689 -16.82 -36.20 -17.40
C GLN A 689 -16.60 -37.20 -18.53
N ILE A 690 -15.45 -37.14 -19.18
CA ILE A 690 -15.15 -38.04 -20.28
C ILE A 690 -14.98 -39.50 -19.88
N ILE A 691 -14.02 -39.78 -19.01
CA ILE A 691 -13.76 -41.15 -18.56
C ILE A 691 -15.03 -41.92 -18.29
N GLN A 692 -16.10 -41.21 -17.94
CA GLN A 692 -17.37 -41.83 -17.63
C GLN A 692 -17.79 -42.89 -18.67
N GLN A 693 -17.69 -42.55 -19.94
CA GLN A 693 -18.07 -43.46 -21.01
C GLN A 693 -17.16 -44.70 -21.13
N TYR A 694 -15.95 -44.58 -20.60
CA TYR A 694 -15.00 -45.69 -20.65
C TYR A 694 -15.07 -46.45 -19.34
N MET A 695 -15.78 -45.86 -18.38
CA MET A 695 -15.95 -46.44 -17.05
C MET A 695 -16.12 -47.95 -17.08
N VAL A 696 -17.07 -48.44 -17.87
CA VAL A 696 -17.33 -49.87 -17.97
C VAL A 696 -16.10 -50.69 -18.36
N THR A 697 -15.56 -50.43 -19.54
CA THR A 697 -14.39 -51.15 -20.04
C THR A 697 -13.27 -51.20 -19.01
N LEU A 698 -13.12 -50.12 -18.27
CA LEU A 698 -12.09 -50.01 -17.25
C LEU A 698 -12.27 -51.06 -16.15
N GLU A 699 -13.52 -51.24 -15.73
CA GLU A 699 -13.86 -52.17 -14.68
C GLU A 699 -13.68 -53.63 -15.11
N ASN A 700 -13.84 -53.87 -16.41
CA ASN A 700 -13.72 -55.22 -16.95
C ASN A 700 -12.28 -55.68 -17.18
N LEU A 701 -11.45 -54.81 -17.74
CA LEU A 701 -10.07 -55.13 -18.10
C LEU A 701 -8.94 -54.66 -17.19
N LEU A 702 -9.15 -53.54 -16.50
CA LEU A 702 -8.09 -53.00 -15.66
C LEU A 702 -8.37 -52.95 -14.17
N PHE A 703 -9.44 -52.26 -13.79
CA PHE A 703 -9.76 -52.16 -12.37
C PHE A 703 -10.68 -53.29 -11.92
N THR A 704 -10.11 -54.48 -11.92
CA THR A 704 -10.82 -55.70 -11.55
C THR A 704 -10.64 -55.96 -10.06
N ALA A 705 -11.33 -56.97 -9.55
CA ALA A 705 -11.24 -57.31 -8.14
C ALA A 705 -9.86 -57.88 -7.77
N GLU A 706 -9.10 -58.24 -8.80
CA GLU A 706 -7.76 -58.81 -8.59
C GLU A 706 -6.74 -57.75 -8.18
N LEU A 707 -7.02 -56.49 -8.50
CA LEU A 707 -6.11 -55.39 -8.15
C LEU A 707 -5.90 -55.23 -6.65
N ASP A 708 -4.74 -54.71 -6.28
CA ASP A 708 -4.40 -54.45 -4.90
C ASP A 708 -5.45 -53.44 -4.42
N PRO A 709 -6.06 -53.67 -3.25
CA PRO A 709 -7.06 -52.73 -2.75
C PRO A 709 -6.64 -51.26 -2.74
N HIS A 710 -5.35 -50.99 -2.52
CA HIS A 710 -4.86 -49.62 -2.52
C HIS A 710 -5.18 -48.92 -3.83
N ILE A 711 -5.04 -49.65 -4.94
CA ILE A 711 -5.30 -49.09 -6.25
C ILE A 711 -6.79 -49.12 -6.61
N LEU A 712 -7.42 -50.27 -6.42
CA LEU A 712 -8.85 -50.42 -6.71
C LEU A 712 -9.68 -49.34 -5.99
N ALA A 713 -9.22 -48.94 -4.80
CA ALA A 713 -9.92 -47.95 -4.00
C ALA A 713 -10.12 -46.62 -4.72
N VAL A 714 -9.12 -46.19 -5.48
CA VAL A 714 -9.23 -44.94 -6.22
C VAL A 714 -10.35 -45.05 -7.26
N PHE A 715 -10.43 -46.20 -7.93
CA PHE A 715 -11.45 -46.41 -8.95
C PHE A 715 -12.86 -46.43 -8.34
N GLN A 716 -13.00 -46.99 -7.15
CA GLN A 716 -14.30 -47.05 -6.51
C GLN A 716 -14.76 -45.70 -5.94
N GLN A 717 -13.81 -44.91 -5.46
CA GLN A 717 -14.12 -43.59 -4.92
C GLN A 717 -14.60 -42.74 -6.09
N PHE A 718 -13.98 -42.95 -7.25
CA PHE A 718 -14.36 -42.20 -8.43
C PHE A 718 -15.80 -42.53 -8.84
N CYS A 719 -16.15 -43.80 -8.87
CA CYS A 719 -17.50 -44.22 -9.23
C CYS A 719 -18.51 -43.66 -8.24
N ALA A 720 -18.09 -43.55 -6.99
CA ALA A 720 -18.95 -43.04 -5.93
C ALA A 720 -19.48 -41.64 -6.23
N LEU A 721 -18.85 -40.94 -7.16
CA LEU A 721 -19.27 -39.58 -7.50
C LEU A 721 -20.64 -39.55 -8.20
N GLN A 722 -21.05 -40.67 -8.78
CA GLN A 722 -22.34 -40.71 -9.47
C GLN A 722 -23.17 -41.94 -9.06
N ALA A 723 -22.75 -42.60 -7.99
CA ALA A 723 -23.45 -43.78 -7.50
C ALA A 723 -24.66 -43.41 -6.64
N THR B 8 43.86 17.79 35.19
CA THR B 8 42.67 16.93 34.94
C THR B 8 42.33 16.91 33.45
N GLU B 9 41.54 15.92 33.05
CA GLU B 9 41.12 15.78 31.67
C GLU B 9 40.14 16.88 31.27
N ASP B 10 39.44 17.44 32.26
CA ASP B 10 38.48 18.52 32.02
C ASP B 10 39.20 19.76 31.49
N HIS B 11 40.29 20.12 32.15
CA HIS B 11 41.08 21.27 31.76
C HIS B 11 41.50 21.09 30.31
N LEU B 12 41.93 19.88 29.98
CA LEU B 12 42.37 19.53 28.64
C LEU B 12 41.26 19.76 27.61
N GLU B 13 40.06 19.24 27.90
CA GLU B 13 38.93 19.42 26.99
C GLU B 13 38.62 20.90 26.81
N SER B 14 38.63 21.63 27.92
CA SER B 14 38.34 23.05 27.88
C SER B 14 39.33 23.76 26.95
N LEU B 15 40.61 23.56 27.19
CA LEU B 15 41.66 24.16 26.37
C LEU B 15 41.43 23.94 24.89
N ILE B 16 41.15 22.68 24.53
CA ILE B 16 40.93 22.34 23.13
C ILE B 16 39.69 23.00 22.55
N CYS B 17 38.63 23.04 23.34
CA CYS B 17 37.39 23.64 22.87
C CYS B 17 37.41 25.16 22.77
N LYS B 18 38.17 25.81 23.64
CA LYS B 18 38.23 27.26 23.66
C LYS B 18 39.24 27.91 22.71
N VAL B 19 40.16 27.13 22.18
CA VAL B 19 41.12 27.72 21.25
C VAL B 19 40.35 28.30 20.06
N GLY B 20 40.73 29.49 19.64
CA GLY B 20 40.06 30.11 18.52
C GLY B 20 38.92 31.06 18.87
N GLU B 21 38.57 31.12 20.14
CA GLU B 21 37.50 32.01 20.58
C GLU B 21 38.10 33.38 20.93
N LYS B 22 37.26 34.30 21.38
CA LYS B 22 37.72 35.64 21.75
C LYS B 22 38.96 35.53 22.63
N SER B 23 39.97 36.33 22.32
CA SER B 23 41.21 36.29 23.08
C SER B 23 42.06 37.55 22.89
N ALA B 24 42.91 37.82 23.86
CA ALA B 24 43.80 38.99 23.80
C ALA B 24 45.01 38.63 22.94
N CYS B 25 45.28 37.34 22.84
CA CYS B 25 46.39 36.85 22.02
C CYS B 25 45.88 36.43 20.66
N SER B 26 46.78 36.40 19.67
CA SER B 26 46.41 36.03 18.32
C SER B 26 46.12 34.54 18.23
N LEU B 27 45.39 34.16 17.19
CA LEU B 27 45.04 32.76 16.96
C LEU B 27 46.30 31.93 16.80
N GLU B 28 47.26 32.47 16.05
CA GLU B 28 48.53 31.79 15.83
C GLU B 28 49.21 31.49 17.17
N SER B 29 49.38 32.54 17.97
CA SER B 29 49.99 32.41 19.28
C SER B 29 49.28 31.37 20.13
N ASN B 30 47.94 31.43 20.15
CA ASN B 30 47.14 30.49 20.93
C ASN B 30 47.31 29.05 20.46
N LEU B 31 47.37 28.85 19.14
CA LEU B 31 47.55 27.52 18.60
C LEU B 31 48.93 27.00 18.97
N GLU B 32 49.91 27.90 18.89
CA GLU B 32 51.29 27.59 19.24
C GLU B 32 51.35 27.06 20.67
N GLY B 33 50.81 27.85 21.58
CA GLY B 33 50.81 27.46 22.98
C GLY B 33 50.10 26.14 23.27
N LEU B 34 48.88 25.99 22.77
CA LEU B 34 48.14 24.76 23.01
C LEU B 34 48.92 23.55 22.50
N ALA B 35 49.61 23.71 21.39
CA ALA B 35 50.39 22.61 20.84
C ALA B 35 51.41 22.17 21.90
N GLY B 36 52.07 23.15 22.53
CA GLY B 36 53.06 22.86 23.56
C GLY B 36 52.49 22.09 24.75
N VAL B 37 51.39 22.59 25.31
CA VAL B 37 50.75 21.92 26.44
C VAL B 37 50.40 20.49 26.08
N LEU B 38 49.70 20.31 24.97
CA LEU B 38 49.29 18.97 24.56
C LEU B 38 50.48 18.04 24.35
N GLU B 39 51.56 18.55 23.76
CA GLU B 39 52.74 17.73 23.52
C GLU B 39 53.26 17.19 24.85
N ALA B 40 53.37 18.07 25.84
CA ALA B 40 53.86 17.70 27.16
C ALA B 40 52.91 16.75 27.90
N ASP B 41 51.64 16.78 27.53
CA ASP B 41 50.65 15.92 28.18
C ASP B 41 50.47 14.55 27.53
N LEU B 42 51.10 14.35 26.38
CA LEU B 42 50.99 13.07 25.68
C LEU B 42 51.34 11.85 26.53
N PRO B 43 52.46 11.90 27.27
CA PRO B 43 52.89 10.77 28.11
C PRO B 43 51.82 10.17 29.02
N ASN B 44 50.97 10.99 29.61
CA ASN B 44 49.93 10.46 30.48
C ASN B 44 48.51 10.66 29.95
N TYR B 45 48.36 11.45 28.89
CA TYR B 45 47.03 11.72 28.35
C TYR B 45 46.87 11.56 26.84
N LYS B 46 47.85 10.94 26.18
CA LYS B 46 47.77 10.76 24.72
C LYS B 46 46.39 10.25 24.29
N SER B 47 45.95 9.16 24.91
CA SER B 47 44.67 8.55 24.62
C SER B 47 43.50 9.54 24.67
N LYS B 48 43.38 10.27 25.77
CA LYS B 48 42.34 11.26 25.96
C LYS B 48 42.40 12.37 24.90
N ILE B 49 43.61 12.83 24.59
CA ILE B 49 43.81 13.90 23.61
C ILE B 49 43.40 13.49 22.21
N LEU B 50 43.74 12.26 21.83
CA LEU B 50 43.38 11.75 20.50
C LEU B 50 41.87 11.76 20.37
N ARG B 51 41.19 11.33 21.43
CA ARG B 51 39.74 11.28 21.43
C ARG B 51 39.12 12.66 21.31
N LEU B 52 39.57 13.59 22.14
CA LEU B 52 39.05 14.96 22.09
C LEU B 52 39.23 15.54 20.69
N LEU B 53 40.42 15.39 20.12
CA LEU B 53 40.68 15.93 18.79
C LEU B 53 39.78 15.30 17.73
N CYS B 54 39.52 14.00 17.84
CA CYS B 54 38.64 13.34 16.89
C CYS B 54 37.23 13.89 17.08
N THR B 55 36.86 14.16 18.32
CA THR B 55 35.54 14.69 18.63
C THR B 55 35.30 16.06 18.02
N VAL B 56 36.24 16.99 18.17
CA VAL B 56 36.02 18.31 17.59
C VAL B 56 36.08 18.22 16.08
N ALA B 57 36.74 17.19 15.59
CA ALA B 57 36.88 16.98 14.16
C ALA B 57 35.51 16.74 13.51
N ARG B 58 34.63 16.03 14.20
CA ARG B 58 33.31 15.77 13.62
C ARG B 58 32.17 16.60 14.20
N LEU B 59 32.42 17.31 15.31
CA LEU B 59 31.35 18.10 15.93
C LEU B 59 31.46 19.62 15.75
N LEU B 60 32.63 20.11 15.39
CA LEU B 60 32.80 21.53 15.20
C LEU B 60 33.36 21.87 13.81
N PRO B 61 32.69 21.40 12.75
CA PRO B 61 33.17 21.69 11.39
C PRO B 61 33.36 23.18 11.10
N GLU B 62 32.66 24.05 11.82
CA GLU B 62 32.80 25.47 11.57
C GLU B 62 34.19 25.96 11.94
N LYS B 63 34.90 25.17 12.75
CA LYS B 63 36.25 25.53 13.18
C LYS B 63 37.31 24.62 12.55
N LEU B 64 36.93 23.98 11.45
CA LEU B 64 37.78 23.06 10.70
C LEU B 64 39.27 23.41 10.55
N THR B 65 39.54 24.60 10.02
CA THR B 65 40.93 25.02 9.81
C THR B 65 41.70 25.35 11.08
N ILE B 66 40.99 25.60 12.17
CA ILE B 66 41.66 25.91 13.44
C ILE B 66 42.29 24.61 13.94
N TYR B 67 41.50 23.55 13.97
CA TYR B 67 41.94 22.24 14.44
C TYR B 67 42.86 21.44 13.53
N THR B 68 42.74 21.59 12.21
CA THR B 68 43.64 20.88 11.33
C THR B 68 45.05 21.41 11.61
N THR B 69 45.14 22.72 11.81
CA THR B 69 46.41 23.38 12.09
C THR B 69 46.99 22.85 13.40
N LEU B 70 46.16 22.82 14.45
CA LEU B 70 46.62 22.32 15.74
C LEU B 70 47.21 20.93 15.56
N VAL B 71 46.53 20.09 14.77
CA VAL B 71 47.00 18.73 14.53
C VAL B 71 48.29 18.80 13.71
N GLY B 72 48.37 19.78 12.82
CA GLY B 72 49.57 19.93 12.00
C GLY B 72 50.79 20.19 12.88
N LEU B 73 50.66 21.13 13.81
CA LEU B 73 51.74 21.48 14.72
C LEU B 73 52.14 20.28 15.58
N LEU B 74 51.14 19.56 16.10
CA LEU B 74 51.40 18.40 16.92
C LEU B 74 52.16 17.32 16.14
N ASN B 75 51.87 17.20 14.86
CA ASN B 75 52.53 16.20 14.04
C ASN B 75 54.01 16.54 13.83
N ALA B 76 54.28 17.82 13.55
CA ALA B 76 55.65 18.26 13.34
C ALA B 76 56.54 17.99 14.55
N ARG B 77 55.96 18.00 15.74
CA ARG B 77 56.70 17.75 16.97
C ARG B 77 56.80 16.26 17.31
N ASN B 78 55.72 15.52 17.04
CA ASN B 78 55.69 14.10 17.33
C ASN B 78 55.03 13.35 16.18
N TYR B 79 55.85 12.89 15.25
CA TYR B 79 55.37 12.16 14.08
C TYR B 79 54.45 10.99 14.44
N ASN B 80 54.87 10.18 15.40
CA ASN B 80 54.09 9.02 15.83
C ASN B 80 52.68 9.37 16.29
N PHE B 81 52.49 10.60 16.79
CA PHE B 81 51.18 11.04 17.24
C PHE B 81 50.27 11.27 16.04
N GLY B 82 50.76 12.05 15.08
CA GLY B 82 50.00 12.33 13.88
C GLY B 82 49.51 11.05 13.23
N GLY B 83 50.34 10.02 13.26
CA GLY B 83 49.98 8.74 12.67
C GLY B 83 48.86 8.08 13.44
N GLU B 84 48.90 8.20 14.77
CA GLU B 84 47.86 7.60 15.59
C GLU B 84 46.56 8.37 15.43
N PHE B 85 46.67 9.66 15.17
CA PHE B 85 45.48 10.49 14.98
C PHE B 85 44.80 10.14 13.66
N VAL B 86 45.57 10.10 12.59
CA VAL B 86 45.01 9.76 11.29
C VAL B 86 44.34 8.40 11.38
N GLU B 87 45.02 7.45 12.01
CA GLU B 87 44.50 6.10 12.16
C GLU B 87 43.20 6.12 12.97
N ALA B 88 43.15 6.97 13.98
CA ALA B 88 41.96 7.08 14.83
C ALA B 88 40.82 7.70 14.02
N MET B 89 41.18 8.55 13.07
CA MET B 89 40.19 9.22 12.23
C MET B 89 39.51 8.25 11.28
N ILE B 90 40.31 7.45 10.58
CA ILE B 90 39.74 6.48 9.65
C ILE B 90 38.84 5.48 10.39
N ARG B 91 39.19 5.12 11.62
CA ARG B 91 38.33 4.20 12.37
C ARG B 91 37.00 4.87 12.64
N GLN B 92 37.07 6.14 13.05
CA GLN B 92 35.86 6.90 13.34
C GLN B 92 35.00 6.99 12.08
N LEU B 93 35.60 7.41 10.97
CA LEU B 93 34.87 7.53 9.72
C LEU B 93 34.14 6.24 9.36
N LYS B 94 34.77 5.10 9.65
CA LYS B 94 34.14 3.81 9.36
C LYS B 94 32.98 3.56 10.32
N GLU B 95 33.16 3.95 11.57
CA GLU B 95 32.12 3.75 12.56
C GLU B 95 30.89 4.60 12.24
N SER B 96 31.13 5.83 11.81
CA SER B 96 30.05 6.74 11.46
C SER B 96 29.26 6.26 10.25
N LEU B 97 29.98 5.81 9.21
CA LEU B 97 29.33 5.33 8.00
C LEU B 97 28.49 4.10 8.33
N LYS B 98 29.00 3.27 9.23
CA LYS B 98 28.31 2.05 9.66
C LYS B 98 27.00 2.40 10.39
N ALA B 99 27.02 3.50 11.13
CA ALA B 99 25.84 3.95 11.89
C ALA B 99 24.97 4.93 11.09
N ASN B 100 25.15 4.94 9.78
CA ASN B 100 24.38 5.83 8.90
C ASN B 100 24.51 7.33 9.20
N ASN B 101 25.58 7.73 9.88
CA ASN B 101 25.80 9.15 10.20
C ASN B 101 26.62 9.79 9.08
N TYR B 102 26.05 9.76 7.87
CA TYR B 102 26.69 10.32 6.68
C TYR B 102 26.95 11.81 6.76
N ASN B 103 26.10 12.55 7.46
CA ASN B 103 26.28 13.99 7.58
C ASN B 103 27.54 14.30 8.39
N GLU B 104 27.80 13.47 9.40
CA GLU B 104 28.98 13.65 10.24
C GLU B 104 30.24 13.19 9.51
N ALA B 105 30.12 12.14 8.71
CA ALA B 105 31.25 11.60 7.95
C ALA B 105 31.88 12.65 7.05
N VAL B 106 31.05 13.48 6.42
CA VAL B 106 31.55 14.53 5.53
C VAL B 106 32.54 15.44 6.25
N TYR B 107 32.20 15.85 7.46
CA TYR B 107 33.10 16.72 8.21
C TYR B 107 34.42 16.01 8.45
N LEU B 108 34.34 14.71 8.71
CA LEU B 108 35.53 13.91 8.93
C LEU B 108 36.34 13.90 7.63
N VAL B 109 35.66 13.72 6.50
CA VAL B 109 36.33 13.69 5.21
C VAL B 109 36.99 15.03 4.89
N ARG B 110 36.31 16.14 5.21
CA ARG B 110 36.89 17.45 4.95
C ARG B 110 38.08 17.67 5.85
N PHE B 111 38.00 17.15 7.07
CA PHE B 111 39.10 17.29 8.03
C PHE B 111 40.34 16.59 7.46
N LEU B 112 40.17 15.37 6.98
CA LEU B 112 41.27 14.63 6.40
C LEU B 112 41.80 15.37 5.17
N SER B 113 40.90 16.00 4.43
CA SER B 113 41.29 16.76 3.23
C SER B 113 42.17 17.95 3.60
N ASP B 114 41.68 18.79 4.50
CA ASP B 114 42.43 19.97 4.90
C ASP B 114 43.73 19.60 5.60
N LEU B 115 43.81 18.39 6.13
CA LEU B 115 45.03 17.97 6.79
C LEU B 115 46.16 17.81 5.79
N VAL B 116 45.80 17.81 4.49
CA VAL B 116 46.80 17.71 3.44
C VAL B 116 47.55 19.04 3.37
N ASN B 117 46.79 20.13 3.50
CA ASN B 117 47.38 21.48 3.46
C ASN B 117 48.26 21.69 4.69
N CYS B 118 48.06 20.89 5.73
CA CYS B 118 48.82 21.01 6.96
C CYS B 118 50.03 20.07 6.98
N HIS B 119 50.28 19.44 5.83
CA HIS B 119 51.40 18.52 5.71
C HIS B 119 51.33 17.34 6.66
N VAL B 120 50.12 16.90 6.99
CA VAL B 120 49.97 15.76 7.87
C VAL B 120 49.65 14.54 7.04
N ILE B 121 48.92 14.75 5.93
CA ILE B 121 48.54 13.68 5.02
C ILE B 121 49.03 13.97 3.60
N ALA B 122 49.64 12.97 2.97
CA ALA B 122 50.17 13.12 1.62
C ALA B 122 49.08 13.18 0.54
N ALA B 123 49.15 14.22 -0.30
CA ALA B 123 48.16 14.42 -1.36
C ALA B 123 47.77 13.14 -2.12
N PRO B 124 48.77 12.38 -2.63
CA PRO B 124 48.49 11.15 -3.36
C PRO B 124 47.48 10.23 -2.69
N SER B 125 47.67 9.94 -1.41
CA SER B 125 46.75 9.06 -0.69
C SER B 125 45.33 9.61 -0.61
N MET B 126 45.18 10.93 -0.55
CA MET B 126 43.85 11.54 -0.51
C MET B 126 43.20 11.41 -1.89
N VAL B 127 44.01 11.51 -2.93
CA VAL B 127 43.50 11.38 -4.29
C VAL B 127 42.99 9.96 -4.51
N ALA B 128 43.72 8.99 -3.97
CA ALA B 128 43.32 7.59 -4.09
C ALA B 128 42.02 7.35 -3.35
N MET B 129 41.85 8.01 -2.21
CA MET B 129 40.62 7.84 -1.44
C MET B 129 39.46 8.40 -2.24
N PHE B 130 39.62 9.62 -2.77
CA PHE B 130 38.55 10.22 -3.55
C PHE B 130 38.22 9.40 -4.79
N GLU B 131 39.23 8.73 -5.35
CA GLU B 131 38.99 7.90 -6.53
C GLU B 131 38.06 6.76 -6.17
N ASN B 132 38.22 6.19 -4.97
CA ASN B 132 37.35 5.11 -4.53
C ASN B 132 35.95 5.69 -4.27
N PHE B 133 35.90 6.91 -3.74
CA PHE B 133 34.64 7.58 -3.46
C PHE B 133 33.83 7.67 -4.76
N VAL B 134 34.42 8.30 -5.76
CA VAL B 134 33.74 8.47 -7.04
C VAL B 134 33.45 7.15 -7.73
N SER B 135 34.17 6.11 -7.33
CA SER B 135 33.97 4.80 -7.94
C SER B 135 32.61 4.24 -7.54
N VAL B 136 32.05 4.78 -6.46
CA VAL B 136 30.75 4.34 -5.97
C VAL B 136 29.68 4.61 -7.03
N THR B 137 29.89 5.60 -7.87
CA THR B 137 28.92 5.91 -8.93
C THR B 137 28.91 4.81 -9.98
N GLN B 138 29.86 3.89 -9.88
CA GLN B 138 29.95 2.80 -10.83
C GLN B 138 29.38 1.53 -10.24
N GLU B 139 29.08 1.55 -8.94
CA GLU B 139 28.49 0.38 -8.28
C GLU B 139 27.17 0.04 -8.96
N GLU B 140 26.87 -1.23 -9.08
CA GLU B 140 25.64 -1.64 -9.73
C GLU B 140 24.51 -1.90 -8.74
N ASP B 141 23.29 -1.55 -9.15
CA ASP B 141 22.09 -1.73 -8.35
C ASP B 141 22.08 -1.12 -6.96
N VAL B 142 22.41 0.17 -6.87
CA VAL B 142 22.38 0.85 -5.58
C VAL B 142 21.56 2.13 -5.73
N PRO B 143 21.05 2.66 -4.61
CA PRO B 143 20.24 3.87 -4.62
C PRO B 143 21.01 5.10 -5.12
N GLN B 144 20.34 5.98 -5.86
CA GLN B 144 20.97 7.19 -6.35
C GLN B 144 21.48 8.04 -5.17
N VAL B 145 20.76 8.03 -4.06
CA VAL B 145 21.18 8.81 -2.90
C VAL B 145 22.49 8.34 -2.29
N ARG B 146 22.88 7.09 -2.53
CA ARG B 146 24.13 6.57 -2.00
C ARG B 146 25.28 7.06 -2.86
N ARG B 147 25.08 7.07 -4.18
CA ARG B 147 26.11 7.52 -5.10
C ARG B 147 26.30 9.02 -4.84
N ASP B 148 25.18 9.71 -4.70
CA ASP B 148 25.17 11.15 -4.45
C ASP B 148 26.05 11.56 -3.28
N TRP B 149 25.91 10.88 -2.15
CA TRP B 149 26.69 11.24 -0.98
C TRP B 149 28.19 11.16 -1.19
N TYR B 150 28.67 10.07 -1.75
CA TYR B 150 30.10 9.93 -1.97
C TYR B 150 30.62 11.02 -2.89
N VAL B 151 29.80 11.38 -3.89
CA VAL B 151 30.19 12.43 -4.81
C VAL B 151 30.20 13.75 -4.07
N TYR B 152 29.21 13.96 -3.21
CA TYR B 152 29.10 15.18 -2.44
C TYR B 152 30.25 15.32 -1.43
N ALA B 153 30.60 14.21 -0.78
CA ALA B 153 31.68 14.21 0.21
C ALA B 153 32.96 14.65 -0.48
N PHE B 154 33.12 14.22 -1.72
CA PHE B 154 34.29 14.58 -2.52
C PHE B 154 34.22 16.05 -2.93
N LEU B 155 33.26 16.39 -3.78
CA LEU B 155 33.12 17.77 -4.26
C LEU B 155 33.16 18.85 -3.18
N SER B 156 32.49 18.62 -2.04
CA SER B 156 32.49 19.64 -0.98
C SER B 156 33.80 19.77 -0.22
N SER B 157 34.80 18.96 -0.56
CA SER B 157 36.09 19.04 0.11
C SER B 157 37.05 19.91 -0.69
N LEU B 158 36.85 19.95 -2.00
CA LEU B 158 37.71 20.71 -2.90
C LEU B 158 37.98 22.15 -2.47
N PRO B 159 36.94 22.87 -2.03
CA PRO B 159 37.13 24.27 -1.60
C PRO B 159 38.34 24.42 -0.68
N TRP B 160 38.63 23.36 0.07
CA TRP B 160 39.76 23.35 0.99
C TRP B 160 41.04 22.73 0.43
N VAL B 161 40.91 21.55 -0.17
CA VAL B 161 42.08 20.83 -0.68
C VAL B 161 42.21 20.71 -2.19
N GLY B 162 41.26 21.30 -2.93
CA GLY B 162 41.30 21.22 -4.38
C GLY B 162 42.59 21.72 -5.02
N LYS B 163 43.06 22.88 -4.60
CA LYS B 163 44.28 23.44 -5.16
C LYS B 163 45.48 22.50 -4.99
N GLU B 164 45.65 22.00 -3.78
CA GLU B 164 46.75 21.09 -3.50
C GLU B 164 46.69 19.80 -4.31
N LEU B 165 45.51 19.16 -4.36
CA LEU B 165 45.38 17.92 -5.11
C LEU B 165 45.62 18.09 -6.63
N TYR B 166 45.05 19.15 -7.19
CA TYR B 166 45.21 19.39 -8.63
C TYR B 166 46.63 19.78 -8.97
N GLU B 167 47.38 20.19 -7.95
CA GLU B 167 48.75 20.62 -8.14
C GLU B 167 49.73 19.46 -8.12
N LYS B 168 49.38 18.40 -7.41
CA LYS B 168 50.24 17.23 -7.29
C LYS B 168 49.85 16.07 -8.19
N LYS B 169 48.61 16.08 -8.68
CA LYS B 169 48.12 15.00 -9.53
C LYS B 169 47.07 15.47 -10.52
N ASP B 170 47.36 16.53 -11.26
CA ASP B 170 46.42 17.08 -12.22
C ASP B 170 45.79 16.07 -13.17
N ALA B 171 46.56 15.08 -13.61
CA ALA B 171 46.04 14.07 -14.52
C ALA B 171 44.97 13.21 -13.84
N GLU B 172 45.29 12.71 -12.65
CA GLU B 172 44.37 11.89 -11.90
C GLU B 172 43.08 12.64 -11.56
N MET B 173 43.20 13.92 -11.22
CA MET B 173 42.02 14.73 -10.90
C MET B 173 41.13 14.89 -12.13
N ASP B 174 41.73 15.13 -13.29
CA ASP B 174 40.95 15.28 -14.51
C ASP B 174 40.11 14.03 -14.73
N ARG B 175 40.70 12.88 -14.45
CA ARG B 175 40.00 11.63 -14.63
C ARG B 175 38.83 11.55 -13.66
N ILE B 176 39.07 11.92 -12.40
CA ILE B 176 38.00 11.88 -11.41
C ILE B 176 36.89 12.84 -11.83
N PHE B 177 37.26 14.01 -12.32
CA PHE B 177 36.28 15.00 -12.75
C PHE B 177 35.46 14.49 -13.93
N ALA B 178 36.13 13.77 -14.84
CA ALA B 178 35.47 13.22 -16.02
C ALA B 178 34.38 12.23 -15.60
N ASN B 179 34.74 11.33 -14.69
CA ASN B 179 33.80 10.34 -14.18
C ASN B 179 32.66 11.01 -13.39
N THR B 180 32.99 12.10 -12.67
CA THR B 180 31.99 12.81 -11.88
C THR B 180 30.94 13.47 -12.78
N GLU B 181 31.39 14.26 -13.74
CA GLU B 181 30.48 14.94 -14.64
C GLU B 181 29.62 13.94 -15.41
N SER B 182 30.22 12.83 -15.77
CA SER B 182 29.52 11.78 -16.50
C SER B 182 28.35 11.28 -15.66
N TYR B 183 28.61 11.04 -14.37
CA TYR B 183 27.57 10.57 -13.48
C TYR B 183 26.48 11.64 -13.28
N LEU B 184 26.91 12.88 -13.05
CA LEU B 184 25.96 13.97 -12.82
C LEU B 184 24.98 14.13 -13.99
N LYS B 185 25.48 13.95 -15.21
CA LYS B 185 24.64 14.09 -16.40
C LYS B 185 23.55 13.03 -16.53
N ARG B 186 23.68 11.93 -15.79
CA ARG B 186 22.67 10.89 -15.87
C ARG B 186 21.80 10.67 -14.61
N ARG B 187 21.89 11.58 -13.64
CA ARG B 187 21.08 11.47 -12.43
C ARG B 187 19.64 11.86 -12.77
N GLN B 188 18.68 11.30 -12.04
CA GLN B 188 17.28 11.64 -12.26
C GLN B 188 16.98 12.85 -11.38
N LYS B 189 16.20 13.80 -11.90
CA LYS B 189 15.86 15.01 -11.16
C LYS B 189 14.39 15.03 -10.74
N THR B 190 13.82 13.85 -10.56
CA THR B 190 12.42 13.70 -10.18
C THR B 190 12.02 14.36 -8.85
N HIS B 191 12.93 14.34 -7.89
CA HIS B 191 12.68 14.91 -6.57
C HIS B 191 12.61 16.44 -6.51
N VAL B 192 13.21 17.11 -7.49
CA VAL B 192 13.26 18.58 -7.51
C VAL B 192 11.96 19.38 -7.31
N PRO B 193 10.94 19.16 -8.14
CA PRO B 193 9.71 19.94 -7.97
C PRO B 193 9.10 19.83 -6.56
N MET B 194 9.47 18.78 -5.84
CA MET B 194 8.94 18.57 -4.50
C MET B 194 9.75 19.23 -3.39
N LEU B 195 10.99 19.64 -3.70
CA LEU B 195 11.83 20.27 -2.69
C LEU B 195 12.07 21.75 -2.95
N GLN B 196 11.49 22.29 -4.02
CA GLN B 196 11.68 23.70 -4.33
C GLN B 196 10.77 24.61 -3.53
N VAL B 197 11.33 25.65 -2.94
CA VAL B 197 10.53 26.60 -2.18
C VAL B 197 9.70 27.44 -3.17
N TRP B 198 10.29 27.73 -4.33
CA TRP B 198 9.62 28.49 -5.40
C TRP B 198 9.82 27.71 -6.72
N THR B 199 8.79 27.66 -7.56
CA THR B 199 8.93 26.96 -8.84
C THR B 199 9.38 27.92 -9.96
N ALA B 200 9.17 29.21 -9.76
CA ALA B 200 9.60 30.18 -10.74
C ALA B 200 11.12 30.20 -10.77
N ASP B 201 11.70 30.44 -11.94
CA ASP B 201 13.15 30.48 -12.05
C ASP B 201 13.69 31.91 -12.00
N LYS B 202 12.78 32.87 -11.84
CA LYS B 202 13.16 34.28 -11.75
C LYS B 202 12.57 34.82 -10.45
N PRO B 203 13.33 35.66 -9.72
CA PRO B 203 14.69 36.12 -10.03
C PRO B 203 15.80 35.13 -9.72
N HIS B 204 15.51 34.11 -8.92
CA HIS B 204 16.55 33.13 -8.58
C HIS B 204 16.06 31.71 -8.71
N PRO B 205 16.72 30.92 -9.55
CA PRO B 205 16.30 29.53 -9.72
C PRO B 205 16.69 28.77 -8.45
N GLN B 206 15.83 27.87 -7.99
CA GLN B 206 16.16 27.09 -6.80
C GLN B 206 16.82 25.83 -7.39
N GLU B 207 18.14 25.80 -7.35
CA GLU B 207 18.92 24.70 -7.93
C GLU B 207 19.12 23.44 -7.12
N GLU B 208 19.15 22.30 -7.83
CA GLU B 208 19.38 21.00 -7.20
C GLU B 208 20.80 21.12 -6.65
N TYR B 209 21.01 20.68 -5.41
CA TYR B 209 22.31 20.84 -4.75
C TYR B 209 23.57 20.33 -5.44
N LEU B 210 23.52 19.16 -6.05
CA LEU B 210 24.72 18.66 -6.73
C LEU B 210 25.01 19.43 -8.01
N ASP B 211 23.96 19.90 -8.69
CA ASP B 211 24.19 20.66 -9.92
C ASP B 211 24.80 22.00 -9.55
N CYS B 212 24.37 22.52 -8.41
CA CYS B 212 24.84 23.79 -7.92
C CYS B 212 26.29 23.70 -7.48
N LEU B 213 26.61 22.70 -6.65
CA LEU B 213 27.96 22.52 -6.15
C LEU B 213 28.95 22.32 -7.29
N TRP B 214 28.53 21.54 -8.28
CA TRP B 214 29.36 21.26 -9.45
C TRP B 214 29.71 22.57 -10.17
N ALA B 215 28.71 23.44 -10.34
CA ALA B 215 28.94 24.71 -11.00
C ALA B 215 29.91 25.54 -10.18
N GLN B 216 29.79 25.46 -8.85
CA GLN B 216 30.69 26.22 -7.99
C GLN B 216 32.12 25.71 -8.04
N ILE B 217 32.28 24.39 -8.10
CA ILE B 217 33.61 23.80 -8.17
C ILE B 217 34.24 24.10 -9.54
N GLN B 218 33.40 24.26 -10.56
CA GLN B 218 33.89 24.59 -11.90
C GLN B 218 34.44 26.02 -11.92
N LYS B 219 33.79 26.94 -11.21
CA LYS B 219 34.26 28.32 -11.19
C LYS B 219 35.58 28.38 -10.44
N LEU B 220 35.68 27.58 -9.38
CA LEU B 220 36.90 27.54 -8.58
C LEU B 220 38.06 27.05 -9.46
N LYS B 221 37.84 25.94 -10.16
CA LYS B 221 38.86 25.37 -11.04
C LYS B 221 39.26 26.40 -12.09
N LYS B 222 38.27 27.06 -12.69
CA LYS B 222 38.53 28.06 -13.70
C LYS B 222 39.40 29.16 -13.13
N ASP B 223 39.09 29.54 -11.89
CA ASP B 223 39.84 30.58 -11.20
C ASP B 223 41.15 30.04 -10.63
N ARG B 224 41.60 28.90 -11.17
CA ARG B 224 42.84 28.31 -10.73
C ARG B 224 42.86 27.93 -9.25
N TRP B 225 41.77 27.34 -8.78
CA TRP B 225 41.65 26.90 -7.40
C TRP B 225 41.98 27.94 -6.34
N GLN B 226 41.52 29.17 -6.55
CA GLN B 226 41.76 30.25 -5.59
C GLN B 226 40.42 30.81 -5.12
N GLU B 227 40.22 30.84 -3.81
CA GLU B 227 38.99 31.40 -3.25
C GLU B 227 39.32 32.46 -2.21
N ARG B 228 38.46 33.46 -2.10
CA ARG B 228 38.67 34.60 -1.20
C ARG B 228 37.98 34.57 0.16
N HIS B 229 37.75 33.41 0.75
CA HIS B 229 37.04 33.41 2.03
C HIS B 229 37.62 32.58 3.16
N ILE B 230 37.87 31.31 2.91
CA ILE B 230 38.39 30.42 3.94
C ILE B 230 39.62 30.95 4.68
N LEU B 231 39.60 30.85 6.00
CA LEU B 231 40.73 31.29 6.82
C LEU B 231 41.62 30.07 6.99
N ARG B 232 42.88 30.19 6.62
CA ARG B 232 43.80 29.08 6.73
C ARG B 232 44.95 29.41 7.67
N PRO B 233 44.73 29.20 8.99
CA PRO B 233 45.71 29.45 10.05
C PRO B 233 47.08 28.82 9.80
N TYR B 234 47.08 27.64 9.22
CA TYR B 234 48.33 26.94 8.95
C TYR B 234 49.28 27.66 8.01
N LEU B 235 48.77 28.57 7.18
CA LEU B 235 49.63 29.31 6.25
C LEU B 235 50.64 30.18 7.01
N ALA B 236 50.39 30.39 8.30
CA ALA B 236 51.29 31.20 9.11
C ALA B 236 52.46 30.38 9.65
N PHE B 237 52.31 29.06 9.66
CA PHE B 237 53.37 28.18 10.14
C PHE B 237 54.04 27.42 9.00
N ASP B 238 54.20 28.10 7.86
CA ASP B 238 54.82 27.49 6.69
C ASP B 238 56.12 26.78 7.07
N SER B 239 57.08 27.56 7.55
CA SER B 239 58.38 27.04 7.95
C SER B 239 58.32 25.80 8.83
N ILE B 240 57.42 25.81 9.80
CA ILE B 240 57.28 24.67 10.71
C ILE B 240 56.70 23.42 10.06
N LEU B 241 55.63 23.59 9.30
CA LEU B 241 54.97 22.46 8.66
C LEU B 241 55.63 21.88 7.42
N CYS B 242 56.56 22.61 6.81
CA CYS B 242 57.23 22.11 5.61
C CYS B 242 58.17 20.95 5.93
N GLU B 243 58.77 21.00 7.12
CA GLU B 243 59.70 19.95 7.54
C GLU B 243 59.02 18.77 8.23
N ALA B 244 57.70 18.85 8.40
CA ALA B 244 56.97 17.76 9.03
C ALA B 244 56.82 16.62 8.04
N LEU B 245 56.93 15.38 8.54
CA LEU B 245 56.80 14.22 7.68
C LEU B 245 55.34 13.83 7.51
N GLN B 246 54.95 13.63 6.25
CA GLN B 246 53.59 13.27 5.90
C GLN B 246 53.27 11.80 6.12
N HIS B 247 51.98 11.51 6.24
CA HIS B 247 51.48 10.16 6.45
C HIS B 247 50.64 9.75 5.25
N ASN B 248 50.59 8.45 4.96
CA ASN B 248 49.81 7.94 3.84
C ASN B 248 48.53 7.31 4.37
N LEU B 249 47.40 7.72 3.81
CA LEU B 249 46.11 7.16 4.22
C LEU B 249 45.99 5.73 3.72
N PRO B 250 45.47 4.83 4.56
CA PRO B 250 45.31 3.44 4.15
C PRO B 250 44.37 3.39 2.95
N PRO B 251 44.46 2.33 2.13
CA PRO B 251 43.53 2.30 1.00
C PRO B 251 42.11 2.34 1.59
N PHE B 252 41.18 3.02 0.92
CA PHE B 252 39.83 3.11 1.46
C PHE B 252 38.78 2.37 0.65
N THR B 253 38.09 1.45 1.31
CA THR B 253 37.05 0.67 0.66
C THR B 253 35.73 1.12 1.24
N PRO B 254 34.92 1.81 0.43
CA PRO B 254 33.62 2.28 0.94
C PRO B 254 32.73 1.11 1.34
N PRO B 255 32.26 1.10 2.61
CA PRO B 255 31.39 0.05 3.14
C PRO B 255 30.28 -0.30 2.17
N PRO B 256 30.11 -1.58 1.87
CA PRO B 256 29.07 -2.05 0.95
C PRO B 256 27.65 -1.62 1.34
N HIS B 257 26.83 -1.36 0.33
CA HIS B 257 25.46 -0.95 0.54
C HIS B 257 24.67 -2.14 1.06
N THR B 258 23.99 -1.97 2.19
CA THR B 258 23.19 -3.05 2.75
C THR B 258 21.73 -2.62 2.76
N GLU B 259 20.86 -3.52 3.20
CA GLU B 259 19.43 -3.24 3.29
C GLU B 259 19.19 -2.16 4.33
N ASP B 260 20.00 -2.21 5.39
CA ASP B 260 19.91 -1.29 6.52
C ASP B 260 20.49 0.09 6.25
N SER B 261 21.12 0.28 5.09
CA SER B 261 21.71 1.57 4.77
C SER B 261 20.67 2.66 4.56
N VAL B 262 20.89 3.79 5.22
CA VAL B 262 20.00 4.95 5.12
C VAL B 262 20.86 6.15 4.76
N TYR B 263 20.64 6.71 3.58
CA TYR B 263 21.41 7.86 3.10
C TYR B 263 20.59 9.14 3.15
N PRO B 264 21.27 10.30 3.21
CA PRO B 264 20.60 11.60 3.25
C PRO B 264 19.74 11.85 2.02
N MET B 265 18.67 12.61 2.18
CA MET B 265 17.79 12.94 1.07
C MET B 265 18.45 14.02 0.22
N PRO B 266 18.08 14.11 -1.07
CA PRO B 266 18.69 15.16 -1.88
C PRO B 266 18.15 16.49 -1.41
N ARG B 267 18.79 17.59 -1.83
CA ARG B 267 18.35 18.91 -1.40
C ARG B 267 18.30 19.90 -2.56
N VAL B 268 17.66 21.04 -2.31
CA VAL B 268 17.55 22.11 -3.28
C VAL B 268 18.03 23.37 -2.55
N ILE B 269 18.99 24.07 -3.15
CA ILE B 269 19.55 25.27 -2.54
C ILE B 269 18.57 26.45 -2.49
N PHE B 270 18.40 27.01 -1.30
CA PHE B 270 17.53 28.17 -1.10
C PHE B 270 18.30 29.42 -1.54
N ARG B 271 17.68 30.25 -2.35
CA ARG B 271 18.34 31.47 -2.84
C ARG B 271 17.37 32.62 -3.03
N MET B 272 17.60 33.72 -2.31
CA MET B 272 16.74 34.89 -2.44
C MET B 272 17.52 36.19 -2.62
N PHE B 273 18.80 36.20 -2.24
CA PHE B 273 19.63 37.39 -2.37
C PHE B 273 20.73 37.29 -3.41
N ASP B 274 21.25 38.45 -3.79
CA ASP B 274 22.37 38.58 -4.71
C ASP B 274 22.95 39.96 -4.41
N TYR B 275 24.13 40.26 -4.94
CA TYR B 275 24.78 41.53 -4.66
C TYR B 275 23.97 42.80 -4.94
N THR B 276 23.01 42.76 -5.86
CA THR B 276 22.22 43.95 -6.15
C THR B 276 21.24 44.31 -5.03
N ASP B 277 20.95 43.35 -4.16
CA ASP B 277 20.01 43.59 -3.07
C ASP B 277 20.66 44.43 -1.95
N ASP B 278 21.98 44.57 -2.00
CA ASP B 278 22.74 45.35 -1.01
C ASP B 278 23.87 46.11 -1.71
N PRO B 279 23.51 47.05 -2.61
CA PRO B 279 24.44 47.87 -3.38
C PRO B 279 25.48 48.66 -2.58
N GLU B 280 25.07 49.21 -1.45
CA GLU B 280 25.99 49.98 -0.62
C GLU B 280 26.59 49.12 0.49
N GLY B 281 27.19 47.99 0.10
CA GLY B 281 27.79 47.12 1.08
C GLY B 281 28.77 46.15 0.45
N PRO B 282 29.47 45.33 1.24
CA PRO B 282 30.42 44.37 0.67
C PRO B 282 29.73 43.57 -0.42
N VAL B 283 30.34 43.48 -1.60
CA VAL B 283 29.76 42.72 -2.69
C VAL B 283 29.46 41.31 -2.23
N MET B 284 28.26 40.84 -2.54
CA MET B 284 27.84 39.51 -2.13
C MET B 284 28.35 38.43 -3.08
N PRO B 285 29.13 37.47 -2.56
CA PRO B 285 29.65 36.40 -3.41
C PRO B 285 28.48 35.76 -4.16
N GLY B 286 28.63 35.59 -5.47
CA GLY B 286 27.59 35.01 -6.31
C GLY B 286 27.12 33.62 -5.96
N SER B 287 26.00 33.22 -6.54
CA SER B 287 25.41 31.91 -6.30
C SER B 287 26.30 30.75 -6.73
N HIS B 288 27.08 30.95 -7.79
CA HIS B 288 27.94 29.89 -8.27
C HIS B 288 29.40 30.03 -7.87
N SER B 289 29.64 30.62 -6.70
CA SER B 289 31.02 30.78 -6.20
C SER B 289 31.15 29.86 -4.99
N VAL B 290 32.35 29.37 -4.71
CA VAL B 290 32.52 28.48 -3.57
C VAL B 290 32.46 29.24 -2.26
N GLU B 291 32.68 30.56 -2.31
CA GLU B 291 32.62 31.36 -1.10
C GLU B 291 31.20 31.30 -0.53
N ARG B 292 30.21 31.52 -1.39
CA ARG B 292 28.82 31.50 -0.99
C ARG B 292 28.50 30.16 -0.33
N PHE B 293 29.02 29.08 -0.89
CA PHE B 293 28.80 27.74 -0.37
C PHE B 293 29.39 27.55 1.01
N VAL B 294 30.64 27.97 1.20
CA VAL B 294 31.32 27.83 2.48
C VAL B 294 30.66 28.67 3.58
N ILE B 295 30.31 29.90 3.23
CA ILE B 295 29.67 30.80 4.17
C ILE B 295 28.38 30.18 4.72
N GLU B 296 27.45 29.84 3.83
CA GLU B 296 26.19 29.25 4.26
C GLU B 296 26.41 27.96 5.03
N GLU B 297 27.37 27.17 4.60
CA GLU B 297 27.66 25.90 5.27
C GLU B 297 28.08 26.13 6.71
N ASN B 298 28.98 27.08 6.94
CA ASN B 298 29.45 27.37 8.30
C ASN B 298 28.35 27.98 9.16
N LEU B 299 27.54 28.86 8.59
CA LEU B 299 26.48 29.47 9.36
C LEU B 299 25.47 28.40 9.75
N HIS B 300 25.17 27.47 8.84
CA HIS B 300 24.24 26.40 9.16
C HIS B 300 24.81 25.57 10.31
N CYS B 301 26.12 25.35 10.29
CA CYS B 301 26.79 24.57 11.34
C CYS B 301 26.81 25.30 12.67
N ILE B 302 26.96 26.62 12.62
CA ILE B 302 26.97 27.42 13.83
C ILE B 302 25.62 27.27 14.53
N ILE B 303 24.53 27.34 13.76
CA ILE B 303 23.19 27.20 14.33
C ILE B 303 22.99 25.79 14.88
N LYS B 304 23.60 24.81 14.24
CA LYS B 304 23.49 23.42 14.66
C LYS B 304 24.15 23.22 16.04
N SER B 305 25.22 23.97 16.29
CA SER B 305 25.96 23.87 17.54
C SER B 305 25.37 24.67 18.71
N HIS B 306 24.67 25.76 18.39
CA HIS B 306 24.12 26.61 19.44
C HIS B 306 22.61 26.85 19.40
N TRP B 307 21.86 25.97 18.73
CA TRP B 307 20.42 26.16 18.61
C TRP B 307 19.65 26.23 19.94
N LYS B 308 20.19 25.61 20.98
CA LYS B 308 19.52 25.62 22.28
C LYS B 308 19.69 26.95 23.02
N GLU B 309 20.80 27.65 22.77
CA GLU B 309 21.10 28.94 23.41
C GLU B 309 20.86 30.05 22.39
N ARG B 310 19.65 30.58 22.33
CA ARG B 310 19.33 31.61 21.34
C ARG B 310 20.25 32.83 21.37
N LYS B 311 20.66 33.26 22.55
CA LYS B 311 21.53 34.42 22.69
C LYS B 311 22.96 34.12 22.25
N THR B 312 23.48 32.94 22.61
CA THR B 312 24.82 32.57 22.21
C THR B 312 24.84 32.33 20.71
N CYS B 313 23.74 31.79 20.18
CA CYS B 313 23.63 31.50 18.75
C CYS B 313 23.71 32.77 17.94
N ALA B 314 22.92 33.77 18.33
CA ALA B 314 22.90 35.04 17.62
C ALA B 314 24.28 35.72 17.70
N ALA B 315 24.97 35.53 18.82
CA ALA B 315 26.29 36.12 18.99
C ALA B 315 27.35 35.45 18.12
N GLN B 316 27.24 34.14 17.94
CA GLN B 316 28.19 33.39 17.13
C GLN B 316 28.00 33.69 15.65
N LEU B 317 26.76 33.85 15.24
CA LEU B 317 26.47 34.16 13.84
C LEU B 317 27.04 35.52 13.47
N VAL B 318 26.86 36.49 14.36
CA VAL B 318 27.32 37.85 14.13
C VAL B 318 28.84 38.03 14.18
N SER B 319 29.54 37.17 14.90
CA SER B 319 30.99 37.29 14.98
C SER B 319 31.69 36.34 13.99
N TYR B 320 30.93 35.85 13.02
CA TYR B 320 31.47 34.94 12.01
C TYR B 320 32.63 35.61 11.26
N PRO B 321 33.84 35.03 11.35
CA PRO B 321 35.02 35.58 10.69
C PRO B 321 35.16 35.18 9.22
N GLY B 322 35.98 35.91 8.49
CA GLY B 322 36.21 35.62 7.08
C GLY B 322 37.49 36.28 6.61
N LYS B 323 38.07 35.77 5.52
CA LYS B 323 39.30 36.33 4.99
C LYS B 323 38.99 37.72 4.42
N ASN B 324 37.81 37.87 3.84
CA ASN B 324 37.37 39.14 3.26
C ASN B 324 36.00 39.56 3.79
N LYS B 325 35.65 40.82 3.56
CA LYS B 325 34.37 41.35 4.00
C LYS B 325 33.23 40.76 3.18
N ILE B 326 32.09 40.55 3.82
CA ILE B 326 30.89 40.05 3.16
C ILE B 326 29.69 40.66 3.84
N PRO B 327 28.55 40.77 3.14
CA PRO B 327 27.35 41.34 3.74
C PRO B 327 26.73 40.34 4.73
N LEU B 328 27.42 40.12 5.84
CA LEU B 328 26.99 39.16 6.84
C LEU B 328 25.51 39.18 7.26
N ASN B 329 24.94 40.37 7.47
CA ASN B 329 23.53 40.45 7.86
C ASN B 329 22.64 39.72 6.86
N TYR B 330 22.93 39.88 5.57
CA TYR B 330 22.14 39.23 4.52
C TYR B 330 22.34 37.72 4.53
N HIS B 331 23.59 37.29 4.72
CA HIS B 331 23.89 35.87 4.75
C HIS B 331 23.19 35.19 5.93
N ILE B 332 23.20 35.85 7.09
CA ILE B 332 22.55 35.29 8.27
C ILE B 332 21.05 35.19 8.08
N VAL B 333 20.43 36.23 7.54
CA VAL B 333 18.98 36.22 7.34
C VAL B 333 18.59 35.16 6.31
N GLU B 334 19.36 35.09 5.23
CA GLU B 334 19.09 34.13 4.17
C GLU B 334 19.25 32.68 4.65
N VAL B 335 20.27 32.42 5.45
CA VAL B 335 20.50 31.08 5.98
C VAL B 335 19.36 30.70 6.90
N ILE B 336 18.87 31.65 7.69
CA ILE B 336 17.78 31.34 8.60
C ILE B 336 16.50 30.98 7.82
N PHE B 337 16.21 31.73 6.75
CA PHE B 337 15.02 31.43 5.97
C PHE B 337 15.22 30.13 5.18
N ALA B 338 16.45 29.87 4.76
CA ALA B 338 16.74 28.64 4.04
C ALA B 338 16.32 27.49 4.93
N GLU B 339 16.61 27.61 6.23
CA GLU B 339 16.26 26.55 7.17
C GLU B 339 14.77 26.49 7.45
N LEU B 340 14.17 27.62 7.80
CA LEU B 340 12.74 27.63 8.08
C LEU B 340 11.95 27.02 6.92
N PHE B 341 12.30 27.40 5.69
CA PHE B 341 11.56 26.89 4.53
C PHE B 341 12.09 25.57 3.94
N GLN B 342 13.10 25.00 4.56
CA GLN B 342 13.65 23.74 4.05
C GLN B 342 12.62 22.61 3.96
N LEU B 343 12.60 21.96 2.80
CA LEU B 343 11.71 20.84 2.57
C LEU B 343 12.59 19.58 2.53
N PRO B 344 12.15 18.48 3.14
CA PRO B 344 10.89 18.29 3.88
C PRO B 344 10.69 19.10 5.15
N ALA B 345 11.72 19.24 5.96
CA ALA B 345 11.55 19.97 7.21
C ALA B 345 12.75 20.77 7.69
N PRO B 346 12.52 21.77 8.55
CA PRO B 346 13.63 22.58 9.07
C PRO B 346 14.52 21.72 9.97
N PRO B 347 15.79 22.10 10.10
CA PRO B 347 16.71 21.34 10.95
C PRO B 347 16.30 21.40 12.42
N HIS B 348 15.66 22.50 12.81
CA HIS B 348 15.23 22.68 14.19
C HIS B 348 13.78 23.13 14.26
N ILE B 349 13.21 23.03 15.46
CA ILE B 349 11.80 23.42 15.66
C ILE B 349 11.58 24.86 15.16
N ASP B 350 10.50 25.03 14.39
CA ASP B 350 10.15 26.32 13.78
C ASP B 350 10.24 27.59 14.62
N VAL B 351 9.63 27.57 15.79
CA VAL B 351 9.61 28.75 16.67
C VAL B 351 11.00 29.25 17.07
N MET B 352 12.01 28.40 16.95
CA MET B 352 13.37 28.79 17.32
C MET B 352 13.91 29.91 16.44
N TYR B 353 13.55 29.89 15.17
CA TYR B 353 14.00 30.91 14.23
C TYR B 353 13.37 32.27 14.51
N THR B 354 12.13 32.24 14.95
CA THR B 354 11.42 33.47 15.27
C THR B 354 12.15 34.23 16.38
N THR B 355 12.48 33.54 17.46
CA THR B 355 13.16 34.19 18.57
C THR B 355 14.62 34.49 18.25
N LEU B 356 15.25 33.66 17.43
CA LEU B 356 16.65 33.90 17.04
C LEU B 356 16.73 35.20 16.28
N LEU B 357 15.78 35.43 15.37
CA LEU B 357 15.75 36.66 14.59
C LEU B 357 15.57 37.87 15.50
N ILE B 358 14.79 37.69 16.56
CA ILE B 358 14.59 38.77 17.51
C ILE B 358 15.93 39.07 18.19
N GLU B 359 16.64 38.01 18.58
CA GLU B 359 17.94 38.16 19.25
C GLU B 359 18.92 38.89 18.35
N LEU B 360 18.88 38.59 17.06
CA LEU B 360 19.76 39.22 16.11
C LEU B 360 19.40 40.69 16.00
N CYS B 361 18.10 41.00 16.04
CA CYS B 361 17.67 42.38 15.94
C CYS B 361 18.22 43.22 17.10
N LYS B 362 18.40 42.59 18.25
CA LYS B 362 18.90 43.30 19.42
C LYS B 362 20.41 43.51 19.39
N LEU B 363 21.09 42.71 18.58
CA LEU B 363 22.54 42.81 18.46
C LEU B 363 22.93 43.78 17.36
N GLN B 364 22.12 43.81 16.31
CA GLN B 364 22.35 44.70 15.16
C GLN B 364 21.13 45.61 14.97
N PRO B 365 20.79 46.37 16.02
CA PRO B 365 19.64 47.30 16.03
C PRO B 365 19.57 48.27 14.86
N GLY B 366 20.73 48.77 14.43
CA GLY B 366 20.76 49.72 13.34
C GLY B 366 20.88 49.17 11.94
N SER B 367 20.82 47.85 11.78
CA SER B 367 20.95 47.26 10.45
C SER B 367 20.10 46.03 10.18
N LEU B 368 20.13 45.06 11.10
CA LEU B 368 19.38 43.81 10.95
C LEU B 368 17.91 44.05 10.64
N PRO B 369 17.21 44.84 11.46
CA PRO B 369 15.79 45.10 11.23
C PRO B 369 15.45 45.49 9.80
N GLN B 370 16.25 46.37 9.20
CA GLN B 370 16.01 46.82 7.83
C GLN B 370 16.17 45.66 6.84
N VAL B 371 17.23 44.88 7.03
CA VAL B 371 17.48 43.73 6.15
C VAL B 371 16.30 42.76 6.21
N LEU B 372 15.88 42.43 7.43
CA LEU B 372 14.76 41.52 7.65
C LEU B 372 13.48 42.09 7.03
N ALA B 373 13.32 43.40 7.11
CA ALA B 373 12.15 44.06 6.54
C ALA B 373 12.20 43.97 5.02
N GLN B 374 13.41 44.09 4.47
CA GLN B 374 13.61 44.02 3.04
C GLN B 374 13.30 42.58 2.60
N ALA B 375 13.85 41.62 3.35
CA ALA B 375 13.64 40.22 3.08
C ALA B 375 12.14 39.87 3.08
N THR B 376 11.41 40.34 4.09
CA THR B 376 9.98 40.08 4.19
C THR B 376 9.23 40.58 2.95
N GLU B 377 9.57 41.78 2.51
CA GLU B 377 8.96 42.39 1.31
C GLU B 377 9.20 41.51 0.07
N MET B 378 10.40 40.97 -0.03
CA MET B 378 10.75 40.12 -1.17
C MET B 378 9.98 38.80 -1.09
N LEU B 379 9.89 38.23 0.10
CA LEU B 379 9.18 36.98 0.29
C LEU B 379 7.73 37.15 -0.15
N TYR B 380 7.11 38.24 0.28
CA TYR B 380 5.73 38.51 -0.09
C TYR B 380 5.62 38.60 -1.61
N MET B 381 6.43 39.46 -2.21
CA MET B 381 6.41 39.68 -3.65
C MET B 381 6.64 38.46 -4.53
N ARG B 382 7.14 37.38 -3.94
CA ARG B 382 7.40 36.16 -4.71
C ARG B 382 6.47 35.01 -4.32
N LEU B 383 5.42 35.33 -3.59
CA LEU B 383 4.45 34.34 -3.11
C LEU B 383 3.81 33.48 -4.19
N ASP B 384 3.57 34.07 -5.36
CA ASP B 384 2.91 33.34 -6.44
C ASP B 384 3.33 31.89 -6.67
N THR B 385 4.62 31.61 -6.70
CA THR B 385 5.03 30.21 -6.90
C THR B 385 5.66 29.56 -5.68
N MET B 386 5.41 30.13 -4.50
CA MET B 386 5.96 29.56 -3.28
C MET B 386 5.12 28.35 -2.90
N ASN B 387 5.80 27.30 -2.44
CA ASN B 387 5.11 26.08 -2.06
C ASN B 387 4.26 26.27 -0.81
N THR B 388 3.06 25.70 -0.85
CA THR B 388 2.09 25.77 0.25
C THR B 388 2.67 25.48 1.63
N THR B 389 3.52 24.45 1.71
CA THR B 389 4.11 24.09 3.00
C THR B 389 5.00 25.20 3.52
N CYS B 390 5.68 25.90 2.61
CA CYS B 390 6.54 27.01 2.99
C CYS B 390 5.71 28.26 3.33
N VAL B 391 4.63 28.49 2.58
CA VAL B 391 3.77 29.64 2.85
C VAL B 391 3.21 29.57 4.28
N ASP B 392 2.85 28.37 4.70
CA ASP B 392 2.31 28.18 6.06
C ASP B 392 3.33 28.65 7.09
N ARG B 393 4.59 28.23 6.93
CA ARG B 393 5.63 28.63 7.86
C ARG B 393 5.88 30.14 7.76
N PHE B 394 5.67 30.69 6.57
CA PHE B 394 5.85 32.11 6.33
C PHE B 394 4.75 32.84 7.11
N ILE B 395 3.53 32.33 7.02
CA ILE B 395 2.42 32.93 7.72
C ILE B 395 2.61 32.86 9.25
N ASN B 396 3.05 31.71 9.76
CA ASN B 396 3.24 31.57 11.20
C ASN B 396 4.39 32.39 11.75
N TRP B 397 5.48 32.48 11.00
CA TRP B 397 6.60 33.28 11.47
C TRP B 397 6.25 34.77 11.48
N PHE B 398 5.83 35.28 10.32
CA PHE B 398 5.49 36.69 10.20
C PHE B 398 4.51 37.19 11.25
N SER B 399 3.43 36.43 11.46
CA SER B 399 2.43 36.82 12.43
C SER B 399 2.98 36.80 13.84
N HIS B 400 3.79 35.80 14.18
CA HIS B 400 4.36 35.72 15.51
C HIS B 400 5.34 36.87 15.70
N HIS B 401 6.11 37.17 14.64
CA HIS B 401 7.08 38.24 14.69
C HIS B 401 6.33 39.55 14.97
N LEU B 402 5.33 39.86 14.15
CA LEU B 402 4.55 41.08 14.34
C LEU B 402 4.04 41.26 15.76
N SER B 403 3.58 40.16 16.38
CA SER B 403 3.04 40.23 17.74
C SER B 403 4.10 40.60 18.79
N ASN B 404 5.38 40.59 18.41
CA ASN B 404 6.43 40.97 19.33
C ASN B 404 6.84 42.42 19.13
N PHE B 405 6.26 43.04 18.10
CA PHE B 405 6.55 44.43 17.80
C PHE B 405 5.26 45.22 17.58
N GLN B 406 4.32 44.98 18.47
CA GLN B 406 3.02 45.66 18.48
C GLN B 406 2.23 45.63 17.17
N PHE B 407 2.45 44.58 16.38
CA PHE B 407 1.75 44.42 15.10
C PHE B 407 1.95 45.60 14.16
N ARG B 408 3.12 46.22 14.21
CA ARG B 408 3.42 47.36 13.34
C ARG B 408 3.92 46.91 11.98
N TRP B 409 3.19 47.26 10.92
CA TRP B 409 3.59 46.91 9.57
C TRP B 409 2.98 47.91 8.59
N SER B 410 3.66 48.14 7.48
CA SER B 410 3.16 49.08 6.48
C SER B 410 2.34 48.34 5.42
N TRP B 411 1.12 48.00 5.77
CA TRP B 411 0.24 47.26 4.87
C TRP B 411 0.04 47.86 3.47
N GLU B 412 -0.04 49.18 3.36
CA GLU B 412 -0.23 49.82 2.06
C GLU B 412 0.75 49.35 1.00
N ASP B 413 1.95 48.92 1.42
CA ASP B 413 2.95 48.42 0.47
C ASP B 413 2.42 47.19 -0.25
N TRP B 414 1.42 46.54 0.32
CA TRP B 414 0.85 45.33 -0.26
C TRP B 414 -0.57 45.57 -0.76
N SER B 415 -0.88 46.81 -1.10
CA SER B 415 -2.20 47.18 -1.60
C SER B 415 -2.53 46.48 -2.91
N ASP B 416 -1.52 46.00 -3.62
CA ASP B 416 -1.73 45.32 -4.88
C ASP B 416 -2.60 44.07 -4.75
N CYS B 417 -2.69 43.53 -3.53
CA CYS B 417 -3.48 42.33 -3.28
C CYS B 417 -4.97 42.63 -3.20
N LEU B 418 -5.29 43.88 -2.95
CA LEU B 418 -6.68 44.28 -2.81
C LEU B 418 -7.51 44.15 -4.08
N SER B 419 -6.86 44.10 -5.23
CA SER B 419 -7.58 43.98 -6.50
C SER B 419 -7.43 42.62 -7.19
N GLN B 420 -6.67 41.71 -6.58
CA GLN B 420 -6.48 40.39 -7.17
C GLN B 420 -7.61 39.47 -6.74
N ASP B 421 -7.56 38.22 -7.20
CA ASP B 421 -8.56 37.23 -6.85
C ASP B 421 -8.27 36.78 -5.42
N PRO B 422 -9.27 36.83 -4.53
CA PRO B 422 -9.15 36.44 -3.11
C PRO B 422 -8.44 35.11 -2.89
N GLU B 423 -8.50 34.23 -3.89
CA GLU B 423 -7.86 32.92 -3.81
C GLU B 423 -6.39 32.99 -4.23
N SER B 424 -5.98 34.12 -4.79
CA SER B 424 -4.58 34.27 -5.20
C SER B 424 -3.71 34.31 -3.96
N PRO B 425 -2.46 33.82 -4.07
CA PRO B 425 -1.50 33.76 -2.97
C PRO B 425 -1.35 35.01 -2.11
N LYS B 426 -1.18 36.18 -2.73
CA LYS B 426 -0.99 37.41 -1.95
C LYS B 426 -2.14 37.74 -1.01
N PRO B 427 -3.34 38.01 -1.55
CA PRO B 427 -4.43 38.33 -0.62
C PRO B 427 -4.73 37.18 0.36
N LYS B 428 -4.47 35.95 -0.05
CA LYS B 428 -4.72 34.82 0.82
C LYS B 428 -3.73 34.84 1.98
N PHE B 429 -2.48 35.22 1.68
CA PHE B 429 -1.44 35.31 2.69
C PHE B 429 -1.83 36.34 3.76
N VAL B 430 -2.28 37.51 3.31
CA VAL B 430 -2.66 38.58 4.21
C VAL B 430 -3.80 38.19 5.12
N ARG B 431 -4.80 37.49 4.59
CA ARG B 431 -5.92 37.08 5.42
C ARG B 431 -5.46 36.04 6.45
N GLU B 432 -4.61 35.12 6.02
CA GLU B 432 -4.13 34.09 6.93
C GLU B 432 -3.30 34.74 8.04
N VAL B 433 -2.42 35.65 7.66
CA VAL B 433 -1.59 36.34 8.63
C VAL B 433 -2.46 37.11 9.64
N LEU B 434 -3.44 37.87 9.13
CA LEU B 434 -4.30 38.64 10.02
C LEU B 434 -5.06 37.72 10.96
N GLU B 435 -5.46 36.55 10.45
CA GLU B 435 -6.21 35.59 11.27
C GLU B 435 -5.29 35.09 12.39
N LYS B 436 -4.01 34.86 12.04
CA LYS B 436 -3.02 34.40 13.00
C LYS B 436 -2.73 35.48 14.05
N CYS B 437 -2.75 36.75 13.62
CA CYS B 437 -2.50 37.85 14.54
C CYS B 437 -3.61 37.94 15.57
N MET B 438 -4.85 37.75 15.12
CA MET B 438 -6.00 37.82 16.01
C MET B 438 -5.95 36.73 17.09
N ARG B 439 -5.42 35.56 16.73
CA ARG B 439 -5.33 34.46 17.69
C ARG B 439 -4.37 34.82 18.83
N LEU B 440 -3.42 35.70 18.54
CA LEU B 440 -2.45 36.12 19.55
C LEU B 440 -2.92 37.42 20.20
N SER B 441 -4.02 37.96 19.69
CA SER B 441 -4.56 39.22 20.16
C SER B 441 -6.08 39.11 20.35
N TYR B 442 -6.83 39.94 19.62
CA TYR B 442 -8.29 39.91 19.65
C TYR B 442 -8.83 40.67 18.44
N HIS B 443 -10.04 40.33 18.02
CA HIS B 443 -10.66 40.93 16.85
C HIS B 443 -10.50 42.43 16.67
N GLN B 444 -10.96 43.21 17.63
CA GLN B 444 -10.87 44.67 17.53
C GLN B 444 -9.44 45.20 17.33
N ARG B 445 -8.48 44.61 18.03
CA ARG B 445 -7.08 45.00 17.93
C ARG B 445 -6.62 44.92 16.48
N ILE B 446 -6.86 43.79 15.85
CA ILE B 446 -6.46 43.58 14.47
C ILE B 446 -7.15 44.56 13.54
N LEU B 447 -8.46 44.70 13.71
CA LEU B 447 -9.23 45.64 12.90
C LEU B 447 -8.62 47.05 12.94
N ASP B 448 -8.05 47.41 14.10
CA ASP B 448 -7.45 48.72 14.28
C ASP B 448 -6.07 48.94 13.68
N ILE B 449 -5.23 47.89 13.63
CA ILE B 449 -3.89 48.06 13.09
C ILE B 449 -3.74 48.02 11.57
N VAL B 450 -4.86 47.90 10.85
CA VAL B 450 -4.79 47.86 9.39
C VAL B 450 -5.47 49.06 8.76
N PRO B 451 -5.07 49.39 7.53
CA PRO B 451 -5.66 50.53 6.81
C PRO B 451 -7.13 50.25 6.50
N PRO B 452 -7.94 51.31 6.39
CA PRO B 452 -9.37 51.16 6.10
C PRO B 452 -9.62 50.25 4.90
N THR B 453 -8.72 50.31 3.92
CA THR B 453 -8.83 49.52 2.71
C THR B 453 -8.58 48.02 2.89
N PHE B 454 -7.98 47.64 4.02
CA PHE B 454 -7.67 46.24 4.29
C PHE B 454 -8.67 45.54 5.20
N SER B 455 -9.57 46.30 5.81
CA SER B 455 -10.57 45.74 6.73
C SER B 455 -11.36 44.57 6.15
N ALA B 456 -11.52 44.56 4.83
CA ALA B 456 -12.27 43.49 4.18
C ALA B 456 -11.53 42.17 4.29
N LEU B 457 -10.22 42.23 4.52
CA LEU B 457 -9.41 41.03 4.64
C LEU B 457 -9.22 40.56 6.08
N CYS B 458 -9.74 41.34 7.03
CA CYS B 458 -9.64 40.98 8.43
C CYS B 458 -10.55 39.79 8.77
N PRO B 459 -10.20 39.05 9.82
CA PRO B 459 -11.02 37.90 10.21
C PRO B 459 -12.38 38.32 10.76
N SER B 460 -13.40 37.50 10.53
CA SER B 460 -14.74 37.81 11.03
C SER B 460 -14.75 37.56 12.53
N ASN B 461 -15.57 38.32 13.25
CA ASN B 461 -15.66 38.17 14.70
C ASN B 461 -15.93 36.70 15.07
N PRO B 462 -15.10 36.13 15.95
CA PRO B 462 -15.22 34.74 16.40
C PRO B 462 -16.38 34.47 17.35
N THR B 463 -17.60 34.74 16.91
CA THR B 463 -18.76 34.51 17.76
C THR B 463 -19.40 33.16 17.50
N CYS B 464 -19.99 32.62 18.56
CA CYS B 464 -20.66 31.34 18.53
C CYS B 464 -22.01 31.46 17.80
N ILE B 465 -22.41 30.41 17.09
CA ILE B 465 -23.68 30.44 16.38
C ILE B 465 -24.61 29.38 16.93
N TYR B 466 -25.64 29.82 17.66
CA TYR B 466 -26.63 28.93 18.27
C TYR B 466 -27.86 28.82 17.38
N LYS B 467 -28.04 27.65 16.77
CA LYS B 467 -29.17 27.43 15.86
C LYS B 467 -30.55 27.68 16.46
N TYR B 468 -30.66 27.57 17.78
CA TYR B 468 -31.94 27.78 18.43
C TYR B 468 -31.93 28.99 19.34
N GLY B 469 -31.23 30.04 18.90
CA GLY B 469 -31.16 31.27 19.67
C GLY B 469 -32.44 32.05 19.49
N ASP B 470 -32.42 33.33 19.84
CA ASP B 470 -33.61 34.17 19.72
C ASP B 470 -34.20 34.29 18.32
N GLU B 471 -33.38 34.71 17.37
CA GLU B 471 -33.83 34.87 15.99
C GLU B 471 -34.52 33.64 15.42
N SER B 472 -34.08 32.46 15.85
CA SER B 472 -34.61 31.18 15.37
C SER B 472 -36.13 31.04 15.41
N SER B 473 -36.67 30.34 14.40
CA SER B 473 -38.10 30.12 14.34
C SER B 473 -38.42 28.83 15.09
N ASN B 474 -39.54 28.85 15.80
CA ASN B 474 -39.99 27.72 16.59
C ASN B 474 -40.38 26.51 15.77
N SER B 475 -40.43 26.68 14.45
CA SER B 475 -40.79 25.57 13.56
C SER B 475 -39.61 24.62 13.33
N LEU B 476 -38.42 25.01 13.77
CA LEU B 476 -37.23 24.18 13.61
C LEU B 476 -37.35 22.91 14.44
N PRO B 477 -36.99 21.76 13.85
CA PRO B 477 -37.06 20.47 14.55
C PRO B 477 -36.26 20.46 15.85
N GLY B 478 -36.90 20.05 16.94
CA GLY B 478 -36.21 19.98 18.21
C GLY B 478 -36.09 21.30 18.95
N HIS B 479 -36.80 22.32 18.45
CA HIS B 479 -36.77 23.64 19.06
C HIS B 479 -37.15 23.59 20.55
N SER B 480 -38.20 22.83 20.87
CA SER B 480 -38.65 22.70 22.25
C SER B 480 -37.65 21.95 23.10
N VAL B 481 -37.14 20.84 22.58
CA VAL B 481 -36.17 20.04 23.31
C VAL B 481 -34.89 20.84 23.55
N ALA B 482 -34.47 21.59 22.54
CA ALA B 482 -33.27 22.40 22.66
C ALA B 482 -33.42 23.35 23.84
N LEU B 483 -34.49 24.15 23.82
CA LEU B 483 -34.73 25.12 24.88
C LEU B 483 -34.77 24.45 26.25
N CYS B 484 -35.36 23.26 26.32
CA CYS B 484 -35.45 22.54 27.57
C CYS B 484 -34.06 22.02 28.02
N LEU B 485 -33.24 21.64 27.04
CA LEU B 485 -31.89 21.16 27.32
C LEU B 485 -31.10 22.34 27.89
N ALA B 486 -31.31 23.51 27.30
CA ALA B 486 -30.62 24.72 27.74
C ALA B 486 -30.91 24.97 29.22
N VAL B 487 -32.18 24.93 29.58
CA VAL B 487 -32.58 25.16 30.97
C VAL B 487 -31.95 24.13 31.88
N ALA B 488 -31.99 22.86 31.46
CA ALA B 488 -31.43 21.76 32.24
C ALA B 488 -29.93 21.94 32.48
N PHE B 489 -29.19 22.29 31.44
CA PHE B 489 -27.75 22.50 31.55
C PHE B 489 -27.42 23.60 32.56
N LYS B 490 -28.23 24.65 32.59
CA LYS B 490 -28.01 25.76 33.52
C LYS B 490 -28.39 25.34 34.94
N SER B 491 -29.18 24.28 35.06
CA SER B 491 -29.61 23.78 36.36
C SER B 491 -28.83 22.53 36.76
N LYS B 492 -27.53 22.56 36.47
CA LYS B 492 -26.62 21.48 36.79
C LYS B 492 -27.22 20.08 36.61
N ALA B 493 -27.79 19.82 35.44
CA ALA B 493 -28.39 18.53 35.17
C ALA B 493 -27.35 17.40 35.13
N THR B 494 -27.84 16.17 35.22
CA THR B 494 -26.97 14.99 35.18
C THR B 494 -27.16 14.32 33.82
N ASN B 495 -26.34 13.32 33.52
CA ASN B 495 -26.45 12.63 32.26
C ASN B 495 -27.85 12.02 32.07
N ASP B 496 -28.41 11.47 33.14
CA ASP B 496 -29.73 10.86 33.05
C ASP B 496 -30.82 11.86 32.67
N GLU B 497 -30.74 13.08 33.19
CA GLU B 497 -31.74 14.10 32.87
C GLU B 497 -31.70 14.44 31.40
N ILE B 498 -30.50 14.64 30.85
CA ILE B 498 -30.36 14.95 29.44
C ILE B 498 -30.93 13.81 28.61
N PHE B 499 -30.57 12.57 28.95
CA PHE B 499 -31.07 11.42 28.22
C PHE B 499 -32.60 11.44 28.26
N SER B 500 -33.14 11.78 29.41
CA SER B 500 -34.58 11.85 29.58
C SER B 500 -35.20 12.90 28.67
N ILE B 501 -34.59 14.07 28.61
CA ILE B 501 -35.10 15.15 27.76
C ILE B 501 -35.03 14.76 26.29
N LEU B 502 -34.03 13.97 25.92
CA LEU B 502 -33.85 13.53 24.55
C LEU B 502 -34.78 12.39 24.08
N LYS B 503 -35.20 11.54 25.01
CA LYS B 503 -36.09 10.44 24.64
C LYS B 503 -37.21 10.86 23.71
N ASP B 504 -37.63 12.12 23.80
CA ASP B 504 -38.70 12.64 22.98
C ASP B 504 -38.35 12.97 21.54
N VAL B 505 -37.09 12.81 21.15
CA VAL B 505 -36.71 13.20 19.81
C VAL B 505 -36.95 12.17 18.73
N PRO B 506 -37.84 12.50 17.76
CA PRO B 506 -38.18 11.59 16.66
C PRO B 506 -36.99 11.44 15.71
N ASN B 507 -36.50 10.20 15.55
CA ASN B 507 -35.36 9.91 14.68
C ASN B 507 -35.67 10.08 13.19
N PRO B 508 -35.00 11.04 12.54
CA PRO B 508 -35.22 11.27 11.10
C PRO B 508 -34.96 10.03 10.26
N SER B 519 -27.60 2.37 15.83
CA SER B 519 -27.94 3.39 16.86
C SER B 519 -27.50 4.79 16.41
N PHE B 520 -28.32 5.45 15.60
CA PHE B 520 -27.96 6.79 15.10
C PHE B 520 -29.13 7.75 14.86
N ASN B 521 -29.21 8.80 15.67
CA ASN B 521 -30.27 9.81 15.57
C ASN B 521 -29.60 11.18 15.38
N PRO B 522 -29.58 11.69 14.13
CA PRO B 522 -28.96 12.99 13.84
C PRO B 522 -29.54 14.20 14.59
N LEU B 523 -30.86 14.21 14.76
CA LEU B 523 -31.50 15.32 15.46
C LEU B 523 -31.13 15.36 16.95
N LYS B 524 -31.04 14.19 17.59
CA LYS B 524 -30.67 14.16 18.99
C LYS B 524 -29.26 14.75 19.16
N ILE B 525 -28.37 14.36 18.27
CA ILE B 525 -26.99 14.84 18.29
C ILE B 525 -26.95 16.35 18.06
N GLU B 526 -27.69 16.82 17.06
CA GLU B 526 -27.72 18.24 16.74
C GLU B 526 -28.18 19.13 17.89
N VAL B 527 -29.32 18.81 18.50
CA VAL B 527 -29.81 19.63 19.60
C VAL B 527 -28.91 19.49 20.83
N PHE B 528 -28.29 18.32 21.00
CA PHE B 528 -27.40 18.11 22.14
C PHE B 528 -26.11 18.92 21.99
N VAL B 529 -25.51 18.86 20.80
CA VAL B 529 -24.27 19.58 20.55
C VAL B 529 -24.47 21.09 20.47
N GLN B 530 -25.49 21.53 19.74
CA GLN B 530 -25.78 22.95 19.59
C GLN B 530 -25.92 23.62 20.96
N THR B 531 -26.71 22.99 21.83
CA THR B 531 -26.98 23.53 23.15
C THR B 531 -25.82 23.41 24.16
N LEU B 532 -25.11 22.29 24.14
CA LEU B 532 -24.01 22.09 25.07
C LEU B 532 -22.86 23.06 24.77
N LEU B 533 -22.55 23.24 23.48
CA LEU B 533 -21.49 24.14 23.07
C LEU B 533 -21.83 25.60 23.32
N HIS B 534 -23.05 25.97 22.99
CA HIS B 534 -23.48 27.35 23.17
C HIS B 534 -23.39 27.81 24.62
N LEU B 535 -23.71 26.91 25.56
CA LEU B 535 -23.65 27.27 26.96
C LEU B 535 -22.25 27.24 27.54
N ALA B 536 -21.30 26.70 26.79
CA ALA B 536 -19.92 26.63 27.24
C ALA B 536 -19.03 27.51 26.35
N ALA B 537 -19.67 28.35 25.54
CA ALA B 537 -18.99 29.24 24.60
C ALA B 537 -18.06 30.28 25.20
N LYS B 538 -18.09 30.42 26.52
CA LYS B 538 -17.26 31.40 27.20
C LYS B 538 -15.76 31.20 26.99
N SER B 539 -15.26 29.98 27.24
CA SER B 539 -13.84 29.70 27.07
C SER B 539 -13.56 28.26 26.68
N PHE B 540 -12.28 27.97 26.40
CA PHE B 540 -11.89 26.64 26.03
C PHE B 540 -12.08 25.67 27.20
N SER B 541 -11.72 26.11 28.40
CA SER B 541 -11.86 25.28 29.59
C SER B 541 -13.32 24.93 29.86
N HIS B 542 -14.21 25.88 29.59
CA HIS B 542 -15.64 25.65 29.79
C HIS B 542 -16.10 24.53 28.85
N SER B 543 -15.66 24.60 27.59
CA SER B 543 -16.04 23.58 26.63
C SER B 543 -15.42 22.24 26.95
N PHE B 544 -14.18 22.24 27.42
CA PHE B 544 -13.51 21.00 27.76
C PHE B 544 -14.23 20.32 28.91
N SER B 545 -14.60 21.08 29.94
CA SER B 545 -15.28 20.47 31.08
C SER B 545 -16.71 20.03 30.74
N ALA B 546 -17.30 20.63 29.71
CA ALA B 546 -18.65 20.25 29.27
C ALA B 546 -18.55 18.92 28.54
N LEU B 547 -17.54 18.78 27.68
CA LEU B 547 -17.34 17.55 26.94
C LEU B 547 -17.09 16.41 27.93
N ALA B 548 -16.35 16.71 29.00
CA ALA B 548 -16.03 15.70 29.99
C ALA B 548 -17.22 15.34 30.89
N LYS B 549 -18.00 16.34 31.27
CA LYS B 549 -19.16 16.12 32.14
C LYS B 549 -20.21 15.23 31.47
N PHE B 550 -20.52 15.51 30.22
CA PHE B 550 -21.53 14.74 29.49
C PHE B 550 -20.87 13.79 28.50
N HIS B 551 -19.72 13.26 28.89
CA HIS B 551 -18.97 12.36 28.05
C HIS B 551 -19.79 11.10 27.74
N GLU B 552 -20.56 10.65 28.72
CA GLU B 552 -21.39 9.46 28.54
C GLU B 552 -22.44 9.67 27.44
N VAL B 553 -23.07 10.84 27.42
CA VAL B 553 -24.07 11.13 26.40
C VAL B 553 -23.41 11.12 25.01
N PHE B 554 -22.21 11.68 24.92
CA PHE B 554 -21.48 11.71 23.64
C PHE B 554 -21.27 10.30 23.13
N LYS B 555 -20.66 9.47 23.97
CA LYS B 555 -20.39 8.08 23.59
C LYS B 555 -21.66 7.36 23.12
N THR B 556 -22.74 7.51 23.88
CA THR B 556 -24.00 6.87 23.52
C THR B 556 -24.57 7.37 22.18
N LEU B 557 -24.63 8.68 22.02
CA LEU B 557 -25.16 9.28 20.81
C LEU B 557 -24.29 9.10 19.57
N ALA B 558 -22.97 9.13 19.76
CA ALA B 558 -22.03 9.00 18.65
C ALA B 558 -21.34 7.64 18.63
N GLU B 559 -22.13 6.58 18.83
CA GLU B 559 -21.63 5.23 18.85
C GLU B 559 -21.14 4.77 17.47
N SER B 560 -21.89 5.11 16.43
CA SER B 560 -21.55 4.74 15.07
C SER B 560 -20.61 5.73 14.41
N ASP B 561 -20.05 5.34 13.26
CA ASP B 561 -19.16 6.20 12.52
C ASP B 561 -19.94 7.41 12.03
N GLU B 562 -21.21 7.19 11.69
CA GLU B 562 -22.09 8.25 11.22
C GLU B 562 -22.36 9.28 12.33
N GLY B 563 -22.47 8.79 13.56
CA GLY B 563 -22.71 9.67 14.70
C GLY B 563 -21.52 10.55 14.94
N LYS B 564 -20.33 9.96 14.90
CA LYS B 564 -19.10 10.71 15.11
C LYS B 564 -19.01 11.85 14.10
N LEU B 565 -19.28 11.54 12.84
CA LEU B 565 -19.23 12.54 11.78
C LEU B 565 -20.25 13.65 11.99
N HIS B 566 -21.46 13.29 12.39
CA HIS B 566 -22.50 14.29 12.61
C HIS B 566 -22.08 15.23 13.73
N VAL B 567 -21.46 14.69 14.77
CA VAL B 567 -20.98 15.51 15.87
C VAL B 567 -20.09 16.58 15.28
N LEU B 568 -19.10 16.16 14.50
CA LEU B 568 -18.16 17.08 13.86
C LEU B 568 -18.87 18.08 12.95
N ARG B 569 -19.89 17.60 12.24
CA ARG B 569 -20.67 18.42 11.33
C ARG B 569 -21.37 19.54 12.09
N VAL B 570 -22.07 19.18 13.15
CA VAL B 570 -22.81 20.14 13.94
C VAL B 570 -21.86 21.07 14.70
N MET B 571 -20.74 20.51 15.14
CA MET B 571 -19.76 21.31 15.86
C MET B 571 -19.21 22.40 14.93
N PHE B 572 -18.98 22.06 13.66
CA PHE B 572 -18.48 23.04 12.70
C PHE B 572 -19.56 24.10 12.49
N GLU B 573 -20.81 23.67 12.40
CA GLU B 573 -21.91 24.60 12.19
C GLU B 573 -22.06 25.59 13.34
N VAL B 574 -21.57 25.22 14.52
CA VAL B 574 -21.64 26.09 15.68
C VAL B 574 -20.45 27.05 15.77
N TRP B 575 -19.27 26.55 15.46
CA TRP B 575 -18.07 27.37 15.56
C TRP B 575 -17.34 27.76 14.28
N ARG B 576 -18.03 27.73 13.15
CA ARG B 576 -17.39 28.07 11.87
C ARG B 576 -16.71 29.44 11.85
N ASN B 577 -17.10 30.35 12.74
CA ASN B 577 -16.47 31.66 12.78
C ASN B 577 -15.24 31.67 13.70
N HIS B 578 -15.03 30.59 14.46
CA HIS B 578 -13.91 30.51 15.41
C HIS B 578 -13.01 29.30 15.11
N PRO B 579 -12.20 29.37 14.04
CA PRO B 579 -11.30 28.27 13.67
C PRO B 579 -10.50 27.66 14.81
N GLN B 580 -9.88 28.50 15.64
CA GLN B 580 -9.09 28.01 16.75
C GLN B 580 -9.91 27.09 17.65
N MET B 581 -11.15 27.48 17.92
CA MET B 581 -12.03 26.68 18.77
C MET B 581 -12.27 25.32 18.13
N ILE B 582 -12.49 25.29 16.82
CA ILE B 582 -12.74 24.03 16.13
C ILE B 582 -11.59 23.06 16.40
N ALA B 583 -10.38 23.53 16.15
CA ALA B 583 -9.18 22.71 16.34
C ALA B 583 -9.04 22.15 17.76
N VAL B 584 -9.21 22.99 18.78
CA VAL B 584 -9.05 22.50 20.14
C VAL B 584 -10.15 21.52 20.53
N LEU B 585 -11.33 21.67 19.92
CA LEU B 585 -12.45 20.75 20.22
C LEU B 585 -12.19 19.40 19.54
N VAL B 586 -11.71 19.44 18.30
CA VAL B 586 -11.41 18.21 17.58
C VAL B 586 -10.37 17.45 18.37
N ASP B 587 -9.33 18.16 18.80
CA ASP B 587 -8.24 17.58 19.58
C ASP B 587 -8.75 16.89 20.84
N LYS B 588 -9.59 17.60 21.60
CA LYS B 588 -10.12 17.07 22.84
C LYS B 588 -11.04 15.86 22.61
N MET B 589 -11.85 15.91 21.56
CA MET B 589 -12.76 14.82 21.24
C MET B 589 -12.02 13.53 20.86
N ILE B 590 -10.89 13.68 20.18
CA ILE B 590 -10.08 12.53 19.79
C ILE B 590 -9.39 11.93 21.02
N ARG B 591 -8.75 12.76 21.82
CA ARG B 591 -8.05 12.30 23.01
C ARG B 591 -8.98 11.62 24.02
N THR B 592 -10.26 11.97 24.00
CA THR B 592 -11.21 11.36 24.93
C THR B 592 -12.14 10.40 24.22
N GLN B 593 -11.73 9.96 23.04
CA GLN B 593 -12.50 8.99 22.26
C GLN B 593 -13.93 9.37 21.89
N ILE B 594 -14.27 10.66 21.92
CA ILE B 594 -15.61 11.06 21.52
C ILE B 594 -15.69 10.68 20.03
N VAL B 595 -14.61 10.99 19.31
CA VAL B 595 -14.52 10.63 17.89
C VAL B 595 -13.12 10.05 17.69
N ASP B 596 -12.86 9.47 16.51
CA ASP B 596 -11.53 8.92 16.25
C ASP B 596 -10.88 9.60 15.04
N CYS B 597 -9.59 9.34 14.85
CA CYS B 597 -8.84 9.94 13.76
C CYS B 597 -9.47 9.73 12.38
N ALA B 598 -9.97 8.52 12.13
CA ALA B 598 -10.61 8.19 10.85
C ALA B 598 -11.78 9.16 10.59
N ALA B 599 -12.59 9.39 11.62
CA ALA B 599 -13.74 10.28 11.52
C ALA B 599 -13.25 11.67 11.13
N VAL B 600 -12.30 12.22 11.89
CA VAL B 600 -11.79 13.55 11.59
C VAL B 600 -11.27 13.65 10.16
N ALA B 601 -10.51 12.64 9.71
CA ALA B 601 -9.97 12.64 8.36
C ALA B 601 -11.06 12.77 7.31
N ASN B 602 -12.07 11.91 7.40
CA ASN B 602 -13.18 11.95 6.45
C ASN B 602 -13.88 13.30 6.52
N TRP B 603 -14.06 13.81 7.73
CA TRP B 603 -14.72 15.10 7.93
C TRP B 603 -13.97 16.19 7.19
N ILE B 604 -12.64 16.17 7.29
CA ILE B 604 -11.80 17.15 6.62
C ILE B 604 -12.19 17.30 5.15
N PHE B 605 -12.51 16.17 4.53
CA PHE B 605 -12.89 16.17 3.12
C PHE B 605 -14.39 16.22 2.88
N SER B 606 -15.18 16.30 3.95
CA SER B 606 -16.63 16.35 3.83
C SER B 606 -17.08 17.58 3.04
N SER B 607 -18.30 17.53 2.51
CA SER B 607 -18.83 18.62 1.71
C SER B 607 -19.03 19.89 2.53
N GLU B 608 -19.31 19.74 3.81
CA GLU B 608 -19.52 20.89 4.69
C GLU B 608 -18.30 21.82 4.78
N LEU B 609 -17.11 21.26 4.62
CA LEU B 609 -15.89 22.06 4.70
C LEU B 609 -15.28 22.44 3.36
N SER B 610 -15.98 22.11 2.27
CA SER B 610 -15.48 22.38 0.92
C SER B 610 -15.05 23.82 0.68
N ARG B 611 -15.81 24.78 1.20
CA ARG B 611 -15.49 26.19 1.01
C ARG B 611 -14.36 26.67 1.92
N ASP B 612 -14.02 25.88 2.92
CA ASP B 612 -12.94 26.22 3.85
C ASP B 612 -11.74 25.31 3.64
N PHE B 613 -11.87 24.41 2.68
CA PHE B 613 -10.85 23.42 2.37
C PHE B 613 -9.42 23.96 2.15
N THR B 614 -9.28 25.14 1.58
CA THR B 614 -7.95 25.72 1.34
C THR B 614 -7.43 26.58 2.49
N ARG B 615 -8.16 26.65 3.59
CA ARG B 615 -7.71 27.45 4.71
C ARG B 615 -6.72 26.71 5.61
N LEU B 616 -5.75 27.43 6.15
CA LEU B 616 -4.73 26.85 7.01
C LEU B 616 -5.24 25.95 8.13
N PHE B 617 -6.23 26.41 8.90
CA PHE B 617 -6.72 25.64 10.03
C PHE B 617 -7.15 24.22 9.68
N VAL B 618 -7.71 24.03 8.50
CA VAL B 618 -8.12 22.69 8.08
C VAL B 618 -6.93 21.74 8.16
N TRP B 619 -5.80 22.18 7.61
CA TRP B 619 -4.61 21.35 7.58
C TRP B 619 -3.89 21.25 8.91
N GLU B 620 -3.99 22.30 9.73
CA GLU B 620 -3.38 22.27 11.04
C GLU B 620 -4.08 21.17 11.85
N ILE B 621 -5.39 21.05 11.66
CA ILE B 621 -6.16 20.02 12.35
C ILE B 621 -5.82 18.62 11.82
N LEU B 622 -5.71 18.48 10.50
CA LEU B 622 -5.38 17.17 9.94
C LEU B 622 -4.02 16.68 10.41
N HIS B 623 -3.04 17.57 10.48
CA HIS B 623 -1.69 17.20 10.90
C HIS B 623 -1.58 16.92 12.39
N SER B 624 -2.34 17.68 13.19
CA SER B 624 -2.32 17.44 14.63
C SER B 624 -2.97 16.06 14.85
N THR B 625 -3.95 15.75 14.02
CA THR B 625 -4.63 14.47 14.12
C THR B 625 -3.67 13.34 13.77
N ILE B 626 -2.92 13.51 12.70
CA ILE B 626 -1.95 12.50 12.29
C ILE B 626 -0.89 12.32 13.38
N ARG B 627 -0.45 13.42 13.98
CA ARG B 627 0.56 13.34 15.02
C ARG B 627 0.13 12.51 16.22
N LYS B 628 -1.13 12.66 16.62
CA LYS B 628 -1.65 11.91 17.76
C LYS B 628 -1.67 10.43 17.42
N MET B 629 -2.02 10.11 16.19
CA MET B 629 -2.05 8.72 15.76
C MET B 629 -0.66 8.11 15.75
N ASN B 630 0.33 8.91 15.37
CA ASN B 630 1.72 8.44 15.30
C ASN B 630 2.32 8.13 16.68
N LYS B 631 1.71 8.67 17.73
CA LYS B 631 2.20 8.45 19.08
C LYS B 631 1.43 7.34 19.81
N HIS B 632 0.35 6.87 19.20
CA HIS B 632 -0.44 5.81 19.81
C HIS B 632 0.30 4.48 19.71
N VAL B 633 0.65 3.91 20.85
CA VAL B 633 1.38 2.64 20.91
C VAL B 633 0.51 1.42 20.60
N GLY B 634 1.07 0.50 19.83
CA GLY B 634 0.33 -0.71 19.48
C GLY B 634 -0.96 -0.40 18.73
N ALA B 635 -0.87 0.51 17.77
CA ALA B 635 -2.02 0.91 16.96
C ALA B 635 -1.59 1.02 15.50
N GLN B 636 -0.55 0.29 15.17
CA GLN B 636 0.01 0.28 13.82
C GLN B 636 -1.03 0.07 12.73
N SER B 637 -2.11 -0.66 13.06
CA SER B 637 -3.18 -0.91 12.09
C SER B 637 -3.99 0.35 11.86
N GLU B 638 -4.36 1.01 12.95
CA GLU B 638 -5.13 2.24 12.88
C GLU B 638 -4.31 3.31 12.15
N GLN B 639 -3.00 3.31 12.41
CA GLN B 639 -2.09 4.27 11.81
C GLN B 639 -2.07 4.20 10.29
N LYS B 640 -1.86 2.99 9.77
CA LYS B 640 -1.81 2.78 8.32
C LYS B 640 -3.13 3.14 7.66
N ASN B 641 -4.24 2.75 8.29
CA ASN B 641 -5.56 3.02 7.75
C ASN B 641 -5.80 4.52 7.65
N LEU B 642 -5.31 5.27 8.64
CA LEU B 642 -5.49 6.71 8.61
C LEU B 642 -4.84 7.26 7.33
N PHE B 643 -3.57 6.94 7.11
CA PHE B 643 -2.90 7.42 5.91
C PHE B 643 -3.61 6.93 4.66
N LEU B 644 -4.05 5.68 4.69
CA LEU B 644 -4.75 5.10 3.56
C LEU B 644 -6.00 5.92 3.22
N VAL B 645 -6.81 6.22 4.23
CA VAL B 645 -8.02 7.00 4.02
C VAL B 645 -7.70 8.39 3.46
N ILE B 646 -6.70 9.03 4.04
CA ILE B 646 -6.32 10.35 3.58
C ILE B 646 -5.93 10.30 2.10
N PHE B 647 -5.10 9.33 1.71
CA PHE B 647 -4.69 9.23 0.32
C PHE B 647 -5.89 8.96 -0.59
N GLN B 648 -6.80 8.11 -0.11
CA GLN B 648 -7.99 7.79 -0.89
C GLN B 648 -8.81 9.05 -1.18
N ARG B 649 -9.05 9.87 -0.16
CA ARG B 649 -9.82 11.08 -0.36
C ARG B 649 -9.10 12.08 -1.28
N PHE B 650 -7.77 12.15 -1.18
CA PHE B 650 -7.02 13.06 -2.04
C PHE B 650 -7.13 12.58 -3.49
N ILE B 651 -6.96 11.28 -3.70
CA ILE B 651 -7.04 10.69 -5.04
C ILE B 651 -8.39 10.99 -5.68
N MET B 652 -9.43 10.83 -4.88
CA MET B 652 -10.80 11.03 -5.32
C MET B 652 -11.12 12.46 -5.76
N ILE B 653 -10.83 13.43 -4.90
CA ILE B 653 -11.11 14.83 -5.22
C ILE B 653 -10.20 15.37 -6.31
N LEU B 654 -8.97 14.86 -6.38
CA LEU B 654 -8.05 15.31 -7.42
C LEU B 654 -8.50 14.76 -8.77
N THR B 655 -8.93 13.49 -8.78
CA THR B 655 -9.40 12.88 -10.00
C THR B 655 -10.61 13.64 -10.50
N GLU B 656 -11.54 13.93 -9.60
CA GLU B 656 -12.76 14.64 -9.93
C GLU B 656 -12.49 16.00 -10.57
N HIS B 657 -11.51 16.72 -10.02
CA HIS B 657 -11.13 18.03 -10.55
C HIS B 657 -10.57 17.87 -11.95
N LEU B 658 -9.56 17.00 -12.09
CA LEU B 658 -8.92 16.76 -13.37
C LEU B 658 -9.90 16.33 -14.45
N VAL B 659 -10.78 15.40 -14.12
CA VAL B 659 -11.77 14.91 -15.07
C VAL B 659 -12.73 16.01 -15.51
N ARG B 660 -13.25 16.75 -14.53
CA ARG B 660 -14.18 17.83 -14.81
C ARG B 660 -13.52 18.90 -15.69
N CYS B 661 -12.22 19.11 -15.51
CA CYS B 661 -11.50 20.09 -16.30
C CYS B 661 -11.40 19.62 -17.74
N GLU B 662 -11.21 18.31 -17.92
CA GLU B 662 -11.13 17.73 -19.25
C GLU B 662 -12.44 17.95 -20.00
N THR B 663 -13.54 17.56 -19.37
CA THR B 663 -14.88 17.69 -19.94
C THR B 663 -15.31 19.14 -20.15
N ASP B 664 -15.18 19.96 -19.11
CA ASP B 664 -15.54 21.36 -19.17
C ASP B 664 -14.57 22.17 -20.02
N GLY B 665 -13.38 21.61 -20.24
CA GLY B 665 -12.39 22.30 -21.04
C GLY B 665 -11.75 23.50 -20.36
N THR B 666 -11.78 23.53 -19.03
CA THR B 666 -11.17 24.64 -18.28
C THR B 666 -9.75 24.30 -17.91
N SER B 667 -9.01 25.27 -17.39
CA SER B 667 -7.61 25.03 -17.01
C SER B 667 -7.52 24.27 -15.70
N VAL B 668 -6.59 23.33 -15.66
CA VAL B 668 -6.37 22.51 -14.47
C VAL B 668 -5.72 23.29 -13.34
N LEU B 669 -4.73 24.11 -13.68
CA LEU B 669 -4.00 24.89 -12.72
C LEU B 669 -4.74 26.10 -12.16
N THR B 670 -5.62 25.86 -11.20
CA THR B 670 -6.39 26.92 -10.55
C THR B 670 -5.87 27.06 -9.12
N PRO B 671 -6.19 28.16 -8.43
CA PRO B 671 -5.70 28.31 -7.07
C PRO B 671 -6.15 27.16 -6.15
N TRP B 672 -7.34 26.65 -6.38
CA TRP B 672 -7.84 25.54 -5.57
C TRP B 672 -6.93 24.34 -5.81
N TYR B 673 -6.70 24.02 -7.08
CA TYR B 673 -5.86 22.89 -7.45
C TYR B 673 -4.46 22.97 -6.84
N LYS B 674 -3.85 24.15 -6.92
CA LYS B 674 -2.52 24.38 -6.39
C LYS B 674 -2.45 23.99 -4.91
N ASN B 675 -3.52 24.28 -4.18
CA ASN B 675 -3.55 23.96 -2.77
C ASN B 675 -3.69 22.45 -2.57
N CYS B 676 -4.65 21.85 -3.27
CA CYS B 676 -4.91 20.43 -3.13
C CYS B 676 -3.69 19.57 -3.41
N ILE B 677 -3.11 19.76 -4.59
CA ILE B 677 -1.94 19.01 -4.99
C ILE B 677 -0.78 19.19 -4.00
N GLU B 678 -0.58 20.41 -3.52
CA GLU B 678 0.51 20.67 -2.59
C GLU B 678 0.27 20.15 -1.17
N ARG B 679 -1.00 20.07 -0.77
CA ARG B 679 -1.31 19.53 0.57
C ARG B 679 -1.06 18.03 0.56
N LEU B 680 -1.33 17.38 -0.58
CA LEU B 680 -1.09 15.95 -0.69
C LEU B 680 0.42 15.79 -0.61
N GLN B 681 1.12 16.65 -1.32
CA GLN B 681 2.57 16.66 -1.34
C GLN B 681 3.08 16.79 0.11
N GLN B 682 2.45 17.68 0.86
CA GLN B 682 2.82 17.93 2.25
C GLN B 682 2.67 16.71 3.15
N ILE B 683 1.64 15.90 2.93
CA ILE B 683 1.45 14.71 3.74
C ILE B 683 2.71 13.83 3.65
N PHE B 684 3.20 13.67 2.42
CA PHE B 684 4.40 12.87 2.16
C PHE B 684 5.65 13.43 2.83
N LEU B 685 5.85 14.74 2.71
CA LEU B 685 7.03 15.38 3.29
C LEU B 685 7.05 15.36 4.81
N GLN B 686 5.90 15.63 5.41
CA GLN B 686 5.80 15.67 6.85
C GLN B 686 5.92 14.31 7.55
N HIS B 687 5.65 13.23 6.82
CA HIS B 687 5.69 11.90 7.42
C HIS B 687 6.37 10.86 6.54
N HIS B 688 7.35 11.29 5.76
CA HIS B 688 8.07 10.39 4.86
C HIS B 688 8.59 9.14 5.57
N GLN B 689 9.06 9.32 6.80
CA GLN B 689 9.58 8.23 7.62
C GLN B 689 8.59 7.06 7.69
N ILE B 690 7.42 7.34 8.26
CA ILE B 690 6.38 6.33 8.42
C ILE B 690 5.83 5.77 7.12
N ILE B 691 5.41 6.66 6.22
CA ILE B 691 4.83 6.26 4.95
C ILE B 691 5.67 5.29 4.13
N GLN B 692 6.99 5.34 4.34
CA GLN B 692 7.92 4.48 3.61
C GLN B 692 7.62 2.99 3.82
N GLN B 693 7.03 2.67 4.96
CA GLN B 693 6.69 1.30 5.32
C GLN B 693 5.49 0.77 4.51
N TYR B 694 4.76 1.67 3.87
CA TYR B 694 3.57 1.30 3.11
C TYR B 694 3.78 1.23 1.60
N MET B 695 5.04 1.29 1.16
CA MET B 695 5.36 1.25 -0.26
C MET B 695 4.61 0.22 -1.09
N VAL B 696 4.77 -1.05 -0.76
CA VAL B 696 4.11 -2.10 -1.52
C VAL B 696 2.60 -1.84 -1.65
N THR B 697 1.97 -1.48 -0.54
CA THR B 697 0.54 -1.21 -0.55
C THR B 697 0.20 0.00 -1.41
N LEU B 698 0.93 1.10 -1.21
CA LEU B 698 0.67 2.32 -1.97
C LEU B 698 0.93 2.17 -3.47
N GLU B 699 2.00 1.48 -3.83
CA GLU B 699 2.38 1.25 -5.23
C GLU B 699 1.38 0.38 -5.97
N ASN B 700 0.97 -0.70 -5.32
CA ASN B 700 0.06 -1.66 -5.95
C ASN B 700 -1.42 -1.44 -5.77
N LEU B 701 -1.83 -0.85 -4.65
CA LEU B 701 -3.25 -0.67 -4.40
C LEU B 701 -3.84 0.74 -4.51
N LEU B 702 -3.05 1.76 -4.18
CA LEU B 702 -3.55 3.15 -4.26
C LEU B 702 -3.03 3.95 -5.44
N PHE B 703 -1.73 4.25 -5.44
CA PHE B 703 -1.15 5.01 -6.54
C PHE B 703 -0.76 4.08 -7.69
N THR B 704 -1.79 3.57 -8.35
CA THR B 704 -1.62 2.65 -9.47
C THR B 704 -1.55 3.37 -10.80
N ALA B 705 -1.21 2.62 -11.83
CA ALA B 705 -1.09 3.18 -13.18
C ALA B 705 -2.42 3.74 -13.68
N GLU B 706 -3.50 3.41 -12.98
CA GLU B 706 -4.83 3.88 -13.34
C GLU B 706 -5.01 5.36 -13.04
N LEU B 707 -4.14 5.91 -12.21
CA LEU B 707 -4.24 7.31 -11.83
C LEU B 707 -3.75 8.31 -12.87
N ASP B 708 -4.32 9.50 -12.82
CA ASP B 708 -3.94 10.58 -13.71
C ASP B 708 -2.48 10.92 -13.35
N PRO B 709 -1.62 11.11 -14.35
CA PRO B 709 -0.21 11.42 -14.10
C PRO B 709 0.06 12.58 -13.12
N HIS B 710 -0.85 13.55 -13.06
CA HIS B 710 -0.66 14.67 -12.13
C HIS B 710 -0.57 14.14 -10.69
N ILE B 711 -1.43 13.19 -10.37
CA ILE B 711 -1.46 12.62 -9.02
C ILE B 711 -0.27 11.67 -8.84
N LEU B 712 -0.06 10.80 -9.83
CA LEU B 712 1.02 9.84 -9.80
C LEU B 712 2.38 10.53 -9.64
N ALA B 713 2.50 11.73 -10.20
CA ALA B 713 3.73 12.51 -10.16
C ALA B 713 4.19 12.80 -8.74
N VAL B 714 3.25 13.11 -7.84
CA VAL B 714 3.59 13.41 -6.46
C VAL B 714 4.17 12.18 -5.77
N PHE B 715 3.57 11.02 -6.04
CA PHE B 715 4.02 9.77 -5.45
C PHE B 715 5.43 9.39 -5.93
N GLN B 716 5.71 9.62 -7.21
CA GLN B 716 7.02 9.30 -7.77
C GLN B 716 8.06 10.24 -7.17
N GLN B 717 7.64 11.49 -6.95
CA GLN B 717 8.50 12.51 -6.36
C GLN B 717 8.90 12.08 -4.95
N PHE B 718 7.92 11.57 -4.20
CA PHE B 718 8.12 11.09 -2.85
C PHE B 718 9.13 9.94 -2.88
N CYS B 719 8.96 9.06 -3.85
CA CYS B 719 9.84 7.91 -4.05
C CYS B 719 11.30 8.33 -4.24
N ALA B 720 11.51 9.30 -5.12
CA ALA B 720 12.84 9.80 -5.44
C ALA B 720 13.66 10.24 -4.24
N LEU B 721 13.00 10.63 -3.16
CA LEU B 721 13.70 11.07 -1.96
C LEU B 721 14.68 10.04 -1.44
N GLN B 722 14.38 8.76 -1.63
CA GLN B 722 15.28 7.71 -1.14
C GLN B 722 15.71 6.70 -2.20
N ALA B 723 15.40 6.98 -3.46
CA ALA B 723 15.77 6.07 -4.55
C ALA B 723 17.20 6.35 -5.00
N GLY C 4 -36.29 -18.73 -18.59
CA GLY C 4 -36.07 -17.29 -18.97
C GLY C 4 -34.73 -16.75 -18.51
N LEU C 5 -34.25 -15.70 -19.18
CA LEU C 5 -32.97 -15.08 -18.84
C LEU C 5 -33.10 -13.60 -18.46
N LEU C 6 -31.99 -13.02 -18.02
CA LEU C 6 -31.93 -11.62 -17.60
C LEU C 6 -30.80 -10.91 -18.31
N LYS C 7 -31.07 -9.72 -18.84
CA LYS C 7 -30.07 -8.94 -19.55
C LYS C 7 -28.91 -8.53 -18.65
N ALA C 8 -29.21 -8.22 -17.39
CA ALA C 8 -28.19 -7.80 -16.45
C ALA C 8 -27.08 -8.84 -16.26
N LEU C 9 -27.44 -10.12 -16.27
CA LEU C 9 -26.45 -11.18 -16.07
C LEU C 9 -25.59 -11.45 -17.31
N ARG C 10 -25.92 -10.82 -18.43
CA ARG C 10 -25.18 -11.00 -19.67
C ARG C 10 -23.93 -10.11 -19.72
N SER C 11 -23.89 -9.11 -18.85
CA SER C 11 -22.80 -8.16 -18.78
C SER C 11 -21.43 -8.83 -18.88
N ASP C 12 -20.65 -8.42 -19.88
CA ASP C 12 -19.31 -8.95 -20.11
C ASP C 12 -18.46 -7.82 -20.67
N SER C 13 -18.36 -6.73 -19.91
CA SER C 13 -17.64 -5.55 -20.36
C SER C 13 -16.17 -5.72 -20.74
N TYR C 14 -15.47 -6.67 -20.13
CA TYR C 14 -14.05 -6.86 -20.44
C TYR C 14 -13.79 -7.44 -21.82
N VAL C 15 -14.81 -8.02 -22.43
CA VAL C 15 -14.69 -8.64 -23.75
C VAL C 15 -15.15 -7.72 -24.87
N GLU C 16 -15.61 -6.54 -24.51
CA GLU C 16 -16.08 -5.58 -25.51
C GLU C 16 -14.94 -4.97 -26.30
N LEU C 17 -15.25 -4.55 -27.51
CA LEU C 17 -14.26 -3.92 -28.37
C LEU C 17 -13.85 -2.58 -27.78
N SER C 18 -12.62 -2.15 -28.06
CA SER C 18 -12.14 -0.87 -27.56
C SER C 18 -12.29 0.17 -28.66
N GLN C 19 -11.69 1.34 -28.46
CA GLN C 19 -11.75 2.41 -29.44
C GLN C 19 -10.78 2.19 -30.60
N TYR C 20 -9.70 1.48 -30.32
CA TYR C 20 -8.67 1.23 -31.33
C TYR C 20 -9.17 0.59 -32.61
N ARG C 21 -8.59 1.07 -33.72
CA ARG C 21 -8.88 0.57 -35.06
C ARG C 21 -7.58 0.70 -35.84
N ASP C 22 -7.17 -0.37 -36.50
CA ASP C 22 -5.93 -0.38 -37.27
C ASP C 22 -6.10 0.52 -38.49
N GLN C 23 -5.39 1.65 -38.49
CA GLN C 23 -5.45 2.61 -39.57
C GLN C 23 -4.77 2.12 -40.85
N HIS C 24 -4.22 0.91 -40.80
CA HIS C 24 -3.53 0.31 -41.94
C HIS C 24 -4.36 -0.83 -42.50
N PHE C 25 -5.36 -1.26 -41.73
CA PHE C 25 -6.24 -2.35 -42.14
C PHE C 25 -6.74 -2.09 -43.56
N ARG C 26 -6.56 -3.07 -44.43
CA ARG C 26 -7.00 -2.95 -45.82
C ARG C 26 -8.45 -3.35 -46.00
N GLY C 27 -9.35 -2.46 -45.62
CA GLY C 27 -10.76 -2.77 -45.77
C GLY C 27 -11.72 -1.85 -45.02
N ASP C 28 -13.00 -2.15 -45.19
CA ASP C 28 -14.08 -1.40 -44.57
C ASP C 28 -14.14 -1.64 -43.06
N ASN C 29 -14.26 -0.56 -42.29
CA ASN C 29 -14.34 -0.67 -40.84
C ASN C 29 -15.33 -1.74 -40.40
N GLU C 30 -16.43 -1.86 -41.13
CA GLU C 30 -17.45 -2.87 -40.82
C GLU C 30 -16.78 -4.24 -40.85
N GLU C 31 -15.95 -4.47 -41.87
CA GLU C 31 -15.26 -5.74 -42.03
C GLU C 31 -14.17 -5.92 -40.97
N GLN C 32 -13.70 -4.82 -40.40
CA GLN C 32 -12.68 -4.91 -39.38
C GLN C 32 -13.31 -5.36 -38.06
N GLU C 33 -14.45 -4.76 -37.72
CA GLU C 33 -15.15 -5.12 -36.49
C GLU C 33 -15.66 -6.55 -36.64
N LYS C 34 -16.07 -6.90 -37.86
CA LYS C 34 -16.57 -8.24 -38.13
C LYS C 34 -15.49 -9.26 -37.77
N LEU C 35 -14.24 -8.91 -38.04
CA LEU C 35 -13.12 -9.81 -37.74
C LEU C 35 -12.80 -9.76 -36.25
N LEU C 36 -12.83 -8.57 -35.67
CA LEU C 36 -12.55 -8.41 -34.25
C LEU C 36 -13.48 -9.25 -33.38
N LYS C 37 -14.73 -9.39 -33.79
CA LYS C 37 -15.72 -10.15 -33.01
C LYS C 37 -15.60 -11.67 -33.06
N LYS C 38 -14.81 -12.18 -34.00
CA LYS C 38 -14.61 -13.63 -34.11
C LYS C 38 -13.15 -13.98 -33.88
N SER C 39 -12.34 -12.95 -33.68
CA SER C 39 -10.91 -13.13 -33.49
C SER C 39 -10.48 -13.96 -32.29
N CYS C 40 -9.33 -14.62 -32.44
CA CYS C 40 -8.74 -15.44 -31.40
C CYS C 40 -7.38 -14.82 -31.08
N THR C 41 -7.10 -13.69 -31.71
CA THR C 41 -5.83 -13.01 -31.53
C THR C 41 -5.97 -11.76 -30.65
N LEU C 42 -4.99 -11.55 -29.79
CA LEU C 42 -4.99 -10.38 -28.92
C LEU C 42 -3.72 -9.56 -29.11
N TYR C 43 -3.85 -8.26 -29.01
CA TYR C 43 -2.72 -7.37 -29.09
C TYR C 43 -2.40 -7.12 -27.63
N VAL C 44 -1.13 -7.13 -27.27
CA VAL C 44 -0.77 -6.88 -25.89
C VAL C 44 0.15 -5.68 -25.88
N GLY C 45 -0.14 -4.72 -25.00
CA GLY C 45 0.66 -3.52 -24.96
C GLY C 45 1.31 -3.19 -23.64
N ASN C 46 2.23 -2.25 -23.70
CA ASN C 46 3.01 -1.76 -22.57
C ASN C 46 3.98 -2.78 -21.96
N LEU C 47 4.54 -3.64 -22.80
CA LEU C 47 5.51 -4.63 -22.36
C LEU C 47 6.86 -3.97 -22.16
N SER C 48 7.73 -4.63 -21.42
CA SER C 48 9.09 -4.14 -21.21
C SER C 48 9.84 -4.60 -22.45
N PHE C 49 10.91 -3.91 -22.81
CA PHE C 49 11.70 -4.31 -23.97
C PHE C 49 12.47 -5.58 -23.65
N TYR C 50 12.57 -5.90 -22.36
CA TYR C 50 13.28 -7.08 -21.90
C TYR C 50 12.31 -8.23 -21.65
N THR C 51 11.05 -8.04 -21.99
CA THR C 51 10.06 -9.09 -21.79
C THR C 51 10.19 -10.11 -22.91
N THR C 52 10.45 -11.35 -22.53
CA THR C 52 10.63 -12.44 -23.48
C THR C 52 9.36 -13.16 -23.85
N GLU C 53 9.43 -13.92 -24.94
CA GLU C 53 8.31 -14.69 -25.44
C GLU C 53 7.94 -15.79 -24.44
N GLU C 54 8.96 -16.34 -23.77
CA GLU C 54 8.73 -17.40 -22.80
C GLU C 54 7.89 -16.88 -21.64
N GLN C 55 8.15 -15.65 -21.20
CA GLN C 55 7.39 -15.06 -20.11
C GLN C 55 5.93 -14.88 -20.53
N ILE C 56 5.72 -14.41 -21.76
CA ILE C 56 4.37 -14.21 -22.28
C ILE C 56 3.62 -15.54 -22.38
N TYR C 57 4.34 -16.62 -22.67
CA TYR C 57 3.72 -17.93 -22.77
C TYR C 57 3.21 -18.38 -21.40
N GLU C 58 4.05 -18.21 -20.38
CA GLU C 58 3.69 -18.61 -19.03
C GLU C 58 2.47 -17.89 -18.52
N LEU C 59 2.41 -16.58 -18.73
CA LEU C 59 1.28 -15.78 -18.27
C LEU C 59 0.00 -16.08 -19.02
N PHE C 60 0.03 -15.92 -20.35
CA PHE C 60 -1.17 -16.12 -21.14
C PHE C 60 -1.70 -17.54 -21.26
N SER C 61 -0.89 -18.53 -20.90
CA SER C 61 -1.36 -19.91 -20.97
C SER C 61 -2.37 -20.19 -19.86
N LYS C 62 -2.42 -19.30 -18.87
CA LYS C 62 -3.36 -19.46 -17.75
C LYS C 62 -4.83 -19.42 -18.19
N SER C 63 -5.12 -18.80 -19.33
CA SER C 63 -6.49 -18.74 -19.81
C SER C 63 -6.75 -19.75 -20.92
N GLY C 64 -5.72 -20.48 -21.35
CA GLY C 64 -5.90 -21.46 -22.40
C GLY C 64 -4.66 -21.73 -23.25
N ASP C 65 -4.78 -22.65 -24.19
CA ASP C 65 -3.64 -23.03 -25.03
C ASP C 65 -3.32 -22.03 -26.14
N ILE C 66 -2.05 -21.62 -26.17
CA ILE C 66 -1.57 -20.65 -27.14
C ILE C 66 -1.09 -21.31 -28.43
N LYS C 67 -1.56 -20.78 -29.56
CA LYS C 67 -1.17 -21.32 -30.86
C LYS C 67 0.14 -20.69 -31.33
N LYS C 68 0.26 -19.37 -31.16
CA LYS C 68 1.47 -18.67 -31.56
C LYS C 68 1.60 -17.29 -30.92
N ILE C 69 2.83 -16.85 -30.78
CA ILE C 69 3.11 -15.54 -30.22
C ILE C 69 4.08 -14.83 -31.16
N ILE C 70 3.78 -13.58 -31.46
CA ILE C 70 4.62 -12.79 -32.35
C ILE C 70 5.07 -11.56 -31.58
N MET C 71 6.38 -11.37 -31.45
CA MET C 71 6.91 -10.23 -30.73
C MET C 71 6.97 -8.98 -31.62
N GLY C 72 6.73 -7.83 -31.00
CA GLY C 72 6.76 -6.56 -31.71
C GLY C 72 8.19 -6.07 -31.85
N LEU C 73 8.58 -5.76 -33.08
CA LEU C 73 9.95 -5.35 -33.32
C LEU C 73 10.11 -3.94 -33.88
N ASP C 74 11.22 -3.31 -33.53
CA ASP C 74 11.55 -1.98 -34.03
C ASP C 74 11.78 -2.17 -35.54
N LYS C 75 11.01 -1.47 -36.36
CA LYS C 75 11.14 -1.63 -37.82
C LYS C 75 12.55 -1.40 -38.35
N MET C 76 13.38 -0.72 -37.57
CA MET C 76 14.75 -0.43 -37.98
C MET C 76 15.82 -1.35 -37.39
N LYS C 77 15.98 -1.32 -36.08
CA LYS C 77 16.99 -2.15 -35.42
C LYS C 77 16.52 -3.58 -35.17
N LYS C 78 15.28 -3.88 -35.55
CA LYS C 78 14.73 -5.22 -35.39
C LYS C 78 14.79 -5.81 -33.99
N THR C 79 14.67 -4.98 -32.96
CA THR C 79 14.72 -5.48 -31.59
C THR C 79 13.33 -5.39 -30.95
N ALA C 80 13.19 -5.91 -29.73
CA ALA C 80 11.91 -5.88 -29.06
C ALA C 80 11.53 -4.44 -28.75
N CYS C 81 10.36 -3.99 -29.21
CA CYS C 81 9.98 -2.62 -28.90
C CYS C 81 8.78 -2.39 -27.95
N GLY C 82 8.31 -3.46 -27.30
CA GLY C 82 7.26 -3.30 -26.30
C GLY C 82 5.85 -3.77 -26.50
N PHE C 83 5.61 -4.73 -27.38
CA PHE C 83 4.25 -5.20 -27.58
C PHE C 83 4.28 -6.52 -28.32
N CYS C 84 3.17 -7.25 -28.29
CA CYS C 84 3.14 -8.53 -28.98
C CYS C 84 1.73 -8.92 -29.33
N PHE C 85 1.60 -10.03 -30.05
CA PHE C 85 0.30 -10.56 -30.45
C PHE C 85 0.24 -11.99 -29.94
N VAL C 86 -0.83 -12.32 -29.23
CA VAL C 86 -1.00 -13.66 -28.70
C VAL C 86 -2.23 -14.26 -29.39
N GLU C 87 -2.03 -15.36 -30.10
CA GLU C 87 -3.13 -16.02 -30.79
C GLU C 87 -3.49 -17.36 -30.12
N TYR C 88 -4.75 -17.51 -29.77
CA TYR C 88 -5.26 -18.71 -29.12
C TYR C 88 -5.94 -19.62 -30.14
N TYR C 89 -6.17 -20.87 -29.76
CA TYR C 89 -6.83 -21.81 -30.64
C TYR C 89 -8.35 -21.60 -30.58
N SER C 90 -8.84 -21.11 -29.44
CA SER C 90 -10.27 -20.87 -29.31
C SER C 90 -10.64 -19.50 -28.75
N ARG C 91 -11.71 -18.94 -29.28
CA ARG C 91 -12.22 -17.62 -28.89
C ARG C 91 -12.42 -17.53 -27.37
N ALA C 92 -13.02 -18.58 -26.80
CA ALA C 92 -13.30 -18.64 -25.37
C ALA C 92 -12.06 -18.41 -24.50
N ASP C 93 -10.92 -18.95 -24.90
CA ASP C 93 -9.69 -18.78 -24.14
C ASP C 93 -9.16 -17.36 -24.32
N ALA C 94 -9.46 -16.76 -25.48
CA ALA C 94 -9.02 -15.40 -25.75
C ALA C 94 -9.88 -14.43 -24.96
N GLU C 95 -11.11 -14.84 -24.66
CA GLU C 95 -12.02 -13.99 -23.89
C GLU C 95 -11.59 -13.97 -22.43
N ASN C 96 -11.23 -15.13 -21.89
CA ASN C 96 -10.81 -15.19 -20.50
C ASN C 96 -9.53 -14.41 -20.25
N ALA C 97 -8.71 -14.25 -21.29
CA ALA C 97 -7.47 -13.49 -21.16
C ALA C 97 -7.86 -12.00 -21.09
N MET C 98 -8.88 -11.62 -21.85
CA MET C 98 -9.34 -10.24 -21.83
C MET C 98 -10.01 -9.99 -20.48
N ARG C 99 -10.66 -11.02 -19.91
CA ARG C 99 -11.32 -10.87 -18.61
C ARG C 99 -10.39 -10.86 -17.41
N TYR C 100 -9.38 -11.74 -17.40
CA TYR C 100 -8.50 -11.84 -16.24
C TYR C 100 -7.00 -11.53 -16.34
N ILE C 101 -6.46 -11.41 -17.55
CA ILE C 101 -5.04 -11.10 -17.67
C ILE C 101 -4.86 -9.61 -17.96
N ASN C 102 -5.77 -9.07 -18.78
CA ASN C 102 -5.72 -7.66 -19.14
C ASN C 102 -5.67 -6.78 -17.90
N GLY C 103 -4.68 -5.90 -17.82
CA GLY C 103 -4.57 -5.03 -16.67
C GLY C 103 -3.90 -5.63 -15.44
N THR C 104 -3.15 -6.71 -15.61
CA THR C 104 -2.45 -7.33 -14.48
C THR C 104 -0.96 -7.23 -14.82
N ARG C 105 -0.08 -7.68 -13.93
CA ARG C 105 1.35 -7.55 -14.18
C ARG C 105 2.09 -8.65 -14.92
N LEU C 106 3.06 -8.21 -15.72
CA LEU C 106 3.94 -9.07 -16.51
C LEU C 106 5.29 -8.35 -16.52
N ASP C 107 6.29 -8.95 -15.89
CA ASP C 107 7.62 -8.34 -15.83
C ASP C 107 7.50 -7.08 -15.00
N ASP C 108 6.53 -7.10 -14.08
CA ASP C 108 6.28 -5.99 -13.17
C ASP C 108 5.58 -4.77 -13.79
N ARG C 109 5.00 -4.94 -14.96
CA ARG C 109 4.31 -3.82 -15.62
C ARG C 109 2.84 -4.16 -15.86
N ILE C 110 1.99 -3.15 -15.76
CA ILE C 110 0.57 -3.37 -16.02
C ILE C 110 0.41 -3.33 -17.53
N ILE C 111 0.02 -4.46 -18.11
CA ILE C 111 -0.14 -4.52 -19.55
C ILE C 111 -1.61 -4.39 -19.92
N ARG C 112 -1.87 -4.09 -21.18
CA ARG C 112 -3.21 -3.93 -21.68
C ARG C 112 -3.41 -4.80 -22.91
N THR C 113 -4.50 -5.56 -22.91
CA THR C 113 -4.79 -6.44 -24.04
C THR C 113 -5.96 -5.85 -24.83
N ASP C 114 -5.99 -6.16 -26.12
CA ASP C 114 -7.02 -5.65 -27.01
C ASP C 114 -7.28 -6.65 -28.13
N TRP C 115 -8.52 -6.77 -28.56
CA TRP C 115 -8.83 -7.69 -29.64
C TRP C 115 -8.12 -7.22 -30.92
N ASP C 116 -7.66 -8.18 -31.71
CA ASP C 116 -6.96 -7.85 -32.94
C ASP C 116 -7.65 -8.54 -34.10
N ALA C 117 -7.70 -7.87 -35.25
CA ALA C 117 -8.37 -8.44 -36.43
C ALA C 117 -7.63 -9.64 -37.04
N GLY C 118 -6.37 -9.79 -36.68
CA GLY C 118 -5.59 -10.90 -37.22
C GLY C 118 -4.21 -10.44 -37.66
N PHE C 119 -3.24 -11.35 -37.61
CA PHE C 119 -1.89 -11.00 -38.02
C PHE C 119 -1.71 -10.98 -39.53
N LYS C 120 -0.81 -10.12 -39.98
CA LYS C 120 -0.47 -9.97 -41.39
C LYS C 120 0.97 -9.48 -41.41
N GLU C 121 1.77 -10.00 -42.32
CA GLU C 121 3.17 -9.59 -42.41
C GLU C 121 3.34 -8.08 -42.38
N GLY C 122 4.31 -7.62 -41.60
CA GLY C 122 4.54 -6.18 -41.51
C GLY C 122 3.86 -5.55 -40.30
N ARG C 123 2.95 -6.28 -39.68
CA ARG C 123 2.24 -5.76 -38.53
C ARG C 123 3.00 -5.91 -37.22
N GLN C 124 4.11 -6.65 -37.25
CA GLN C 124 4.90 -6.85 -36.05
C GLN C 124 5.89 -5.72 -35.81
N TYR C 125 5.86 -4.71 -36.69
CA TYR C 125 6.79 -3.60 -36.58
C TYR C 125 6.19 -2.28 -36.09
N GLY C 126 6.94 -1.59 -35.25
CA GLY C 126 6.48 -0.31 -34.76
C GLY C 126 6.30 0.60 -35.95
N ARG C 127 5.28 1.45 -35.93
CA ARG C 127 5.02 2.35 -37.03
C ARG C 127 5.52 3.76 -36.75
N GLY C 128 6.23 3.90 -35.64
CA GLY C 128 6.78 5.19 -35.28
C GLY C 128 7.91 5.59 -36.23
N ARG C 129 8.07 6.88 -36.42
CA ARG C 129 9.09 7.41 -37.32
C ARG C 129 10.47 6.84 -37.02
N SER C 130 10.82 6.77 -35.74
CA SER C 130 12.12 6.27 -35.33
C SER C 130 12.23 4.75 -35.32
N GLY C 131 11.16 4.07 -35.72
CA GLY C 131 11.21 2.62 -35.76
C GLY C 131 10.40 1.90 -34.68
N GLY C 132 10.31 2.50 -33.50
CA GLY C 132 9.55 1.88 -32.42
C GLY C 132 8.05 2.14 -32.53
N GLN C 133 7.32 1.91 -31.44
CA GLN C 133 5.89 2.13 -31.43
C GLN C 133 5.57 3.63 -31.41
N VAL C 134 4.53 4.03 -32.15
CA VAL C 134 4.10 5.42 -32.22
C VAL C 134 4.06 6.08 -30.85
N ARG C 135 3.48 5.38 -29.88
CA ARG C 135 3.37 5.89 -28.52
C ARG C 135 4.70 6.37 -27.97
N ASP C 136 5.79 5.69 -28.35
CA ASP C 136 7.11 6.02 -27.85
C ASP C 136 7.85 7.13 -28.59
N GLU C 137 7.32 7.55 -29.73
CA GLU C 137 7.94 8.57 -30.55
C GLU C 137 8.10 9.90 -29.82
N TYR C 138 6.98 10.48 -29.39
CA TYR C 138 6.97 11.77 -28.70
C TYR C 138 6.80 11.71 -27.19
N ARG C 139 7.05 10.54 -26.59
CA ARG C 139 6.90 10.41 -25.15
C ARG C 139 7.70 11.50 -24.47
N GLN C 140 7.47 11.63 -23.17
CA GLN C 140 8.12 12.64 -22.38
C GLN C 140 8.84 12.07 -21.18
N ASP C 141 8.21 11.06 -20.58
CA ASP C 141 8.72 10.40 -19.40
C ASP C 141 9.99 9.57 -19.61
N TYR C 142 10.58 9.14 -18.51
CA TYR C 142 11.77 8.29 -18.56
C TYR C 142 11.34 6.89 -18.12
N ASP C 143 11.08 6.03 -19.10
CA ASP C 143 10.67 4.65 -18.84
C ASP C 143 11.86 3.72 -19.07
N ALA C 144 12.51 3.30 -17.98
CA ALA C 144 13.66 2.42 -18.08
C ALA C 144 13.37 1.14 -18.88
N GLY C 145 12.26 0.47 -18.54
CA GLY C 145 11.94 -0.75 -19.25
C GLY C 145 11.43 -0.52 -20.66
N ARG C 146 11.52 0.71 -21.13
CA ARG C 146 11.03 1.05 -22.47
C ARG C 146 12.05 1.84 -23.29
N GLY C 147 13.31 1.80 -22.88
CA GLY C 147 14.35 2.52 -23.61
C GLY C 147 14.60 3.95 -23.17
N GLY C 148 14.38 4.25 -21.89
CA GLY C 148 14.60 5.60 -21.39
C GLY C 148 13.58 6.61 -21.90
N TYR C 149 14.07 7.73 -22.43
CA TYR C 149 13.20 8.78 -22.94
C TYR C 149 12.53 8.39 -24.25
N GLY C 150 11.45 9.09 -24.58
CA GLY C 150 10.69 8.79 -25.79
C GLY C 150 11.29 9.32 -27.08
N LYS C 151 12.41 8.75 -27.50
CA LYS C 151 13.08 9.14 -28.74
C LYS C 151 12.93 10.61 -29.15
N LEU C 152 12.22 10.83 -30.25
CA LEU C 152 12.00 12.17 -30.80
C LEU C 152 11.16 13.04 -29.87
N LEU D 5 31.25 13.39 22.23
CA LEU D 5 30.33 14.32 22.94
C LEU D 5 31.12 15.37 23.75
N LEU D 6 30.72 16.64 23.65
CA LEU D 6 31.40 17.73 24.35
C LEU D 6 30.49 18.48 25.32
N LYS D 7 31.02 18.79 26.51
CA LYS D 7 30.25 19.51 27.52
C LYS D 7 29.80 20.90 27.04
N ALA D 8 30.68 21.59 26.33
CA ALA D 8 30.37 22.92 25.84
C ALA D 8 29.11 22.98 24.96
N LEU D 9 28.87 21.93 24.19
CA LEU D 9 27.70 21.89 23.31
C LEU D 9 26.44 21.39 24.00
N ARG D 10 26.56 21.01 25.27
CA ARG D 10 25.41 20.54 26.03
C ARG D 10 24.77 21.71 26.77
N SER D 11 25.39 22.87 26.71
CA SER D 11 24.88 24.06 27.37
C SER D 11 23.42 24.28 27.02
N ASP D 12 22.57 24.36 28.05
CA ASP D 12 21.13 24.53 27.85
C ASP D 12 20.62 25.42 28.99
N SER D 13 21.24 26.58 29.14
CA SER D 13 20.92 27.54 30.20
C SER D 13 19.44 27.93 30.35
N TYR D 14 18.70 28.02 29.25
CA TYR D 14 17.30 28.39 29.34
C TYR D 14 16.43 27.34 30.00
N VAL D 15 16.94 26.11 30.09
CA VAL D 15 16.19 25.02 30.69
C VAL D 15 16.58 24.78 32.15
N GLU D 16 17.54 25.55 32.65
CA GLU D 16 17.96 25.40 34.03
C GLU D 16 16.89 25.87 35.03
N LEU D 17 16.96 25.34 36.25
CA LEU D 17 16.02 25.71 37.30
C LEU D 17 16.34 27.12 37.75
N SER D 18 15.33 27.87 38.17
CA SER D 18 15.54 29.22 38.67
C SER D 18 15.74 29.09 40.17
N GLN D 19 15.69 30.21 40.88
CA GLN D 19 15.87 30.17 42.33
C GLN D 19 14.55 30.14 43.08
N TYR D 20 13.44 30.17 42.34
CA TYR D 20 12.13 30.13 42.95
C TYR D 20 11.78 28.76 43.51
N ARG D 21 11.14 28.75 44.67
CA ARG D 21 10.72 27.52 45.30
C ARG D 21 9.37 27.77 45.98
N ASP D 22 8.40 26.93 45.69
CA ASP D 22 7.06 27.06 46.27
C ASP D 22 7.20 26.85 47.77
N GLN D 23 6.97 27.91 48.55
CA GLN D 23 7.08 27.83 50.01
C GLN D 23 6.05 26.92 50.67
N HIS D 24 4.95 26.63 49.98
CA HIS D 24 3.91 25.78 50.53
C HIS D 24 4.09 24.31 50.20
N PHE D 25 5.12 23.98 49.43
CA PHE D 25 5.38 22.60 49.06
C PHE D 25 5.65 21.77 50.33
N ARG D 26 4.94 20.65 50.46
CA ARG D 26 5.07 19.77 51.62
C ARG D 26 6.20 18.76 51.48
N GLY D 27 7.43 19.24 51.62
CA GLY D 27 8.59 18.37 51.51
C GLY D 27 9.84 19.22 51.51
N ASP D 28 11.01 18.60 51.53
CA ASP D 28 12.24 19.38 51.53
C ASP D 28 12.66 19.80 50.12
N ASN D 29 13.60 20.72 50.06
CA ASN D 29 14.08 21.24 48.79
C ASN D 29 14.46 20.15 47.80
N GLU D 30 15.07 19.08 48.28
CA GLU D 30 15.49 17.98 47.42
C GLU D 30 14.31 17.31 46.71
N GLU D 31 13.17 17.22 47.39
CA GLU D 31 12.00 16.59 46.80
C GLU D 31 11.39 17.50 45.72
N GLN D 32 11.31 18.79 46.01
CA GLN D 32 10.76 19.75 45.05
C GLN D 32 11.66 19.82 43.82
N GLU D 33 12.97 19.81 44.04
CA GLU D 33 13.90 19.85 42.91
C GLU D 33 13.74 18.59 42.09
N LYS D 34 13.50 17.48 42.78
CA LYS D 34 13.33 16.20 42.10
C LYS D 34 12.16 16.29 41.12
N LEU D 35 11.08 16.93 41.55
CA LEU D 35 9.90 17.10 40.71
C LEU D 35 10.14 18.09 39.58
N LEU D 36 10.71 19.25 39.90
CA LEU D 36 10.99 20.27 38.90
C LEU D 36 11.77 19.74 37.70
N LYS D 37 12.70 18.83 37.96
CA LYS D 37 13.54 18.25 36.90
C LYS D 37 12.91 17.20 35.98
N LYS D 38 11.68 16.79 36.27
CA LYS D 38 10.98 15.81 35.43
C LYS D 38 9.65 16.39 34.95
N SER D 39 9.29 17.53 35.52
CA SER D 39 8.02 18.22 35.23
C SER D 39 7.76 18.55 33.77
N CYS D 40 6.47 18.64 33.43
CA CYS D 40 6.03 18.99 32.09
C CYS D 40 5.15 20.23 32.25
N THR D 41 5.19 20.80 33.45
CA THR D 41 4.39 21.97 33.76
C THR D 41 5.21 23.23 33.98
N LEU D 42 4.77 24.31 33.34
CA LEU D 42 5.45 25.58 33.46
C LEU D 42 4.56 26.61 34.15
N TYR D 43 5.20 27.53 34.83
CA TYR D 43 4.51 28.63 35.48
C TYR D 43 4.78 29.78 34.50
N VAL D 44 3.75 30.55 34.16
CA VAL D 44 3.91 31.67 33.25
C VAL D 44 3.60 32.95 34.02
N GLY D 45 4.55 33.87 34.02
CA GLY D 45 4.34 35.10 34.76
C GLY D 45 4.33 36.37 33.94
N ASN D 46 3.85 37.43 34.58
CA ASN D 46 3.73 38.77 34.04
C ASN D 46 2.68 38.91 32.94
N LEU D 47 1.61 38.12 33.04
CA LEU D 47 0.56 38.20 32.06
C LEU D 47 -0.31 39.42 32.37
N SER D 48 -1.01 39.89 31.35
CA SER D 48 -1.95 41.00 31.52
C SER D 48 -3.20 40.35 32.12
N PHE D 49 -3.97 41.11 32.89
CA PHE D 49 -5.20 40.57 33.48
C PHE D 49 -6.26 40.36 32.39
N TYR D 50 -5.98 40.84 31.19
CA TYR D 50 -6.91 40.71 30.08
C TYR D 50 -6.53 39.60 29.11
N THR D 51 -5.37 38.99 29.32
CA THR D 51 -4.93 37.91 28.45
C THR D 51 -5.79 36.68 28.70
N THR D 52 -6.31 36.10 27.62
CA THR D 52 -7.18 34.95 27.69
C THR D 52 -6.49 33.62 27.48
N GLU D 53 -7.15 32.57 27.95
CA GLU D 53 -6.65 31.20 27.83
C GLU D 53 -6.41 30.85 26.35
N GLU D 54 -7.27 31.38 25.47
CA GLU D 54 -7.15 31.13 24.04
C GLU D 54 -5.81 31.66 23.50
N GLN D 55 -5.44 32.86 23.92
CA GLN D 55 -4.19 33.46 23.47
C GLN D 55 -3.00 32.65 23.97
N ILE D 56 -3.05 32.23 25.23
CA ILE D 56 -1.96 31.46 25.80
C ILE D 56 -1.81 30.13 25.05
N TYR D 57 -2.95 29.60 24.58
CA TYR D 57 -2.97 28.35 23.82
C TYR D 57 -2.28 28.55 22.48
N GLU D 58 -2.59 29.66 21.82
CA GLU D 58 -2.01 29.96 20.52
C GLU D 58 -0.50 30.08 20.63
N LEU D 59 -0.03 30.84 21.61
CA LEU D 59 1.40 31.06 21.78
C LEU D 59 2.17 29.82 22.24
N PHE D 60 1.74 29.21 23.34
CA PHE D 60 2.46 28.06 23.85
C PHE D 60 2.34 26.78 23.01
N SER D 61 1.36 26.70 22.13
CA SER D 61 1.22 25.51 21.29
C SER D 61 2.36 25.47 20.26
N LYS D 62 3.06 26.58 20.11
CA LYS D 62 4.17 26.64 19.15
C LYS D 62 5.34 25.77 19.57
N SER D 63 5.35 25.29 20.82
CA SER D 63 6.45 24.43 21.25
C SER D 63 6.03 22.97 21.37
N GLY D 64 4.73 22.72 21.27
CA GLY D 64 4.21 21.37 21.37
C GLY D 64 2.75 21.35 21.83
N ASP D 65 2.14 20.17 21.84
CA ASP D 65 0.75 20.07 22.22
C ASP D 65 0.50 20.34 23.70
N ILE D 66 -0.46 21.21 23.97
CA ILE D 66 -0.80 21.56 25.32
C ILE D 66 -1.88 20.64 25.87
N LYS D 67 -1.66 20.12 27.07
CA LYS D 67 -2.62 19.22 27.70
C LYS D 67 -3.64 20.00 28.50
N LYS D 68 -3.18 21.02 29.22
CA LYS D 68 -4.07 21.79 30.06
C LYS D 68 -3.50 23.17 30.43
N ILE D 69 -4.38 24.16 30.50
CA ILE D 69 -3.99 25.52 30.89
C ILE D 69 -4.83 25.90 32.11
N ILE D 70 -4.16 26.29 33.20
CA ILE D 70 -4.87 26.69 34.40
C ILE D 70 -4.62 28.17 34.69
N MET D 71 -5.67 28.97 34.62
CA MET D 71 -5.56 30.40 34.85
C MET D 71 -5.40 30.79 36.33
N GLY D 72 -4.49 31.74 36.58
CA GLY D 72 -4.27 32.22 37.93
C GLY D 72 -5.37 33.19 38.30
N LEU D 73 -6.00 32.98 39.45
CA LEU D 73 -7.11 33.82 39.86
C LEU D 73 -6.94 34.53 41.20
N ASP D 74 -7.65 35.63 41.35
CA ASP D 74 -7.67 36.40 42.59
C ASP D 74 -8.38 35.48 43.58
N LYS D 75 -7.78 35.20 44.73
CA LYS D 75 -8.38 34.30 45.72
C LYS D 75 -9.72 34.79 46.23
N MET D 76 -10.00 36.08 46.08
CA MET D 76 -11.26 36.65 46.53
C MET D 76 -12.27 36.83 45.39
N LYS D 77 -11.91 37.67 44.43
CA LYS D 77 -12.78 37.97 43.29
C LYS D 77 -12.88 36.86 42.24
N LYS D 78 -11.95 35.90 42.31
CA LYS D 78 -11.93 34.79 41.36
C LYS D 78 -11.70 35.25 39.92
N THR D 79 -11.08 36.41 39.73
CA THR D 79 -10.82 36.93 38.39
C THR D 79 -9.34 36.76 38.04
N ALA D 80 -9.04 36.67 36.74
CA ALA D 80 -7.67 36.50 36.29
C ALA D 80 -6.76 37.54 36.95
N CYS D 81 -5.68 37.08 37.58
CA CYS D 81 -4.78 37.99 38.25
C CYS D 81 -3.30 37.99 37.81
N GLY D 82 -3.05 37.74 36.53
CA GLY D 82 -1.69 37.80 36.02
C GLY D 82 -0.74 36.61 35.88
N PHE D 83 -1.23 35.39 35.93
CA PHE D 83 -0.35 34.23 35.79
C PHE D 83 -1.15 32.97 35.48
N CYS D 84 -0.46 31.92 35.07
CA CYS D 84 -1.11 30.66 34.76
C CYS D 84 -0.11 29.51 34.75
N PHE D 85 -0.61 28.30 34.60
CA PHE D 85 0.22 27.11 34.53
C PHE D 85 -0.08 26.44 33.20
N VAL D 86 0.95 26.04 32.48
CA VAL D 86 0.77 25.37 31.19
C VAL D 86 1.36 23.97 31.29
N GLU D 87 0.51 22.96 31.10
CA GLU D 87 0.97 21.58 31.16
C GLU D 87 1.07 20.96 29.77
N TYR D 88 2.26 20.46 29.45
CA TYR D 88 2.51 19.82 28.16
C TYR D 88 2.43 18.32 28.34
N TYR D 89 2.38 17.59 27.24
CA TYR D 89 2.32 16.14 27.30
C TYR D 89 3.71 15.53 27.46
N SER D 90 4.72 16.18 26.90
CA SER D 90 6.09 15.69 26.99
C SER D 90 7.06 16.76 27.50
N ARG D 91 8.03 16.31 28.30
CA ARG D 91 9.06 17.17 28.87
C ARG D 91 9.74 18.01 27.79
N ALA D 92 10.00 17.39 26.65
CA ALA D 92 10.68 18.04 25.54
C ALA D 92 9.95 19.30 25.05
N ASP D 93 8.62 19.22 24.95
CA ASP D 93 7.87 20.38 24.47
C ASP D 93 7.96 21.51 25.48
N ALA D 94 7.89 21.18 26.76
CA ALA D 94 8.00 22.17 27.83
C ALA D 94 9.38 22.83 27.75
N GLU D 95 10.40 22.01 27.47
CA GLU D 95 11.77 22.50 27.36
C GLU D 95 11.92 23.53 26.25
N ASN D 96 11.29 23.27 25.11
CA ASN D 96 11.36 24.21 24.00
C ASN D 96 10.64 25.52 24.29
N ALA D 97 9.63 25.48 25.15
CA ALA D 97 8.90 26.69 25.52
C ALA D 97 9.81 27.53 26.40
N MET D 98 10.53 26.86 27.29
CA MET D 98 11.49 27.51 28.19
C MET D 98 12.63 28.12 27.36
N ARG D 99 12.92 27.52 26.21
CA ARG D 99 13.99 28.02 25.35
C ARG D 99 13.59 29.16 24.43
N TYR D 100 12.40 29.07 23.84
CA TYR D 100 11.99 30.07 22.86
C TYR D 100 10.78 30.96 23.11
N ILE D 101 9.93 30.59 24.04
CA ILE D 101 8.76 31.39 24.32
C ILE D 101 9.05 32.29 25.50
N ASN D 102 9.72 31.73 26.49
CA ASN D 102 10.12 32.46 27.68
C ASN D 102 10.83 33.75 27.29
N GLY D 103 10.43 34.86 27.89
CA GLY D 103 11.08 36.12 27.61
C GLY D 103 10.67 36.83 26.34
N THR D 104 9.57 36.43 25.73
CA THR D 104 9.10 37.09 24.52
C THR D 104 7.72 37.67 24.83
N ARG D 105 7.07 38.28 23.84
CA ARG D 105 5.79 38.93 24.08
C ARG D 105 4.48 38.17 23.89
N LEU D 106 3.52 38.56 24.74
CA LEU D 106 2.17 38.01 24.76
C LEU D 106 1.33 39.18 25.25
N ASP D 107 0.53 39.74 24.34
CA ASP D 107 -0.31 40.89 24.63
C ASP D 107 0.58 42.10 24.91
N ASP D 108 1.71 42.16 24.20
CA ASP D 108 2.64 43.26 24.32
C ASP D 108 3.52 43.24 25.57
N ARG D 109 3.37 42.21 26.41
CA ARG D 109 4.16 42.13 27.63
C ARG D 109 5.18 41.00 27.56
N ILE D 110 6.35 41.24 28.13
CA ILE D 110 7.41 40.24 28.18
C ILE D 110 7.03 39.26 29.28
N ILE D 111 6.68 38.03 28.90
CA ILE D 111 6.29 37.05 29.90
C ILE D 111 7.49 36.24 30.37
N ARG D 112 7.35 35.60 31.53
CA ARG D 112 8.43 34.81 32.11
C ARG D 112 7.94 33.40 32.45
N THR D 113 8.68 32.39 32.01
CA THR D 113 8.30 31.00 32.31
C THR D 113 9.26 30.39 33.30
N ASP D 114 8.77 29.42 34.07
CA ASP D 114 9.59 28.75 35.07
C ASP D 114 9.08 27.35 35.31
N TRP D 115 9.99 26.41 35.56
CA TRP D 115 9.57 25.04 35.81
C TRP D 115 8.70 25.01 37.06
N ASP D 116 7.73 24.11 37.08
CA ASP D 116 6.85 24.01 38.23
C ASP D 116 6.71 22.57 38.68
N ALA D 117 6.68 22.36 39.99
CA ALA D 117 6.59 21.00 40.56
C ALA D 117 5.30 20.28 40.22
N GLY D 118 4.31 21.00 39.71
CA GLY D 118 3.05 20.37 39.37
C GLY D 118 1.86 21.00 40.06
N PHE D 119 0.73 21.03 39.36
CA PHE D 119 -0.48 21.62 39.92
C PHE D 119 -1.10 20.81 41.05
N LYS D 120 -1.78 21.53 41.94
CA LYS D 120 -2.48 20.96 43.10
C LYS D 120 -3.54 22.00 43.46
N GLU D 121 -4.70 21.54 43.91
CA GLU D 121 -5.77 22.47 44.27
C GLU D 121 -5.28 23.56 45.20
N GLY D 122 -5.60 24.81 44.87
CA GLY D 122 -5.19 25.93 45.71
C GLY D 122 -4.03 26.72 45.13
N ARG D 123 -3.32 26.11 44.18
CA ARG D 123 -2.18 26.76 43.55
C ARG D 123 -2.56 27.79 42.50
N GLN D 124 -3.80 27.75 42.02
CA GLN D 124 -4.24 28.71 41.00
C GLN D 124 -4.59 30.08 41.59
N TYR D 125 -4.48 30.20 42.91
CA TYR D 125 -4.85 31.45 43.56
C TYR D 125 -3.68 32.31 43.99
N GLY D 126 -3.85 33.63 43.86
CA GLY D 126 -2.80 34.53 44.28
C GLY D 126 -2.65 34.41 45.79
N ARG D 127 -1.42 34.52 46.28
CA ARG D 127 -1.18 34.42 47.71
C ARG D 127 -0.96 35.78 48.38
N GLY D 128 -1.37 36.85 47.69
CA GLY D 128 -1.21 38.18 48.24
C GLY D 128 -2.32 38.52 49.24
N ARG D 129 -2.02 39.42 50.17
CA ARG D 129 -2.98 39.84 51.19
C ARG D 129 -4.33 40.24 50.59
N SER D 130 -4.29 41.00 49.49
CA SER D 130 -5.50 41.46 48.82
C SER D 130 -6.23 40.39 48.02
N GLY D 131 -5.52 39.33 47.64
CA GLY D 131 -6.14 38.28 46.85
C GLY D 131 -5.42 38.02 45.54
N GLY D 132 -4.66 39.01 45.07
CA GLY D 132 -3.93 38.85 43.83
C GLY D 132 -2.56 38.25 44.13
N GLN D 133 -1.63 38.40 43.19
CA GLN D 133 -0.29 37.88 43.37
C GLN D 133 0.48 38.73 44.35
N VAL D 134 1.44 38.11 45.04
CA VAL D 134 2.27 38.81 46.01
C VAL D 134 2.98 40.01 45.36
N ARG D 135 3.44 39.84 44.12
CA ARG D 135 4.15 40.89 43.40
C ARG D 135 3.37 42.20 43.30
N ASP D 136 2.08 42.09 43.04
CA ASP D 136 1.25 43.27 42.88
C ASP D 136 0.90 43.93 44.20
N GLU D 137 1.28 43.29 45.30
CA GLU D 137 1.03 43.79 46.63
C GLU D 137 2.01 44.88 47.01
N TYR D 138 3.23 44.81 46.46
CA TYR D 138 4.29 45.77 46.75
C TYR D 138 4.63 46.77 45.63
N ARG D 139 4.07 46.58 44.43
CA ARG D 139 4.35 47.48 43.31
C ARG D 139 4.09 48.93 43.70
N GLN D 140 4.83 49.86 43.09
CA GLN D 140 4.65 51.28 43.35
C GLN D 140 4.42 52.01 42.03
N ASP D 141 4.31 51.23 40.95
CA ASP D 141 4.12 51.76 39.61
C ASP D 141 2.66 51.67 39.17
N TYR D 142 2.35 52.27 38.01
CA TYR D 142 1.00 52.21 37.44
C TYR D 142 1.06 51.26 36.26
N ASP D 143 0.37 50.13 36.38
CA ASP D 143 0.37 49.12 35.33
C ASP D 143 -1.06 48.76 34.93
N ALA D 144 -1.58 49.41 33.90
CA ALA D 144 -2.95 49.17 33.44
C ALA D 144 -3.29 47.70 33.20
N GLY D 145 -2.43 47.00 32.45
CA GLY D 145 -2.69 45.60 32.16
C GLY D 145 -2.48 44.71 33.36
N ARG D 146 -2.21 45.31 34.50
CA ARG D 146 -1.96 44.56 35.72
C ARG D 146 -2.82 45.09 36.87
N GLY D 147 -3.93 45.73 36.53
CA GLY D 147 -4.84 46.25 37.54
C GLY D 147 -4.66 47.70 37.94
N GLY D 148 -3.70 48.40 37.34
CA GLY D 148 -3.46 49.79 37.69
C GLY D 148 -2.38 49.93 38.75
N TYR D 149 -2.73 50.52 39.89
CA TYR D 149 -1.78 50.73 40.97
C TYR D 149 -1.63 49.51 41.87
N GLY D 150 -0.54 49.46 42.63
CA GLY D 150 -0.31 48.36 43.54
C GLY D 150 -1.15 48.48 44.80
N LYS D 151 -0.65 47.94 45.91
CA LYS D 151 -1.38 48.00 47.18
C LYS D 151 -0.45 48.17 48.37
PB GDP E . -0.41 2.33 -34.29
O1B GDP E . -1.10 1.28 -33.44
O2B GDP E . -0.83 2.52 -35.72
O3B GDP E . 1.19 2.09 -34.24
O3A GDP E . -0.43 3.75 -33.53
PA GDP E . -1.38 4.40 -32.40
O1A GDP E . -0.58 4.57 -31.14
O2A GDP E . -2.68 3.65 -32.37
O5' GDP E . -1.68 5.84 -33.01
C5' GDP E . -2.32 5.99 -34.29
C4' GDP E . -2.81 7.40 -34.50
O4' GDP E . -3.90 7.67 -33.56
C3' GDP E . -1.77 8.50 -34.30
O3' GDP E . -1.94 9.53 -35.27
C2' GDP E . -2.10 9.05 -32.90
O2' GDP E . -1.77 10.42 -32.76
C1' GDP E . -3.62 8.85 -32.84
N9 GDP E . -4.16 8.73 -31.49
C8 GDP E . -3.48 8.45 -30.33
N7 GDP E . -4.23 8.47 -29.27
C5 GDP E . -5.51 8.76 -29.75
C6 GDP E . -6.75 8.92 -29.06
O6 GDP E . -6.97 8.85 -27.85
N1 GDP E . -7.78 9.20 -29.94
C2 GDP E . -7.66 9.31 -31.31
N2 GDP E . -8.79 9.57 -31.99
N3 GDP E . -6.51 9.18 -31.96
C4 GDP E . -5.48 8.90 -31.12
P 7MG F . 2.13 1.05 -33.46
OP1 7MG F . 1.65 0.89 -32.04
OP2 7MG F . 3.58 1.41 -33.72
O5' 7MG F . 1.75 -0.26 -34.30
C5' 7MG F . 2.50 -1.48 -34.18
C4' 7MG F . 1.56 -2.66 -34.33
O4' 7MG F . 0.76 -2.80 -33.13
C3' 7MG F . 0.58 -2.55 -35.49
O3' 7MG F . 0.36 -3.83 -36.07
C2' 7MG F . -0.70 -2.06 -34.81
O2' 7MG F . -1.88 -2.42 -35.49
C1' 7MG F . -0.60 -2.75 -33.46
N9 7MG F . -1.32 -2.08 -32.37
C8 7MG F . -0.90 -0.99 -31.65
N7 7MG F . -1.79 -0.63 -30.68
C5 7MG F . -2.82 -1.55 -30.84
C6 7MG F . -4.04 -1.68 -30.12
O6 7MG F . -4.44 -1.00 -29.18
N1 7MG F . -4.80 -2.75 -30.59
C2 7MG F . -4.45 -3.58 -31.62
N2 7MG F . -5.31 -4.56 -31.93
N3 7MG F . -3.32 -3.45 -32.32
C4 7MG F . -2.56 -2.43 -31.87
CM7 7MG F . -1.64 0.43 -29.69
PB GDP G . 4.37 33.39 45.76
O1B GDP G . 4.90 32.79 44.48
O2B GDP G . 3.98 32.48 46.90
O3B GDP G . 3.09 34.30 45.40
O3A GDP G . 5.42 34.45 46.32
PA GDP G . 6.68 35.24 45.68
O1A GDP G . 6.21 36.33 44.76
O2A GDP G . 7.70 34.23 45.21
O5' GDP G . 7.24 35.89 47.02
C5' GDP G . 7.24 37.30 47.23
C4' GDP G . 8.65 37.82 47.12
O4' GDP G . 8.65 39.25 47.41
C3' GDP G . 9.66 37.18 48.08
O3' GDP G . 10.92 37.02 47.44
C2' GDP G . 9.77 38.22 49.20
O2' GDP G . 11.04 38.20 49.85
C1' GDP G . 9.56 39.53 48.45
N9 GDP G . 9.01 40.61 49.25
C8 GDP G . 8.43 40.54 50.49
N7 GDP G . 8.07 41.69 50.97
C5 GDP G . 8.44 42.59 49.98
C6 GDP G . 8.32 44.00 49.93
O6 GDP G . 7.85 44.76 50.79
N1 GDP G . 8.82 44.52 48.73
C2 GDP G . 9.37 43.78 47.72
N2 GDP G . 9.80 44.46 46.64
N3 GDP G . 9.50 42.47 47.76
C4 GDP G . 9.02 41.94 48.91
P 7MG H . 2.03 34.27 44.19
OP1 7MG H . 2.74 34.67 42.92
OP2 7MG H . 0.81 35.06 44.64
O5' 7MG H . 1.60 32.73 44.09
C5' 7MG H . 0.51 32.32 43.24
C4' 7MG H . 0.82 31.00 42.60
O4' 7MG H . 1.86 31.18 41.59
C3' 7MG H . 1.34 29.93 43.56
O3' 7MG H . 0.84 28.65 43.20
C2' 7MG H . 2.85 29.98 43.36
O2' 7MG H . 3.47 28.74 43.65
C1' 7MG H . 2.95 30.33 41.87
N9 7MG H . 4.19 31.02 41.50
C8 7MG H . 4.47 32.35 41.69
N7 7MG H . 5.72 32.69 41.22
C5 7MG H . 6.20 31.48 40.72
C6 7MG H . 7.45 31.18 40.09
O6 7MG H . 8.40 31.95 39.86
N1 7MG H . 7.54 29.84 39.73
C2 7MG H . 6.56 28.90 39.94
N2 7MG H . 6.83 27.65 39.55
N3 7MG H . 5.40 29.17 40.52
C4 7MG H . 5.29 30.46 40.88
CM7 7MG H . 6.35 33.98 41.25
#